data_3ACZ
#
_entry.id   3ACZ
#
_cell.length_a   99.285
_cell.length_b   85.336
_cell.length_c   114.620
_cell.angle_alpha   90.000
_cell.angle_beta   101.960
_cell.angle_gamma   90.000
#
_symmetry.space_group_name_H-M   'P 1 21 1'
#
loop_
_entity.id
_entity.type
_entity.pdbx_description
1 polymer 'Methionine gamma-lyase'
2 non-polymer 'SULFATE ION'
3 non-polymer GLYCEROL
4 water water
#
_entity_poly.entity_id   1
_entity_poly.type   'polypeptide(L)'
_entity_poly.pdbx_seq_one_letter_code
;MTAQDITTTLLHPKGDHVLHSHAYPIFQTSTFCFDSTQQGADLFMGKGEGHIYSRLGNPTVEQFEEMVCSIEGAAGSAAF
GSGMGAISSSTLAFLQKGDHLIAGDTLYGCTVSLFTHWLPRFGIEVDLIDTSDVEKVKAAWKPNTKMVYLESPANPTCKV
SDIKGIAVVCHERGARLVVDATFTSPCFLKPLELGADIALHSVS(LLP)YINGHGDVIGGVSSAKTAEDIATIKFYRKDA
GSLMAPMDAFLCARGMKTLPIRMQIHMENGLKVAKFLEQHEKIVKVNHPGLESFPGHDIAKKQMTGYGSTFLFEMKSFEA
AKKLMEHLKVCTLAVSLGCVDTLIEHPASMTHAAVPENIMRKQGITPELVRISVGIENVDDIIADLKQALELW
;
_entity_poly.pdbx_strand_id   A,B,C,D
#
loop_
_chem_comp.id
_chem_comp.type
_chem_comp.name
_chem_comp.formula
GOL non-polymer GLYCEROL 'C3 H8 O3'
SO4 non-polymer 'SULFATE ION' 'O4 S -2'
#
# COMPACT_ATOMS: atom_id res chain seq x y z
N ALA A 3 9.72 26.47 -24.63
CA ALA A 3 8.96 25.24 -24.21
C ALA A 3 9.06 24.94 -22.70
N GLN A 4 8.00 24.36 -22.15
CA GLN A 4 7.93 24.13 -20.71
C GLN A 4 8.95 23.06 -20.31
N ASP A 5 9.56 23.23 -19.14
CA ASP A 5 10.60 22.35 -18.68
C ASP A 5 10.09 20.95 -18.31
N ILE A 6 10.92 19.92 -18.51
CA ILE A 6 10.51 18.57 -18.12
C ILE A 6 10.14 18.46 -16.63
N THR A 7 10.79 19.23 -15.76
CA THR A 7 10.41 19.19 -14.33
C THR A 7 8.93 19.52 -14.18
N THR A 8 8.52 20.58 -14.86
CA THR A 8 7.15 21.03 -14.84
C THR A 8 6.16 20.02 -15.47
N THR A 9 6.51 19.48 -16.63
CA THR A 9 5.68 18.44 -17.34
C THR A 9 5.37 17.21 -16.46
N LEU A 10 6.39 16.69 -15.80
CA LEU A 10 6.22 15.51 -14.93
C LEU A 10 5.36 15.79 -13.70
N LEU A 11 5.38 17.05 -13.24
CA LEU A 11 4.58 17.47 -12.08
C LEU A 11 3.13 17.83 -12.48
N HIS A 12 2.90 17.98 -13.78
CA HIS A 12 1.56 18.31 -14.33
C HIS A 12 1.14 17.40 -15.50
N PRO A 13 0.95 16.10 -15.22
CA PRO A 13 0.60 15.18 -16.31
C PRO A 13 -0.79 15.45 -16.83
N LYS A 14 -1.00 15.27 -18.13
CA LYS A 14 -2.31 15.41 -18.73
C LYS A 14 -3.33 14.44 -18.09
N GLY A 15 -4.58 14.83 -18.05
CA GLY A 15 -5.63 13.92 -17.52
C GLY A 15 -6.49 14.67 -16.52
N ASP A 16 -7.74 14.23 -16.36
CA ASP A 16 -8.61 14.84 -15.37
C ASP A 16 -8.29 14.26 -14.03
N HIS A 17 -8.51 15.05 -12.98
CA HIS A 17 -8.46 14.51 -11.63
C HIS A 17 -9.64 13.56 -11.42
N VAL A 18 -9.46 12.59 -10.52
CA VAL A 18 -10.49 11.66 -10.14
C VAL A 18 -11.10 12.09 -8.81
N LEU A 19 -12.42 12.34 -8.83
CA LEU A 19 -13.19 12.87 -7.68
C LEU A 19 -12.48 14.07 -7.03
N HIS A 20 -11.86 14.91 -7.88
CA HIS A 20 -11.13 16.11 -7.49
C HIS A 20 -9.88 15.84 -6.65
N SER A 21 -9.46 14.58 -6.59
CA SER A 21 -8.27 14.25 -5.83
C SER A 21 -7.04 14.92 -6.44
N HIS A 22 -6.22 15.51 -5.58
CA HIS A 22 -4.97 16.11 -6.02
C HIS A 22 -3.98 15.00 -6.41
N ALA A 23 -3.70 14.06 -5.50
CA ALA A 23 -2.89 12.90 -5.91
C ALA A 23 -3.78 11.94 -6.74
N TYR A 24 -3.19 11.27 -7.72
CA TYR A 24 -3.94 10.36 -8.55
C TYR A 24 -4.20 9.06 -7.72
N PRO A 25 -5.47 8.64 -7.57
CA PRO A 25 -5.77 7.49 -6.72
C PRO A 25 -5.11 6.17 -7.16
N ILE A 26 -5.03 5.23 -6.23
CA ILE A 26 -4.51 3.90 -6.50
C ILE A 26 -5.73 3.04 -6.81
N PHE A 27 -5.80 2.58 -8.07
CA PHE A 27 -6.93 1.76 -8.47
C PHE A 27 -6.58 0.30 -8.23
N GLN A 28 -6.63 -0.08 -6.95
CA GLN A 28 -6.40 -1.46 -6.51
C GLN A 28 -7.67 -2.27 -6.82
N THR A 29 -7.83 -2.62 -8.09
CA THR A 29 -9.01 -3.32 -8.53
C THR A 29 -8.60 -4.31 -9.59
N SER A 30 -9.37 -5.39 -9.71
CA SER A 30 -9.08 -6.32 -10.78
C SER A 30 -9.99 -5.94 -11.97
N THR A 31 -11.28 -5.70 -11.71
CA THR A 31 -12.24 -5.43 -12.82
C THR A 31 -13.00 -4.08 -12.74
N PHE A 32 -13.77 -3.78 -13.78
CA PHE A 32 -14.52 -2.51 -13.91
C PHE A 32 -15.96 -2.84 -14.29
N CYS A 33 -16.92 -2.00 -13.90
CA CYS A 33 -18.33 -2.24 -14.15
CA CYS A 33 -18.32 -2.26 -14.16
C CYS A 33 -18.79 -1.62 -15.46
N PHE A 34 -19.74 -2.27 -16.12
CA PHE A 34 -20.28 -1.77 -17.36
C PHE A 34 -21.65 -1.14 -17.09
N ASP A 35 -21.93 -0.03 -17.77
CA ASP A 35 -23.28 0.57 -17.71
C ASP A 35 -24.38 -0.29 -18.37
N SER A 36 -24.00 -1.11 -19.35
CA SER A 36 -24.96 -1.84 -20.20
C SER A 36 -24.20 -2.87 -21.01
N THR A 37 -24.92 -3.82 -21.62
CA THR A 37 -24.28 -4.84 -22.46
C THR A 37 -23.52 -4.19 -23.63
N GLN A 38 -24.17 -3.21 -24.27
CA GLN A 38 -23.61 -2.47 -25.40
C GLN A 38 -22.33 -1.68 -25.06
N GLN A 39 -22.36 -0.99 -23.93
CA GLN A 39 -21.19 -0.23 -23.50
C GLN A 39 -19.99 -1.16 -23.30
N GLY A 40 -20.23 -2.32 -22.69
CA GLY A 40 -19.20 -3.36 -22.52
C GLY A 40 -18.69 -3.96 -23.82
N ALA A 41 -19.63 -4.31 -24.71
CA ALA A 41 -19.28 -4.84 -26.02
C ALA A 41 -18.44 -3.84 -26.81
N ASP A 42 -18.84 -2.56 -26.77
CA ASP A 42 -18.11 -1.50 -27.44
C ASP A 42 -16.67 -1.38 -26.93
N LEU A 43 -16.47 -1.38 -25.62
CA LEU A 43 -15.11 -1.29 -25.04
C LEU A 43 -14.27 -2.48 -25.50
N PHE A 44 -14.86 -3.67 -25.54
CA PHE A 44 -14.17 -4.84 -26.11
C PHE A 44 -13.78 -4.70 -27.60
N MET A 45 -14.55 -3.90 -28.36
CA MET A 45 -14.27 -3.59 -29.77
CA MET A 45 -14.21 -3.62 -29.75
C MET A 45 -13.38 -2.34 -29.91
N GLY A 46 -12.93 -1.78 -28.79
CA GLY A 46 -12.10 -0.57 -28.80
C GLY A 46 -12.89 0.68 -29.12
N LYS A 47 -14.20 0.61 -28.96
CA LYS A 47 -15.09 1.73 -29.22
C LYS A 47 -15.48 2.41 -27.89
N GLY A 48 -15.34 3.73 -27.86
CA GLY A 48 -15.67 4.53 -26.68
C GLY A 48 -14.52 4.64 -25.69
N GLU A 49 -14.79 5.31 -24.57
CA GLU A 49 -13.79 5.57 -23.54
C GLU A 49 -14.16 4.83 -22.25
N GLY A 50 -13.15 4.31 -21.56
CA GLY A 50 -13.39 3.50 -20.37
C GLY A 50 -12.45 2.33 -20.18
N HIS A 51 -12.69 1.56 -19.12
CA HIS A 51 -11.83 0.45 -18.72
C HIS A 51 -12.64 -0.84 -18.61
N ILE A 52 -11.94 -1.97 -18.65
CA ILE A 52 -12.57 -3.29 -18.63
C ILE A 52 -12.00 -4.14 -17.49
N TYR A 53 -10.67 -4.21 -17.37
CA TYR A 53 -10.01 -5.20 -16.52
C TYR A 53 -8.54 -4.78 -16.44
N SER A 54 -7.93 -4.81 -15.25
CA SER A 54 -6.63 -4.17 -15.04
C SER A 54 -5.49 -4.67 -15.94
N ARG A 55 -5.53 -5.97 -16.28
CA ARG A 55 -4.54 -6.49 -17.25
C ARG A 55 -4.58 -5.73 -18.59
N LEU A 56 -5.79 -5.40 -19.07
CA LEU A 56 -5.91 -4.64 -20.32
C LEU A 56 -5.58 -3.17 -20.09
N GLY A 57 -5.99 -2.63 -18.95
CA GLY A 57 -5.63 -1.24 -18.64
C GLY A 57 -6.09 -0.83 -17.26
N ASN A 58 -5.17 -0.27 -16.48
CA ASN A 58 -5.49 0.21 -15.14
C ASN A 58 -5.23 1.73 -15.08
N PRO A 59 -6.20 2.51 -14.52
CA PRO A 59 -5.99 3.97 -14.56
C PRO A 59 -4.67 4.46 -13.91
N THR A 60 -4.28 3.87 -12.78
CA THR A 60 -3.05 4.33 -12.08
C THR A 60 -1.82 4.00 -12.90
N VAL A 61 -1.82 2.83 -13.53
CA VAL A 61 -0.72 2.40 -14.37
C VAL A 61 -0.65 3.27 -15.65
N GLU A 62 -1.81 3.53 -16.25
CA GLU A 62 -1.90 4.42 -17.43
C GLU A 62 -1.34 5.83 -17.18
N GLN A 63 -1.59 6.39 -15.99
CA GLN A 63 -1.01 7.65 -15.55
C GLN A 63 0.51 7.65 -15.60
N PHE A 64 1.11 6.58 -15.06
CA PHE A 64 2.55 6.44 -15.10
C PHE A 64 3.02 6.26 -16.55
N GLU A 65 2.30 5.47 -17.34
CA GLU A 65 2.66 5.31 -18.75
C GLU A 65 2.68 6.66 -19.47
N GLU A 66 1.65 7.47 -19.22
CA GLU A 66 1.60 8.83 -19.81
C GLU A 66 2.81 9.70 -19.42
N MET A 67 3.27 9.59 -18.18
CA MET A 67 4.42 10.42 -17.77
C MET A 67 5.68 10.02 -18.57
N VAL A 68 5.90 8.70 -18.70
CA VAL A 68 7.07 8.22 -19.45
C VAL A 68 6.95 8.60 -20.92
N CYS A 69 5.75 8.43 -21.47
CA CYS A 69 5.53 8.74 -22.86
C CYS A 69 5.86 10.21 -23.15
N SER A 70 5.55 11.09 -22.20
CA SER A 70 5.76 12.53 -22.36
C SER A 70 7.25 12.85 -22.35
N ILE A 71 8.05 12.15 -21.55
CA ILE A 71 9.48 12.47 -21.55
C ILE A 71 10.22 11.81 -22.74
N GLU A 72 9.75 10.64 -23.17
CA GLU A 72 10.36 9.94 -24.33
C GLU A 72 10.02 10.58 -25.66
N GLY A 73 8.92 11.32 -25.73
CA GLY A 73 8.43 11.86 -27.02
C GLY A 73 7.87 10.72 -27.87
N ALA A 74 7.21 9.75 -27.24
CA ALA A 74 6.72 8.55 -27.95
C ALA A 74 5.26 8.63 -28.40
N ALA A 75 4.81 7.63 -29.15
CA ALA A 75 3.38 7.50 -29.52
C ALA A 75 2.62 6.88 -28.34
N GLY A 76 3.31 6.06 -27.53
CA GLY A 76 2.66 5.45 -26.37
C GLY A 76 3.69 4.73 -25.54
N SER A 77 3.35 4.46 -24.28
CA SER A 77 4.23 3.68 -23.41
C SER A 77 3.46 2.54 -22.74
N ALA A 78 4.16 1.47 -22.42
CA ALA A 78 3.57 0.33 -21.71
C ALA A 78 4.44 0.04 -20.48
N ALA A 79 3.80 -0.06 -19.31
CA ALA A 79 4.48 -0.44 -18.05
C ALA A 79 4.41 -1.94 -17.81
N PHE A 80 5.43 -2.49 -17.13
CA PHE A 80 5.57 -3.94 -16.88
C PHE A 80 5.97 -4.19 -15.43
N GLY A 81 5.86 -5.46 -15.03
CA GLY A 81 6.23 -5.91 -13.70
C GLY A 81 7.74 -5.82 -13.50
N SER A 82 8.51 -5.61 -14.56
CA SER A 82 9.97 -5.54 -14.41
C SER A 82 10.58 -5.08 -15.72
N GLY A 83 11.83 -4.60 -15.66
CA GLY A 83 12.62 -4.27 -16.85
C GLY A 83 12.62 -5.51 -17.75
N MET A 84 12.83 -6.70 -17.18
CA MET A 84 12.86 -7.89 -18.03
C MET A 84 11.52 -8.11 -18.73
N GLY A 85 10.39 -7.76 -18.07
CA GLY A 85 9.07 -7.82 -18.74
C GLY A 85 9.06 -6.88 -19.94
N ALA A 86 9.61 -5.68 -19.77
CA ALA A 86 9.73 -4.70 -20.86
C ALA A 86 10.61 -5.23 -22.02
N ILE A 87 11.76 -5.83 -21.66
CA ILE A 87 12.71 -6.33 -22.67
C ILE A 87 12.10 -7.51 -23.45
N SER A 88 11.56 -8.50 -22.74
CA SER A 88 10.86 -9.61 -23.38
C SER A 88 9.73 -9.14 -24.31
N SER A 89 8.95 -8.20 -23.81
CA SER A 89 7.78 -7.73 -24.57
C SER A 89 8.11 -6.79 -25.74
N SER A 90 9.30 -6.20 -25.76
CA SER A 90 9.73 -5.31 -26.84
C SER A 90 10.49 -6.08 -27.91
N THR A 91 10.80 -7.35 -27.63
CA THR A 91 11.58 -8.17 -28.56
C THR A 91 10.69 -9.29 -29.09
N LEU A 92 10.17 -10.12 -28.18
CA LEU A 92 9.35 -11.24 -28.59
C LEU A 92 7.97 -10.81 -29.12
N ALA A 93 7.58 -9.55 -28.93
CA ALA A 93 6.31 -9.11 -29.56
C ALA A 93 6.49 -8.98 -31.08
N PHE A 94 7.74 -8.92 -31.53
CA PHE A 94 8.02 -8.73 -32.96
C PHE A 94 8.76 -9.87 -33.63
N LEU A 95 9.70 -10.50 -32.91
CA LEU A 95 10.55 -11.51 -33.55
C LEU A 95 9.82 -12.84 -33.58
N GLN A 96 9.90 -13.53 -34.71
CA GLN A 96 9.36 -14.85 -34.81
C GLN A 96 10.36 -15.83 -35.42
N LYS A 97 10.01 -17.11 -35.42
CA LYS A 97 10.87 -18.13 -35.99
C LYS A 97 11.33 -17.73 -37.39
N GLY A 98 12.63 -17.87 -37.62
CA GLY A 98 13.22 -17.52 -38.92
C GLY A 98 13.80 -16.10 -38.96
N ASP A 99 13.43 -15.29 -37.97
CA ASP A 99 13.98 -13.91 -37.87
C ASP A 99 15.36 -13.90 -37.22
N HIS A 100 16.12 -12.84 -37.46
CA HIS A 100 17.45 -12.66 -36.90
C HIS A 100 17.54 -11.35 -36.09
N LEU A 101 18.19 -11.46 -34.94
CA LEU A 101 18.44 -10.35 -34.04
C LEU A 101 19.93 -10.13 -33.94
N ILE A 102 20.37 -8.88 -34.07
CA ILE A 102 21.72 -8.49 -33.72
C ILE A 102 21.63 -7.75 -32.40
N ALA A 103 22.38 -8.17 -31.38
CA ALA A 103 22.35 -7.43 -30.08
C ALA A 103 23.78 -7.14 -29.63
N GLY A 104 23.95 -6.15 -28.76
CA GLY A 104 25.25 -5.85 -28.18
C GLY A 104 25.85 -7.02 -27.44
N ASP A 105 27.17 -7.06 -27.36
CA ASP A 105 27.82 -8.18 -26.68
C ASP A 105 28.03 -7.89 -25.19
N THR A 106 27.70 -6.70 -24.75
CA THR A 106 27.81 -6.36 -23.34
C THR A 106 26.46 -5.81 -22.92
N LEU A 107 25.73 -6.68 -22.25
CA LEU A 107 24.34 -6.38 -21.91
C LEU A 107 24.17 -6.83 -20.50
N TYR A 108 23.17 -6.25 -19.87
CA TYR A 108 22.68 -6.71 -18.60
C TYR A 108 22.55 -8.25 -18.59
N GLY A 109 22.94 -8.89 -17.47
CA GLY A 109 23.06 -10.36 -17.44
C GLY A 109 21.82 -11.13 -17.86
N CYS A 110 20.66 -10.76 -17.33
CA CYS A 110 19.43 -11.51 -17.67
C CYS A 110 18.98 -11.25 -19.11
N THR A 111 19.40 -10.11 -19.66
CA THR A 111 19.18 -9.88 -21.08
C THR A 111 20.04 -10.87 -21.87
N VAL A 112 21.30 -11.05 -21.47
CA VAL A 112 22.08 -12.12 -22.11
C VAL A 112 21.34 -13.48 -21.97
N SER A 113 20.80 -13.76 -20.80
CA SER A 113 20.07 -15.02 -20.57
C SER A 113 18.86 -15.19 -21.52
N LEU A 114 18.04 -14.14 -21.63
CA LEU A 114 16.87 -14.13 -22.52
C LEU A 114 17.26 -14.43 -23.97
N PHE A 115 18.27 -13.72 -24.46
CA PHE A 115 18.67 -13.75 -25.85
C PHE A 115 19.44 -15.03 -26.21
N THR A 116 20.22 -15.55 -25.27
CA THR A 116 21.00 -16.78 -25.58
C THR A 116 20.29 -18.08 -25.19
N HIS A 117 19.44 -18.03 -24.18
CA HIS A 117 18.71 -19.27 -23.80
C HIS A 117 17.32 -19.38 -24.45
N TRP A 118 16.48 -18.36 -24.28
CA TRP A 118 15.08 -18.46 -24.73
C TRP A 118 14.84 -18.17 -26.22
N LEU A 119 15.35 -17.05 -26.74
CA LEU A 119 15.13 -16.77 -28.17
C LEU A 119 15.48 -17.92 -29.15
N PRO A 120 16.65 -18.56 -29.01
CA PRO A 120 16.95 -19.67 -29.91
C PRO A 120 15.95 -20.83 -29.79
N ARG A 121 15.39 -21.04 -28.60
CA ARG A 121 14.40 -22.10 -28.44
C ARG A 121 13.15 -21.81 -29.27
N PHE A 122 12.94 -20.54 -29.59
CA PHE A 122 11.78 -20.12 -30.40
C PHE A 122 12.14 -19.91 -31.88
N GLY A 123 13.29 -20.44 -32.31
CA GLY A 123 13.64 -20.45 -33.73
C GLY A 123 14.14 -19.10 -34.21
N ILE A 124 14.42 -18.22 -33.25
CA ILE A 124 15.00 -16.90 -33.55
C ILE A 124 16.52 -16.99 -33.49
N GLU A 125 17.18 -16.47 -34.52
CA GLU A 125 18.63 -16.47 -34.65
C GLU A 125 19.18 -15.20 -33.99
N VAL A 126 20.23 -15.35 -33.20
CA VAL A 126 20.76 -14.26 -32.41
C VAL A 126 22.28 -14.21 -32.59
N ASP A 127 22.81 -13.04 -32.93
CA ASP A 127 24.23 -12.80 -32.79
C ASP A 127 24.51 -11.68 -31.78
N LEU A 128 25.40 -11.92 -30.83
CA LEU A 128 25.89 -10.83 -29.96
C LEU A 128 27.15 -10.25 -30.55
N ILE A 129 27.16 -8.95 -30.77
CA ILE A 129 28.14 -8.30 -31.65
C ILE A 129 28.70 -7.09 -30.92
N ASP A 130 29.94 -6.70 -31.22
CA ASP A 130 30.45 -5.47 -30.63
C ASP A 130 29.82 -4.28 -31.35
N THR A 131 28.81 -3.68 -30.72
CA THR A 131 28.02 -2.64 -31.39
C THR A 131 28.67 -1.24 -31.29
N SER A 132 29.83 -1.17 -30.64
CA SER A 132 30.57 0.09 -30.61
C SER A 132 31.21 0.33 -31.96
N ASP A 133 31.10 -0.66 -32.87
CA ASP A 133 31.68 -0.55 -34.23
C ASP A 133 30.60 -0.83 -35.26
N VAL A 134 30.10 0.23 -35.91
CA VAL A 134 29.05 0.12 -36.93
C VAL A 134 29.39 -0.89 -38.06
N GLU A 135 30.67 -1.00 -38.40
CA GLU A 135 31.11 -1.89 -39.47
C GLU A 135 30.89 -3.33 -39.06
N LYS A 136 31.07 -3.63 -37.78
CA LYS A 136 30.81 -4.97 -37.24
C LYS A 136 29.32 -5.28 -37.25
N VAL A 137 28.50 -4.28 -36.97
CA VAL A 137 27.03 -4.45 -37.13
C VAL A 137 26.67 -4.76 -38.58
N LYS A 138 27.23 -3.99 -39.52
CA LYS A 138 26.94 -4.22 -40.94
C LYS A 138 27.39 -5.62 -41.37
N ALA A 139 28.59 -6.01 -40.92
CA ALA A 139 29.11 -7.32 -41.31
C ALA A 139 28.25 -8.50 -40.82
N ALA A 140 27.59 -8.32 -39.67
CA ALA A 140 26.72 -9.34 -39.08
C ALA A 140 25.31 -9.37 -39.69
N TRP A 141 24.98 -8.40 -40.53
CA TRP A 141 23.63 -8.29 -41.12
C TRP A 141 23.32 -9.41 -42.12
N LYS A 142 22.08 -9.92 -42.10
CA LYS A 142 21.64 -11.02 -42.95
C LYS A 142 20.30 -10.63 -43.61
N PRO A 143 19.90 -11.35 -44.67
CA PRO A 143 18.66 -10.98 -45.32
C PRO A 143 17.48 -11.03 -44.37
N ASN A 144 17.56 -11.86 -43.32
CA ASN A 144 16.44 -12.02 -42.40
C ASN A 144 16.62 -11.21 -41.10
N THR A 145 17.60 -10.30 -41.05
CA THR A 145 17.76 -9.44 -39.86
C THR A 145 16.54 -8.50 -39.71
N LYS A 146 15.87 -8.55 -38.55
CA LYS A 146 14.61 -7.81 -38.30
C LYS A 146 14.72 -6.82 -37.13
N MET A 147 15.79 -6.98 -36.34
CA MET A 147 15.95 -6.17 -35.15
C MET A 147 17.41 -6.00 -34.75
N VAL A 148 17.74 -4.82 -34.27
CA VAL A 148 19.01 -4.56 -33.56
C VAL A 148 18.64 -4.07 -32.17
N TYR A 149 19.30 -4.61 -31.14
CA TYR A 149 19.00 -4.27 -29.74
C TYR A 149 20.30 -3.78 -29.09
N LEU A 150 20.27 -2.56 -28.51
CA LEU A 150 21.47 -1.90 -27.98
C LEU A 150 21.22 -1.47 -26.56
N GLU A 151 22.27 -1.55 -25.74
CA GLU A 151 22.35 -0.87 -24.46
C GLU A 151 23.54 0.02 -24.56
N SER A 152 23.36 1.31 -24.32
CA SER A 152 24.47 2.22 -24.37
C SER A 152 24.20 3.39 -23.41
N PRO A 153 25.15 3.68 -22.49
CA PRO A 153 26.38 2.95 -22.12
C PRO A 153 25.98 1.59 -21.54
N ALA A 154 26.78 0.55 -21.84
CA ALA A 154 26.41 -0.83 -21.44
C ALA A 154 26.57 -1.05 -19.93
N ASN A 155 25.77 -1.95 -19.39
CA ASN A 155 25.86 -2.36 -18.00
C ASN A 155 26.72 -3.64 -17.99
N PRO A 156 27.89 -3.63 -17.32
CA PRO A 156 28.35 -2.61 -16.39
C PRO A 156 29.55 -1.81 -16.91
N THR A 157 30.06 -2.13 -18.10
CA THR A 157 31.35 -1.55 -18.55
C THR A 157 31.24 -0.14 -19.16
N CYS A 158 29.99 0.34 -19.34
CA CYS A 158 29.74 1.66 -19.94
C CYS A 158 30.14 1.79 -21.42
N LYS A 159 30.43 0.66 -22.06
CA LYS A 159 30.78 0.68 -23.46
C LYS A 159 29.72 1.45 -24.27
N VAL A 160 30.18 2.39 -25.09
CA VAL A 160 29.29 3.27 -25.89
C VAL A 160 29.11 2.71 -27.32
N SER A 161 27.86 2.60 -27.77
CA SER A 161 27.52 2.31 -29.18
C SER A 161 27.01 3.56 -29.87
N ASP A 162 27.24 3.66 -31.17
CA ASP A 162 26.76 4.79 -31.98
C ASP A 162 25.31 4.53 -32.37
N ILE A 163 24.40 5.01 -31.53
CA ILE A 163 22.96 4.74 -31.71
C ILE A 163 22.48 5.36 -33.05
N LYS A 164 22.89 6.60 -33.30
CA LYS A 164 22.49 7.32 -34.52
C LYS A 164 22.96 6.62 -35.78
N GLY A 165 24.21 6.18 -35.79
CA GLY A 165 24.78 5.51 -36.94
C GLY A 165 24.17 4.16 -37.21
N ILE A 166 23.90 3.38 -36.15
CA ILE A 166 23.26 2.10 -36.31
C ILE A 166 21.80 2.28 -36.76
N ALA A 167 21.13 3.34 -36.26
CA ALA A 167 19.73 3.58 -36.68
C ALA A 167 19.61 3.79 -38.19
N VAL A 168 20.57 4.51 -38.79
CA VAL A 168 20.56 4.67 -40.25
C VAL A 168 20.48 3.32 -40.93
N VAL A 169 21.32 2.37 -40.47
CA VAL A 169 21.37 1.06 -41.14
C VAL A 169 20.03 0.30 -40.95
N CYS A 170 19.51 0.29 -39.73
CA CYS A 170 18.20 -0.29 -39.46
C CYS A 170 17.10 0.32 -40.35
N HIS A 171 17.06 1.66 -40.47
CA HIS A 171 16.03 2.34 -41.29
C HIS A 171 16.16 1.98 -42.77
N GLU A 172 17.40 1.82 -43.26
CA GLU A 172 17.61 1.50 -44.67
C GLU A 172 17.24 0.05 -44.97
N ARG A 173 17.33 -0.82 -43.97
CA ARG A 173 17.15 -2.24 -44.24
C ARG A 173 15.90 -2.87 -43.62
N GLY A 174 15.05 -2.06 -43.00
CA GLY A 174 13.77 -2.57 -42.49
C GLY A 174 13.90 -3.39 -41.20
N ALA A 175 14.85 -3.02 -40.35
CA ALA A 175 14.98 -3.61 -39.01
C ALA A 175 14.54 -2.59 -37.96
N ARG A 176 13.88 -3.08 -36.91
CA ARG A 176 13.55 -2.23 -35.75
C ARG A 176 14.79 -2.01 -34.91
N LEU A 177 14.98 -0.79 -34.42
CA LEU A 177 16.04 -0.53 -33.44
C LEU A 177 15.43 -0.38 -32.05
N VAL A 178 15.83 -1.28 -31.12
CA VAL A 178 15.40 -1.19 -29.74
C VAL A 178 16.56 -0.78 -28.83
N VAL A 179 16.33 0.19 -27.95
CA VAL A 179 17.38 0.71 -27.05
C VAL A 179 16.97 0.68 -25.60
N ASP A 180 17.81 0.03 -24.79
CA ASP A 180 17.63 -0.01 -23.36
C ASP A 180 18.46 1.15 -22.79
N ALA A 181 17.75 2.16 -22.30
CA ALA A 181 18.38 3.42 -21.84
C ALA A 181 18.38 3.52 -20.30
N THR A 182 18.27 2.37 -19.64
CA THR A 182 18.18 2.27 -18.18
C THR A 182 19.30 3.04 -17.45
N PHE A 183 20.55 2.89 -17.93
CA PHE A 183 21.74 3.36 -17.24
C PHE A 183 21.83 4.87 -17.21
N THR A 184 21.09 5.52 -18.11
CA THR A 184 21.20 6.96 -18.34
C THR A 184 19.95 7.77 -17.91
N SER A 185 18.78 7.11 -17.99
CA SER A 185 17.47 7.70 -17.73
C SER A 185 17.03 8.55 -18.91
N PRO A 186 15.72 8.73 -19.07
CA PRO A 186 15.19 9.53 -20.16
C PRO A 186 15.43 11.04 -20.01
N CYS A 187 15.96 11.50 -18.87
CA CYS A 187 16.36 12.91 -18.78
C CYS A 187 17.53 13.20 -19.71
N PHE A 188 18.40 12.21 -19.91
CA PHE A 188 19.67 12.44 -20.61
C PHE A 188 19.84 11.65 -21.90
N LEU A 189 19.09 10.58 -22.07
CA LEU A 189 19.12 9.79 -23.31
C LEU A 189 17.70 9.55 -23.80
N LYS A 190 17.40 10.01 -25.02
CA LYS A 190 16.07 9.86 -25.64
C LYS A 190 16.24 9.15 -26.98
N PRO A 191 16.25 7.81 -26.94
CA PRO A 191 16.62 7.05 -28.13
C PRO A 191 15.71 7.32 -29.32
N LEU A 192 14.43 7.63 -29.06
CA LEU A 192 13.50 7.94 -30.17
C LEU A 192 13.93 9.21 -30.92
N GLU A 193 14.64 10.11 -30.26
CA GLU A 193 15.22 11.27 -30.98
C GLU A 193 16.46 10.91 -31.78
N LEU A 194 17.04 9.74 -31.50
CA LEU A 194 18.27 9.35 -32.16
C LEU A 194 18.02 8.39 -33.33
N GLY A 195 16.75 8.02 -33.53
CA GLY A 195 16.42 7.07 -34.58
C GLY A 195 15.93 5.70 -34.11
N ALA A 196 15.87 5.46 -32.79
CA ALA A 196 15.33 4.18 -32.32
C ALA A 196 13.82 4.12 -32.54
N ASP A 197 13.32 2.89 -32.69
CA ASP A 197 11.88 2.62 -32.78
C ASP A 197 11.23 2.39 -31.41
N ILE A 198 12.02 1.85 -30.47
CA ILE A 198 11.55 1.51 -29.13
C ILE A 198 12.65 1.93 -28.15
N ALA A 199 12.23 2.61 -27.08
CA ALA A 199 13.11 2.99 -25.97
C ALA A 199 12.52 2.33 -24.72
N LEU A 200 13.35 1.62 -23.94
CA LEU A 200 12.85 0.98 -22.75
C LEU A 200 13.75 1.18 -21.54
N HIS A 201 13.20 0.90 -20.35
CA HIS A 201 13.94 1.06 -19.10
C HIS A 201 13.52 0.04 -18.09
N SER A 202 14.50 -0.38 -17.31
CA SER A 202 14.18 -0.89 -16.00
C SER A 202 13.83 0.31 -15.11
N VAL A 203 12.54 0.44 -14.78
CA VAL A 203 12.05 1.50 -13.90
C VAL A 203 12.52 1.26 -12.47
N SER A 204 12.85 0.00 -12.15
CA SER A 204 13.50 -0.39 -10.89
C SER A 204 14.73 0.45 -10.51
N1 LLP A 205 18.50 -3.49 -18.17
C2 LLP A 205 19.46 -2.88 -17.39
C2' LLP A 205 20.52 -2.03 -18.07
C3 LLP A 205 19.48 -3.06 -16.01
O3 LLP A 205 20.37 -2.49 -15.37
C4 LLP A 205 18.52 -3.84 -15.36
C4' LLP A 205 18.55 -4.01 -13.85
C5 LLP A 205 17.58 -4.53 -16.14
C6 LLP A 205 17.56 -4.32 -17.54
C5' LLP A 205 16.49 -5.42 -15.57
OP4 LLP A 205 15.36 -4.77 -14.96
P LLP A 205 14.51 -5.49 -13.84
OP1 LLP A 205 13.59 -4.41 -13.42
OP2 LLP A 205 15.50 -5.87 -12.79
OP3 LLP A 205 13.90 -6.68 -14.51
N LLP A 205 15.35 1.06 -11.51
CA LLP A 205 16.61 1.77 -11.32
CB LLP A 205 17.62 1.43 -12.46
CG LLP A 205 17.82 -0.08 -12.80
CD LLP A 205 18.12 -0.97 -11.64
CE LLP A 205 18.26 -2.50 -12.02
NZ LLP A 205 19.06 -2.92 -13.23
C LLP A 205 16.34 3.26 -11.13
O LLP A 205 15.63 3.62 -10.18
N TYR A 206 16.78 4.14 -12.04
CA TYR A 206 16.61 5.60 -11.84
C TYR A 206 15.18 6.12 -11.85
N ILE A 207 14.34 5.62 -12.76
CA ILE A 207 13.03 6.27 -12.90
C ILE A 207 12.27 6.33 -11.57
N ASN A 208 12.13 5.17 -10.93
CA ASN A 208 11.53 5.10 -9.62
C ASN A 208 12.48 5.75 -8.61
N GLY A 209 13.75 5.33 -8.65
CA GLY A 209 14.80 6.00 -7.87
C GLY A 209 14.92 5.66 -6.39
N HIS A 210 13.92 4.98 -5.80
CA HIS A 210 13.85 4.88 -4.34
C HIS A 210 14.10 3.45 -3.84
N GLY A 211 14.53 2.57 -4.76
CA GLY A 211 14.94 1.19 -4.43
C GLY A 211 13.84 0.36 -3.78
N ASP A 212 12.60 0.64 -4.12
CA ASP A 212 11.52 -0.08 -3.47
C ASP A 212 10.48 -0.63 -4.43
N VAL A 213 10.77 -0.58 -5.73
CA VAL A 213 9.85 -1.15 -6.73
C VAL A 213 10.66 -1.87 -7.78
N ILE A 214 10.15 -2.99 -8.29
CA ILE A 214 10.70 -3.59 -9.51
C ILE A 214 9.69 -3.28 -10.61
N GLY A 215 10.12 -2.73 -11.74
CA GLY A 215 9.17 -2.46 -12.82
C GLY A 215 9.90 -2.12 -14.11
N GLY A 216 9.16 -2.09 -15.21
CA GLY A 216 9.75 -1.80 -16.50
C GLY A 216 8.79 -0.94 -17.34
N VAL A 217 9.34 -0.30 -18.37
CA VAL A 217 8.51 0.48 -19.25
C VAL A 217 9.15 0.41 -20.63
N SER A 218 8.33 0.43 -21.66
CA SER A 218 8.77 0.49 -23.05
C SER A 218 7.92 1.51 -23.78
N SER A 219 8.57 2.33 -24.62
CA SER A 219 7.87 3.35 -25.39
C SER A 219 8.20 3.20 -26.89
N ALA A 220 7.18 3.30 -27.75
CA ALA A 220 7.36 3.09 -29.19
C ALA A 220 7.12 4.39 -29.93
N LYS A 221 7.84 4.55 -31.04
CA LYS A 221 7.68 5.69 -31.94
C LYS A 221 6.28 5.68 -32.66
N THR A 222 5.70 4.49 -32.89
CA THR A 222 4.44 4.42 -33.64
C THR A 222 3.31 3.80 -32.82
N ALA A 223 2.11 4.26 -33.11
CA ALA A 223 0.91 3.74 -32.50
C ALA A 223 0.80 2.21 -32.73
N GLU A 224 1.08 1.77 -33.95
CA GLU A 224 1.06 0.35 -34.25
C GLU A 224 1.97 -0.49 -33.36
N ASP A 225 3.21 -0.03 -33.17
CA ASP A 225 4.15 -0.81 -32.37
C ASP A 225 3.78 -0.85 -30.89
N ILE A 226 3.31 0.26 -30.31
CA ILE A 226 2.93 0.19 -28.92
C ILE A 226 1.67 -0.69 -28.74
N ALA A 227 0.77 -0.69 -29.71
CA ALA A 227 -0.40 -1.56 -29.64
C ALA A 227 0.08 -3.02 -29.67
N THR A 228 1.05 -3.33 -30.52
CA THR A 228 1.59 -4.70 -30.61
C THR A 228 2.25 -5.13 -29.29
N ILE A 229 3.07 -4.25 -28.72
CA ILE A 229 3.67 -4.50 -27.39
C ILE A 229 2.61 -4.80 -26.32
N LYS A 230 1.53 -4.01 -26.29
CA LYS A 230 0.48 -4.21 -25.29
C LYS A 230 -0.34 -5.45 -25.58
N PHE A 231 -0.42 -5.83 -26.84
CA PHE A 231 -1.08 -7.10 -27.23
C PHE A 231 -0.25 -8.27 -26.69
N TYR A 232 1.07 -8.20 -26.84
CA TYR A 232 1.94 -9.21 -26.27
C TYR A 232 1.81 -9.28 -24.73
N ARG A 233 1.83 -8.09 -24.09
CA ARG A 233 1.70 -7.96 -22.64
C ARG A 233 0.43 -8.61 -22.11
N LYS A 234 -0.67 -8.42 -22.85
CA LYS A 234 -1.94 -8.98 -22.47
C LYS A 234 -1.84 -10.50 -22.31
N ASP A 235 -1.07 -11.14 -23.18
CA ASP A 235 -0.98 -12.62 -23.19
C ASP A 235 0.22 -13.16 -22.42
N ALA A 236 1.31 -12.38 -22.35
CA ALA A 236 2.50 -12.77 -21.60
C ALA A 236 2.38 -12.38 -20.12
N GLY A 237 1.67 -11.30 -19.83
CA GLY A 237 1.23 -11.08 -18.45
C GLY A 237 2.17 -10.40 -17.46
N SER A 238 3.25 -9.77 -17.95
CA SER A 238 4.08 -8.92 -17.06
C SER A 238 3.47 -7.55 -16.83
N LEU A 239 2.78 -7.39 -15.69
CA LEU A 239 2.04 -6.15 -15.38
C LEU A 239 2.68 -5.37 -14.26
N MET A 240 2.54 -4.05 -14.33
CA MET A 240 2.91 -3.24 -13.17
C MET A 240 1.68 -3.20 -12.28
N ALA A 241 1.84 -3.54 -10.99
CA ALA A 241 0.74 -3.46 -10.01
C ALA A 241 0.35 -1.98 -9.77
N PRO A 242 -0.94 -1.72 -9.42
CA PRO A 242 -1.39 -0.36 -9.15
C PRO A 242 -0.58 0.33 -8.05
N MET A 243 -0.25 -0.39 -6.97
CA MET A 243 0.54 0.26 -5.91
C MET A 243 1.94 0.65 -6.46
N ASP A 244 2.54 -0.27 -7.22
CA ASP A 244 3.87 -0.02 -7.78
C ASP A 244 3.85 1.18 -8.75
N ALA A 245 2.79 1.26 -9.56
CA ALA A 245 2.60 2.38 -10.47
C ALA A 245 2.45 3.72 -9.71
N PHE A 246 1.70 3.69 -8.61
CA PHE A 246 1.61 4.87 -7.75
C PHE A 246 3.00 5.26 -7.24
N LEU A 247 3.79 4.29 -6.79
CA LEU A 247 5.14 4.58 -6.26
C LEU A 247 6.07 5.05 -7.36
N CYS A 248 5.97 4.44 -8.55
CA CYS A 248 6.82 4.85 -9.68
C CYS A 248 6.51 6.25 -10.15
N ALA A 249 5.22 6.58 -10.27
CA ALA A 249 4.83 7.96 -10.67
C ALA A 249 5.33 8.93 -9.61
N ARG A 250 5.22 8.54 -8.34
CA ARG A 250 5.66 9.38 -7.22
C ARG A 250 7.18 9.59 -7.27
N GLY A 251 7.93 8.51 -7.53
CA GLY A 251 9.41 8.66 -7.61
C GLY A 251 9.79 9.55 -8.79
N MET A 252 9.07 9.37 -9.89
CA MET A 252 9.37 10.11 -11.09
C MET A 252 9.11 11.62 -10.95
N LYS A 253 8.29 12.04 -9.99
CA LYS A 253 8.09 13.51 -9.76
C LYS A 253 9.41 14.24 -9.44
N THR A 254 10.39 13.53 -8.89
CA THR A 254 11.73 14.11 -8.59
C THR A 254 12.83 13.62 -9.51
N LEU A 255 12.46 12.95 -10.59
CA LEU A 255 13.48 12.40 -11.49
C LEU A 255 14.44 13.47 -12.04
N PRO A 256 13.92 14.60 -12.56
CA PRO A 256 14.91 15.53 -13.12
C PRO A 256 15.94 16.07 -12.11
N ILE A 257 15.50 16.50 -10.93
CA ILE A 257 16.46 16.98 -9.91
C ILE A 257 17.36 15.83 -9.40
N ARG A 258 16.79 14.63 -9.17
CA ARG A 258 17.66 13.49 -8.80
C ARG A 258 18.75 13.25 -9.85
N MET A 259 18.36 13.18 -11.13
CA MET A 259 19.37 12.98 -12.18
C MET A 259 20.43 14.06 -12.25
N GLN A 260 20.07 15.32 -11.96
CA GLN A 260 21.03 16.40 -11.98
C GLN A 260 22.08 16.10 -10.91
N ILE A 261 21.63 15.73 -9.72
CA ILE A 261 22.57 15.44 -8.65
C ILE A 261 23.39 14.13 -8.89
N HIS A 262 22.71 13.08 -9.37
CA HIS A 262 23.42 11.85 -9.76
C HIS A 262 24.52 12.19 -10.77
N MET A 263 24.16 12.93 -11.81
CA MET A 263 25.16 13.18 -12.85
C MET A 263 26.37 13.89 -12.25
N GLU A 264 26.10 14.95 -11.49
CA GLU A 264 27.22 15.80 -10.97
C GLU A 264 28.03 14.98 -9.97
N ASN A 265 27.35 14.25 -9.08
CA ASN A 265 28.05 13.43 -8.10
C ASN A 265 28.91 12.36 -8.77
N GLY A 266 28.36 11.69 -9.77
CA GLY A 266 29.06 10.58 -10.42
C GLY A 266 30.33 11.05 -11.12
N LEU A 267 30.27 12.22 -11.75
CA LEU A 267 31.46 12.77 -12.42
C LEU A 267 32.55 13.16 -11.42
N LYS A 268 32.15 13.73 -10.29
CA LYS A 268 33.11 14.09 -9.27
C LYS A 268 33.75 12.87 -8.61
N VAL A 269 32.95 11.84 -8.35
CA VAL A 269 33.53 10.58 -7.85
C VAL A 269 34.46 9.89 -8.86
N ALA A 270 34.06 9.85 -10.14
CA ALA A 270 34.93 9.28 -11.17
C ALA A 270 36.26 10.04 -11.27
N LYS A 271 36.22 11.37 -11.19
CA LYS A 271 37.45 12.16 -11.28
C LYS A 271 38.38 11.92 -10.08
N PHE A 272 37.78 11.81 -8.90
CA PHE A 272 38.54 11.50 -7.69
C PHE A 272 39.22 10.14 -7.85
N LEU A 273 38.42 9.11 -8.20
CA LEU A 273 38.94 7.78 -8.45
C LEU A 273 40.03 7.77 -9.51
N GLU A 274 39.80 8.47 -10.63
CA GLU A 274 40.78 8.51 -11.74
C GLU A 274 42.15 9.01 -11.32
N GLN A 275 42.19 9.97 -10.39
CA GLN A 275 43.47 10.50 -9.93
C GLN A 275 44.05 9.71 -8.73
N HIS A 276 43.33 8.72 -8.21
CA HIS A 276 43.81 8.01 -7.02
C HIS A 276 44.82 6.89 -7.35
N GLU A 277 45.92 6.82 -6.59
CA GLU A 277 47.01 5.87 -6.87
C GLU A 277 46.57 4.40 -6.90
N LYS A 278 45.54 4.06 -6.11
CA LYS A 278 45.05 2.68 -6.00
C LYS A 278 44.22 2.22 -7.20
N ILE A 279 43.76 3.17 -8.02
CA ILE A 279 42.79 2.89 -9.08
C ILE A 279 43.52 2.82 -10.42
N VAL A 280 43.32 1.73 -11.16
CA VAL A 280 44.02 1.53 -12.42
C VAL A 280 43.38 2.32 -13.57
N LYS A 281 42.04 2.25 -13.65
CA LYS A 281 41.28 2.86 -14.75
C LYS A 281 39.88 3.16 -14.25
N VAL A 282 39.21 4.18 -14.82
CA VAL A 282 37.82 4.46 -14.47
C VAL A 282 37.00 4.48 -15.77
N ASN A 283 35.93 3.69 -15.83
CA ASN A 283 35.11 3.57 -17.04
C ASN A 283 33.83 4.38 -16.89
N HIS A 284 33.93 5.69 -16.92
CA HIS A 284 32.79 6.59 -16.86
C HIS A 284 32.78 7.33 -18.20
N PRO A 285 31.66 7.26 -18.94
CA PRO A 285 31.61 7.79 -20.33
C PRO A 285 31.71 9.30 -20.41
N GLY A 286 31.58 9.98 -19.28
CA GLY A 286 31.75 11.43 -19.18
C GLY A 286 33.20 11.87 -19.04
N LEU A 287 34.10 10.91 -18.82
CA LEU A 287 35.54 11.26 -18.73
C LEU A 287 36.19 11.42 -20.09
N GLU A 288 37.03 12.42 -20.27
CA GLU A 288 37.73 12.54 -21.55
C GLU A 288 38.61 11.34 -21.93
N SER A 289 39.11 10.61 -20.93
CA SER A 289 39.93 9.43 -21.19
C SER A 289 39.12 8.25 -21.74
N PHE A 290 37.77 8.29 -21.65
CA PHE A 290 36.99 7.11 -21.99
C PHE A 290 36.75 6.95 -23.49
N PRO A 291 37.03 5.75 -24.06
CA PRO A 291 36.74 5.56 -25.50
C PRO A 291 35.25 5.74 -25.79
N GLY A 292 34.94 6.51 -26.82
CA GLY A 292 33.52 6.77 -27.11
C GLY A 292 32.90 7.85 -26.22
N HIS A 293 33.72 8.54 -25.43
CA HIS A 293 33.26 9.76 -24.77
C HIS A 293 32.67 10.73 -25.79
N ASP A 294 33.33 10.85 -26.95
CA ASP A 294 32.87 11.79 -27.98
C ASP A 294 31.46 11.47 -28.48
N ILE A 295 31.18 10.18 -28.71
CA ILE A 295 29.83 9.77 -29.14
C ILE A 295 28.81 9.99 -28.02
N ALA A 296 29.16 9.60 -26.78
CA ALA A 296 28.22 9.77 -25.64
C ALA A 296 27.88 11.27 -25.39
N LYS A 297 28.86 12.15 -25.52
CA LYS A 297 28.61 13.58 -25.34
C LYS A 297 27.72 14.20 -26.45
N LYS A 298 27.79 13.66 -27.67
CA LYS A 298 26.97 14.18 -28.78
C LYS A 298 25.55 13.60 -28.73
N GLN A 299 25.42 12.35 -28.31
CA GLN A 299 24.11 11.68 -28.42
C GLN A 299 23.27 11.72 -27.14
N MET A 300 23.88 12.09 -26.03
CA MET A 300 23.17 12.22 -24.76
C MET A 300 23.31 13.65 -24.23
N THR A 301 22.42 14.06 -23.34
CA THR A 301 22.51 15.41 -22.77
C THR A 301 22.99 15.39 -21.33
N GLY A 302 23.51 14.23 -20.90
CA GLY A 302 24.06 14.09 -19.57
C GLY A 302 24.48 12.64 -19.37
N TYR A 303 24.82 12.28 -18.13
CA TYR A 303 25.28 10.90 -17.85
C TYR A 303 24.61 10.41 -16.60
N GLY A 304 24.32 9.12 -16.55
CA GLY A 304 23.98 8.44 -15.30
C GLY A 304 25.20 8.42 -14.39
N SER A 305 25.02 7.89 -13.18
CA SER A 305 26.10 7.87 -12.20
C SER A 305 26.51 6.46 -11.80
N THR A 306 26.21 5.49 -12.67
CA THR A 306 26.68 4.13 -12.43
C THR A 306 27.83 3.80 -13.36
N PHE A 307 28.93 3.33 -12.79
CA PHE A 307 30.07 3.06 -13.64
C PHE A 307 31.02 2.12 -12.94
N LEU A 308 32.06 1.76 -13.66
CA LEU A 308 32.93 0.73 -13.20
C LEU A 308 34.36 1.30 -13.10
N PHE A 309 35.14 0.76 -12.18
CA PHE A 309 36.57 1.08 -12.09
C PHE A 309 37.39 -0.17 -11.76
N GLU A 310 38.68 -0.11 -12.10
CA GLU A 310 39.58 -1.24 -11.97
C GLU A 310 40.54 -1.02 -10.80
N MET A 311 40.57 -1.97 -9.86
CA MET A 311 41.57 -1.95 -8.80
C MET A 311 42.80 -2.76 -9.24
N LYS A 312 43.81 -2.82 -8.38
CA LYS A 312 45.04 -3.57 -8.76
C LYS A 312 44.93 -5.08 -8.59
N SER A 313 43.92 -5.52 -7.83
CA SER A 313 43.75 -6.94 -7.62
C SER A 313 42.36 -7.22 -7.09
N PHE A 314 41.95 -8.48 -7.17
CA PHE A 314 40.69 -8.89 -6.53
C PHE A 314 40.67 -8.56 -5.02
N GLU A 315 41.80 -8.82 -4.35
CA GLU A 315 41.90 -8.60 -2.90
C GLU A 315 41.72 -7.13 -2.53
N ALA A 316 42.30 -6.25 -3.32
CA ALA A 316 42.15 -4.81 -3.13
C ALA A 316 40.69 -4.37 -3.34
N ALA A 317 40.01 -4.97 -4.33
CA ALA A 317 38.59 -4.70 -4.61
C ALA A 317 37.75 -5.12 -3.41
N LYS A 318 38.02 -6.32 -2.88
CA LYS A 318 37.25 -6.83 -1.74
C LYS A 318 37.51 -5.92 -0.52
N LYS A 319 38.76 -5.53 -0.30
CA LYS A 319 39.10 -4.69 0.85
C LYS A 319 38.37 -3.36 0.78
N LEU A 320 38.34 -2.76 -0.42
CA LEU A 320 37.56 -1.53 -0.63
C LEU A 320 36.05 -1.73 -0.37
N MET A 321 35.46 -2.69 -1.08
CA MET A 321 34.02 -2.96 -0.98
C MET A 321 33.51 -3.26 0.43
N GLU A 322 34.34 -3.90 1.25
CA GLU A 322 33.92 -4.33 2.58
C GLU A 322 34.18 -3.33 3.73
N HIS A 323 34.72 -2.15 3.40
CA HIS A 323 35.14 -1.20 4.44
C HIS A 323 34.52 0.17 4.21
N LEU A 324 33.34 0.18 3.59
CA LEU A 324 32.63 1.42 3.31
C LEU A 324 31.49 1.63 4.31
N LYS A 325 31.24 2.88 4.67
CA LYS A 325 30.20 3.19 5.66
C LYS A 325 29.04 3.92 5.06
N VAL A 326 29.25 4.58 3.93
CA VAL A 326 28.16 5.26 3.25
C VAL A 326 27.64 4.31 2.16
N CYS A 327 28.51 3.83 1.29
CA CYS A 327 28.12 2.91 0.21
C CYS A 327 27.60 1.59 0.78
N THR A 328 26.57 1.01 0.15
CA THR A 328 26.01 -0.26 0.59
C THR A 328 26.37 -1.33 -0.42
N LEU A 329 26.88 -2.47 0.08
CA LEU A 329 27.20 -3.61 -0.76
C LEU A 329 25.91 -4.34 -1.15
N ALA A 330 25.55 -4.24 -2.42
CA ALA A 330 24.28 -4.77 -2.95
C ALA A 330 24.29 -4.63 -4.46
N VAL A 331 23.52 -5.46 -5.13
CA VAL A 331 23.29 -5.28 -6.56
C VAL A 331 22.17 -4.26 -6.78
N SER A 332 21.86 -3.98 -8.05
CA SER A 332 20.98 -2.89 -8.49
C SER A 332 21.69 -1.55 -8.55
N LEU A 333 21.00 -0.52 -9.02
CA LEU A 333 21.65 0.78 -9.26
C LEU A 333 20.58 1.86 -9.39
N GLY A 334 21.00 3.13 -9.39
CA GLY A 334 20.05 4.22 -9.70
C GLY A 334 19.17 4.61 -8.52
N CYS A 335 19.55 4.16 -7.32
CA CYS A 335 18.82 4.47 -6.08
CA CYS A 335 18.80 4.48 -6.10
C CYS A 335 19.33 5.80 -5.53
N VAL A 336 18.52 6.46 -4.69
CA VAL A 336 18.98 7.72 -4.04
C VAL A 336 20.27 7.54 -3.21
N ASP A 337 20.48 6.35 -2.66
CA ASP A 337 21.71 6.07 -1.89
C ASP A 337 22.68 5.22 -2.71
N THR A 338 23.97 5.36 -2.37
CA THR A 338 25.07 4.79 -3.15
C THR A 338 25.22 3.28 -2.92
N LEU A 339 25.23 2.53 -4.03
CA LEU A 339 25.40 1.07 -4.04
C LEU A 339 26.76 0.68 -4.64
N ILE A 340 27.27 -0.48 -4.25
CA ILE A 340 28.53 -0.96 -4.78
C ILE A 340 28.48 -2.49 -4.91
N GLU A 341 29.05 -3.01 -5.98
CA GLU A 341 29.06 -4.48 -6.18
C GLU A 341 30.24 -4.95 -7.02
N HIS A 342 30.39 -6.26 -7.07
CA HIS A 342 31.52 -6.92 -7.77
C HIS A 342 31.01 -7.73 -8.98
N PRO A 343 31.05 -7.14 -10.19
CA PRO A 343 30.38 -7.79 -11.33
C PRO A 343 30.85 -9.25 -11.56
N ALA A 344 32.15 -9.52 -11.45
CA ALA A 344 32.69 -10.85 -11.77
C ALA A 344 32.02 -11.95 -10.95
N SER A 345 31.83 -11.69 -9.66
CA SER A 345 31.23 -12.70 -8.79
C SER A 345 29.76 -12.48 -8.44
N MET A 346 29.18 -11.37 -8.92
CA MET A 346 27.75 -11.05 -8.65
C MET A 346 26.85 -10.82 -9.92
N THR A 347 26.67 -9.59 -10.39
CA THR A 347 25.73 -9.27 -11.49
C THR A 347 26.01 -9.97 -12.81
N HIS A 348 27.29 -10.20 -13.05
CA HIS A 348 27.75 -10.80 -14.30
C HIS A 348 28.46 -12.13 -14.12
N ALA A 349 28.16 -12.82 -13.02
CA ALA A 349 28.72 -14.16 -12.73
C ALA A 349 27.97 -15.29 -13.48
N ALA A 350 26.79 -14.98 -14.03
CA ALA A 350 25.99 -15.97 -14.81
C ALA A 350 26.20 -15.87 -16.34
N VAL A 351 26.91 -14.82 -16.78
CA VAL A 351 27.20 -14.58 -18.18
C VAL A 351 28.18 -15.67 -18.65
N PRO A 352 27.78 -16.43 -19.71
CA PRO A 352 28.66 -17.52 -20.20
C PRO A 352 30.10 -17.02 -20.44
N GLU A 353 31.06 -17.90 -20.13
CA GLU A 353 32.48 -17.55 -20.10
C GLU A 353 33.02 -16.83 -21.36
N ASN A 354 32.64 -17.32 -22.54
CA ASN A 354 33.06 -16.69 -23.81
C ASN A 354 32.58 -15.23 -23.95
N ILE A 355 31.41 -14.95 -23.38
CA ILE A 355 30.84 -13.58 -23.40
C ILE A 355 31.49 -12.69 -22.31
N MET A 356 31.94 -13.30 -21.20
CA MET A 356 32.68 -12.60 -20.11
C MET A 356 34.03 -12.01 -20.52
N ARG A 357 34.75 -12.72 -21.38
CA ARG A 357 36.04 -12.19 -21.91
C ARG A 357 35.82 -11.16 -23.00
N LYS A 358 34.85 -11.43 -23.90
CA LYS A 358 34.39 -10.42 -24.87
C LYS A 358 33.89 -9.15 -24.17
N GLN A 359 33.21 -9.31 -23.01
CA GLN A 359 32.67 -8.17 -22.26
C GLN A 359 33.73 -7.37 -21.50
N GLY A 360 34.86 -7.99 -21.18
CA GLY A 360 35.95 -7.30 -20.49
C GLY A 360 35.81 -7.24 -18.97
N ILE A 361 35.05 -8.19 -18.40
CA ILE A 361 34.77 -8.21 -16.96
C ILE A 361 35.78 -9.13 -16.26
N THR A 362 36.51 -8.56 -15.30
CA THR A 362 37.60 -9.28 -14.63
C THR A 362 37.39 -9.16 -13.11
N PRO A 363 38.08 -9.99 -12.30
CA PRO A 363 37.91 -9.90 -10.84
C PRO A 363 38.40 -8.57 -10.23
N GLU A 364 39.15 -7.75 -10.97
CA GLU A 364 39.66 -6.48 -10.42
C GLU A 364 38.64 -5.35 -10.49
N LEU A 365 37.53 -5.60 -11.18
CA LEU A 365 36.57 -4.53 -11.41
C LEU A 365 35.53 -4.39 -10.32
N VAL A 366 35.21 -3.14 -9.99
CA VAL A 366 34.17 -2.80 -9.02
C VAL A 366 33.17 -1.85 -9.67
N ARG A 367 31.87 -2.12 -9.52
CA ARG A 367 30.88 -1.20 -10.08
C ARG A 367 30.25 -0.37 -8.96
N ILE A 368 30.20 0.96 -9.15
CA ILE A 368 29.58 1.83 -8.17
C ILE A 368 28.37 2.54 -8.79
N SER A 369 27.29 2.63 -8.01
CA SER A 369 26.14 3.41 -8.43
C SER A 369 26.02 4.61 -7.49
N VAL A 370 26.47 5.79 -7.93
CA VAL A 370 26.59 6.92 -7.02
C VAL A 370 25.21 7.55 -6.77
N GLY A 371 24.85 7.71 -5.50
CA GLY A 371 23.54 8.27 -5.14
C GLY A 371 23.58 9.78 -5.02
N ILE A 372 22.61 10.32 -4.29
CA ILE A 372 22.45 11.77 -4.14
C ILE A 372 22.86 12.33 -2.79
N GLU A 373 23.55 11.49 -1.98
CA GLU A 373 24.25 11.98 -0.77
C GLU A 373 25.19 13.13 -1.11
N ASN A 374 25.56 13.92 -0.11
CA ASN A 374 26.57 14.93 -0.33
C ASN A 374 27.84 14.28 -0.90
N VAL A 375 28.34 14.83 -2.00
CA VAL A 375 29.41 14.17 -2.75
C VAL A 375 30.73 14.09 -1.94
N ASP A 376 30.98 15.11 -1.11
CA ASP A 376 32.17 15.08 -0.24
C ASP A 376 32.12 13.94 0.80
N ASP A 377 30.91 13.57 1.26
CA ASP A 377 30.74 12.45 2.18
C ASP A 377 31.03 11.12 1.47
N ILE A 378 30.58 11.01 0.21
CA ILE A 378 30.82 9.79 -0.59
C ILE A 378 32.33 9.66 -0.87
N ILE A 379 32.93 10.75 -1.32
CA ILE A 379 34.35 10.71 -1.59
C ILE A 379 35.16 10.38 -0.33
N ALA A 380 34.81 10.99 0.81
CA ALA A 380 35.55 10.71 2.04
C ALA A 380 35.43 9.23 2.47
N ASP A 381 34.24 8.64 2.26
CA ASP A 381 34.03 7.22 2.56
C ASP A 381 34.98 6.38 1.68
N LEU A 382 34.97 6.64 0.36
CA LEU A 382 35.88 5.89 -0.54
C LEU A 382 37.38 6.10 -0.16
N LYS A 383 37.73 7.33 0.14
CA LYS A 383 39.12 7.68 0.47
C LYS A 383 39.61 6.95 1.70
N GLN A 384 38.80 6.90 2.76
CA GLN A 384 39.24 6.23 3.98
C GLN A 384 39.40 4.73 3.79
N ALA A 385 38.51 4.11 3.01
CA ALA A 385 38.69 2.68 2.69
C ALA A 385 39.91 2.44 1.83
N LEU A 386 40.16 3.31 0.85
CA LEU A 386 41.34 3.16 -0.02
C LEU A 386 42.64 3.39 0.74
N GLU A 387 42.60 4.18 1.81
CA GLU A 387 43.81 4.50 2.55
C GLU A 387 44.01 3.56 3.76
N LEU A 388 43.27 2.45 3.81
CA LEU A 388 43.38 1.57 4.95
C LEU A 388 44.76 0.96 5.11
N TRP A 389 45.12 0.76 6.38
CA TRP A 389 46.26 -0.05 6.79
C TRP A 389 46.26 -1.42 6.07
N ALA B 3 -36.17 -8.63 4.08
CA ALA B 3 -35.10 -7.60 4.24
C ALA B 3 -33.71 -8.16 3.85
N GLN B 4 -32.99 -7.40 3.03
CA GLN B 4 -31.72 -7.87 2.50
C GLN B 4 -30.79 -8.25 3.67
N ASP B 5 -30.01 -9.32 3.52
CA ASP B 5 -29.12 -9.79 4.62
C ASP B 5 -27.88 -8.91 4.78
N ILE B 6 -27.34 -8.88 6.00
CA ILE B 6 -26.14 -8.06 6.30
C ILE B 6 -24.96 -8.43 5.42
N THR B 7 -24.79 -9.73 5.13
CA THR B 7 -23.75 -10.19 4.19
C THR B 7 -23.85 -9.41 2.86
N THR B 8 -25.06 -9.39 2.30
CA THR B 8 -25.33 -8.67 1.05
C THR B 8 -25.12 -7.17 1.19
N THR B 9 -25.59 -6.60 2.30
CA THR B 9 -25.42 -5.17 2.56
C THR B 9 -23.94 -4.78 2.58
N LEU B 10 -23.12 -5.52 3.30
CA LEU B 10 -21.69 -5.16 3.40
C LEU B 10 -20.96 -5.35 2.08
N LEU B 11 -21.46 -6.27 1.24
CA LEU B 11 -20.83 -6.53 -0.06
C LEU B 11 -21.31 -5.55 -1.13
N HIS B 12 -22.41 -4.83 -0.87
CA HIS B 12 -22.98 -3.86 -1.82
C HIS B 12 -23.24 -2.49 -1.19
N PRO B 13 -22.18 -1.82 -0.75
CA PRO B 13 -22.41 -0.56 -0.04
C PRO B 13 -22.97 0.54 -0.95
N LYS B 14 -23.68 1.50 -0.37
CA LYS B 14 -24.23 2.65 -1.08
C LYS B 14 -23.09 3.50 -1.64
N GLY B 15 -23.35 4.22 -2.73
CA GLY B 15 -22.34 5.09 -3.36
C GLY B 15 -22.09 4.78 -4.83
N ASP B 16 -21.68 5.77 -5.61
CA ASP B 16 -21.34 5.47 -7.02
C ASP B 16 -19.93 4.86 -7.07
N HIS B 17 -19.69 4.07 -8.11
CA HIS B 17 -18.36 3.61 -8.43
C HIS B 17 -17.53 4.81 -8.88
N VAL B 18 -16.22 4.73 -8.70
CA VAL B 18 -15.32 5.79 -9.14
C VAL B 18 -14.67 5.32 -10.44
N LEU B 19 -14.82 6.09 -11.53
CA LEU B 19 -14.26 5.69 -12.83
C LEU B 19 -14.60 4.23 -13.21
N HIS B 20 -15.83 3.82 -12.87
CA HIS B 20 -16.34 2.47 -13.11
C HIS B 20 -15.55 1.37 -12.42
N SER B 21 -14.64 1.73 -11.52
CA SER B 21 -13.88 0.72 -10.78
C SER B 21 -14.77 -0.17 -9.91
N HIS B 22 -14.54 -1.48 -9.99
CA HIS B 22 -15.32 -2.44 -9.17
C HIS B 22 -14.93 -2.33 -7.68
N ALA B 23 -13.62 -2.45 -7.36
CA ALA B 23 -13.15 -2.19 -5.99
C ALA B 23 -13.09 -0.67 -5.79
N TYR B 24 -13.38 -0.19 -4.58
CA TYR B 24 -13.32 1.25 -4.31
C TYR B 24 -11.85 1.66 -4.24
N PRO B 25 -11.44 2.67 -5.01
CA PRO B 25 -10.03 3.11 -5.04
C PRO B 25 -9.50 3.59 -3.69
N ILE B 26 -8.19 3.52 -3.53
CA ILE B 26 -7.49 4.04 -2.37
C ILE B 26 -7.11 5.49 -2.65
N PHE B 27 -7.75 6.43 -1.97
CA PHE B 27 -7.46 7.85 -2.21
C PHE B 27 -6.32 8.23 -1.33
N GLN B 28 -5.12 7.88 -1.77
CA GLN B 28 -3.89 8.21 -1.08
C GLN B 28 -3.47 9.64 -1.48
N THR B 29 -4.17 10.59 -0.89
CA THR B 29 -4.02 12.00 -1.17
C THR B 29 -4.15 12.80 0.12
N SER B 30 -3.49 13.93 0.18
CA SER B 30 -3.78 14.83 1.29
C SER B 30 -4.89 15.80 0.94
N THR B 31 -4.84 16.40 -0.24
CA THR B 31 -5.75 17.49 -0.55
C THR B 31 -6.56 17.24 -1.81
N PHE B 32 -7.52 18.15 -2.06
CA PHE B 32 -8.47 18.04 -3.21
C PHE B 32 -8.45 19.36 -3.95
N CYS B 33 -8.74 19.34 -5.25
CA CYS B 33 -8.68 20.55 -6.08
CA CYS B 33 -8.68 20.59 -5.99
C CYS B 33 -10.06 21.17 -6.17
N PHE B 34 -10.10 22.48 -6.34
CA PHE B 34 -11.35 23.19 -6.48
C PHE B 34 -11.53 23.63 -7.94
N ASP B 35 -12.79 23.68 -8.36
CA ASP B 35 -13.16 24.15 -9.70
C ASP B 35 -13.03 25.67 -9.81
N SER B 36 -13.21 26.37 -8.71
CA SER B 36 -13.29 27.83 -8.69
C SER B 36 -13.18 28.28 -7.25
N THR B 37 -12.98 29.57 -7.04
CA THR B 37 -12.96 30.13 -5.69
C THR B 37 -14.30 29.86 -4.99
N GLN B 38 -15.40 30.12 -5.69
CA GLN B 38 -16.74 29.95 -5.13
C GLN B 38 -17.00 28.52 -4.67
N GLN B 39 -16.61 27.56 -5.50
CA GLN B 39 -16.79 26.13 -5.17
C GLN B 39 -16.02 25.73 -3.90
N GLY B 40 -14.76 26.16 -3.80
CA GLY B 40 -13.94 25.98 -2.59
C GLY B 40 -14.60 26.65 -1.38
N ALA B 41 -14.92 27.94 -1.52
CA ALA B 41 -15.64 28.66 -0.45
C ALA B 41 -16.94 27.94 -0.03
N ASP B 42 -17.71 27.49 -1.01
CA ASP B 42 -18.97 26.81 -0.70
C ASP B 42 -18.69 25.54 0.11
N LEU B 43 -17.72 24.73 -0.31
CA LEU B 43 -17.38 23.51 0.43
C LEU B 43 -16.98 23.81 1.88
N PHE B 44 -16.19 24.85 2.09
CA PHE B 44 -15.83 25.24 3.47
C PHE B 44 -17.01 25.68 4.32
N MET B 45 -18.12 26.07 3.69
CA MET B 45 -19.34 26.44 4.40
CA MET B 45 -19.34 26.45 4.41
C MET B 45 -20.32 25.27 4.48
N GLY B 46 -19.92 24.13 3.94
CA GLY B 46 -20.77 22.94 3.94
C GLY B 46 -21.87 22.96 2.87
N LYS B 47 -21.67 23.76 1.82
CA LYS B 47 -22.60 23.82 0.67
C LYS B 47 -22.06 23.02 -0.49
N GLY B 48 -22.92 22.19 -1.07
CA GLY B 48 -22.55 21.39 -2.24
C GLY B 48 -21.89 20.11 -1.80
N GLU B 49 -21.49 19.29 -2.77
CA GLU B 49 -20.94 17.97 -2.50
C GLU B 49 -19.52 17.95 -2.94
N GLY B 50 -18.66 17.27 -2.21
CA GLY B 50 -17.24 17.35 -2.55
C GLY B 50 -16.31 17.19 -1.37
N HIS B 51 -15.02 17.26 -1.67
CA HIS B 51 -14.00 17.04 -0.66
C HIS B 51 -13.04 18.21 -0.68
N ILE B 52 -12.31 18.36 0.41
CA ILE B 52 -11.42 19.48 0.60
C ILE B 52 -10.03 18.97 0.97
N TYR B 53 -9.96 18.11 2.00
CA TYR B 53 -8.67 17.78 2.58
C TYR B 53 -8.85 16.53 3.40
N SER B 54 -7.94 15.57 3.31
CA SER B 54 -8.27 14.22 3.91
C SER B 54 -8.62 14.19 5.41
N ARG B 55 -8.01 15.06 6.23
CA ARG B 55 -8.39 15.12 7.66
C ARG B 55 -9.90 15.42 7.85
N LEU B 56 -10.47 16.28 6.99
CA LEU B 56 -11.91 16.60 7.02
C LEU B 56 -12.76 15.51 6.42
N GLY B 57 -12.23 14.83 5.43
CA GLY B 57 -12.98 13.75 4.80
C GLY B 57 -12.22 13.21 3.62
N ASN B 58 -12.13 11.89 3.58
CA ASN B 58 -11.41 11.15 2.55
C ASN B 58 -12.36 10.10 1.97
N PRO B 59 -12.47 10.02 0.63
CA PRO B 59 -13.51 9.11 0.12
C PRO B 59 -13.38 7.63 0.54
N THR B 60 -12.15 7.10 0.61
CA THR B 60 -11.97 5.69 0.95
C THR B 60 -12.33 5.43 2.43
N VAL B 61 -11.95 6.37 3.29
CA VAL B 61 -12.33 6.31 4.71
C VAL B 61 -13.87 6.42 4.86
N GLU B 62 -14.48 7.34 4.12
CA GLU B 62 -15.92 7.50 4.19
C GLU B 62 -16.66 6.25 3.74
N GLN B 63 -16.11 5.52 2.76
CA GLN B 63 -16.77 4.28 2.31
C GLN B 63 -16.84 3.26 3.48
N PHE B 64 -15.73 3.15 4.22
CA PHE B 64 -15.68 2.30 5.41
C PHE B 64 -16.64 2.80 6.48
N GLU B 65 -16.64 4.11 6.75
CA GLU B 65 -17.63 4.69 7.68
C GLU B 65 -19.07 4.32 7.32
N GLU B 66 -19.42 4.45 6.03
CA GLU B 66 -20.79 4.06 5.60
C GLU B 66 -21.13 2.59 5.87
N MET B 67 -20.17 1.71 5.65
CA MET B 67 -20.34 0.29 5.96
C MET B 67 -20.71 0.04 7.43
N VAL B 68 -19.92 0.60 8.33
CA VAL B 68 -20.16 0.47 9.76
C VAL B 68 -21.48 1.13 10.14
N CYS B 69 -21.74 2.33 9.63
CA CYS B 69 -23.01 3.00 9.85
C CYS B 69 -24.22 2.11 9.48
N SER B 70 -24.16 1.48 8.30
CA SER B 70 -25.24 0.55 7.87
C SER B 70 -25.50 -0.58 8.87
N ILE B 71 -24.45 -1.17 9.44
CA ILE B 71 -24.67 -2.35 10.36
C ILE B 71 -25.12 -1.89 11.77
N GLU B 72 -24.62 -0.74 12.21
CA GLU B 72 -25.04 -0.17 13.51
C GLU B 72 -26.47 0.43 13.54
N GLY B 73 -26.99 0.81 12.36
CA GLY B 73 -28.26 1.54 12.27
C GLY B 73 -28.13 2.97 12.80
N ALA B 74 -27.00 3.59 12.54
CA ALA B 74 -26.65 4.88 13.14
C ALA B 74 -27.03 6.03 12.22
N ALA B 75 -26.89 7.26 12.73
CA ALA B 75 -26.99 8.49 11.89
C ALA B 75 -25.71 8.75 11.12
N GLY B 76 -24.57 8.34 11.67
CA GLY B 76 -23.31 8.38 10.97
C GLY B 76 -22.23 7.72 11.78
N SER B 77 -21.09 7.49 11.14
CA SER B 77 -19.94 6.86 11.76
C SER B 77 -18.68 7.64 11.46
N ALA B 78 -17.70 7.55 12.36
CA ALA B 78 -16.42 8.23 12.21
C ALA B 78 -15.32 7.20 12.42
N ALA B 79 -14.36 7.14 11.50
CA ALA B 79 -13.26 6.21 11.64
C ALA B 79 -12.04 6.94 12.22
N PHE B 80 -11.17 6.18 12.91
CA PHE B 80 -10.03 6.75 13.61
C PHE B 80 -8.78 5.89 13.40
N GLY B 81 -7.64 6.44 13.82
CA GLY B 81 -6.35 5.74 13.75
C GLY B 81 -6.27 4.57 14.73
N SER B 82 -7.21 4.46 15.65
CA SER B 82 -7.16 3.38 16.68
C SER B 82 -8.46 3.36 17.45
N GLY B 83 -8.71 2.24 18.14
CA GLY B 83 -9.84 2.19 19.09
C GLY B 83 -9.69 3.28 20.16
N MET B 84 -8.47 3.52 20.64
CA MET B 84 -8.26 4.61 21.61
C MET B 84 -8.64 5.98 21.06
N GLY B 85 -8.37 6.23 19.78
CA GLY B 85 -8.86 7.47 19.11
C GLY B 85 -10.40 7.55 19.14
N ALA B 86 -11.06 6.43 18.89
CA ALA B 86 -12.52 6.44 18.91
C ALA B 86 -13.04 6.68 20.33
N ILE B 87 -12.37 6.07 21.30
CA ILE B 87 -12.80 6.14 22.71
C ILE B 87 -12.60 7.56 23.23
N SER B 88 -11.40 8.11 23.04
CA SER B 88 -11.08 9.49 23.37
C SER B 88 -12.06 10.47 22.74
N SER B 89 -12.31 10.27 21.45
CA SER B 89 -13.17 11.17 20.69
C SER B 89 -14.65 11.02 21.03
N SER B 90 -15.08 9.87 21.57
CA SER B 90 -16.48 9.69 21.93
C SER B 90 -16.77 10.13 23.34
N THR B 91 -15.74 10.46 24.12
CA THR B 91 -15.97 10.88 25.51
C THR B 91 -15.60 12.36 25.69
N LEU B 92 -14.37 12.72 25.32
CA LEU B 92 -13.86 14.08 25.48
C LEU B 92 -14.48 15.07 24.47
N ALA B 93 -15.15 14.58 23.43
CA ALA B 93 -15.94 15.46 22.57
C ALA B 93 -17.14 16.04 23.32
N PHE B 94 -17.55 15.39 24.41
CA PHE B 94 -18.76 15.78 25.14
C PHE B 94 -18.48 16.24 26.58
N LEU B 95 -17.57 15.55 27.26
CA LEU B 95 -17.30 15.84 28.67
C LEU B 95 -16.38 17.06 28.79
N GLN B 96 -16.65 17.88 29.79
CA GLN B 96 -15.86 19.09 30.04
C GLN B 96 -15.69 19.24 31.55
N LYS B 97 -14.83 20.18 31.95
CA LYS B 97 -14.56 20.46 33.35
C LYS B 97 -15.87 20.59 34.15
N GLY B 98 -15.93 19.93 35.30
CA GLY B 98 -17.15 19.96 36.10
C GLY B 98 -18.15 18.85 35.85
N ASP B 99 -18.04 18.16 34.70
CA ASP B 99 -18.91 16.99 34.43
C ASP B 99 -18.43 15.76 35.17
N HIS B 100 -19.31 14.75 35.25
CA HIS B 100 -19.06 13.51 35.95
C HIS B 100 -19.36 12.37 34.97
N LEU B 101 -18.46 11.38 34.94
CA LEU B 101 -18.59 10.17 34.15
C LEU B 101 -18.71 8.96 35.08
N ILE B 102 -19.70 8.10 34.82
CA ILE B 102 -19.73 6.78 35.43
C ILE B 102 -19.25 5.74 34.39
N ALA B 103 -18.23 4.96 34.71
CA ALA B 103 -17.75 3.90 33.82
C ALA B 103 -17.69 2.53 34.48
N GLY B 104 -17.79 1.46 33.69
CA GLY B 104 -17.56 0.11 34.19
C GLY B 104 -16.21 -0.01 34.87
N ASP B 105 -16.11 -0.90 35.85
CA ASP B 105 -14.86 -1.06 36.59
C ASP B 105 -13.91 -2.03 35.91
N THR B 106 -14.41 -2.77 34.91
CA THR B 106 -13.60 -3.72 34.17
C THR B 106 -13.59 -3.26 32.74
N LEU B 107 -12.47 -2.67 32.33
CA LEU B 107 -12.36 -2.06 31.01
C LEU B 107 -11.02 -2.41 30.41
N TYR B 108 -10.96 -2.27 29.09
CA TYR B 108 -9.72 -2.38 28.38
C TYR B 108 -8.65 -1.55 29.13
N GLY B 109 -7.42 -2.08 29.14
CA GLY B 109 -6.32 -1.44 29.86
C GLY B 109 -6.12 0.03 29.54
N CYS B 110 -6.01 0.39 28.27
CA CYS B 110 -5.76 1.82 27.97
C CYS B 110 -6.97 2.72 28.24
N THR B 111 -8.18 2.15 28.15
CA THR B 111 -9.37 2.88 28.59
C THR B 111 -9.26 3.25 30.09
N VAL B 112 -8.79 2.33 30.92
CA VAL B 112 -8.53 2.67 32.33
C VAL B 112 -7.51 3.80 32.46
N SER B 113 -6.41 3.72 31.70
CA SER B 113 -5.41 4.78 31.70
C SER B 113 -6.08 6.11 31.28
N LEU B 114 -6.84 6.11 30.20
CA LEU B 114 -7.51 7.33 29.78
C LEU B 114 -8.40 7.97 30.88
N PHE B 115 -9.26 7.14 31.50
CA PHE B 115 -10.27 7.65 32.45
C PHE B 115 -9.66 8.03 33.81
N THR B 116 -8.57 7.36 34.16
CA THR B 116 -7.95 7.47 35.46
C THR B 116 -6.86 8.55 35.51
N HIS B 117 -6.17 8.73 34.39
CA HIS B 117 -5.05 9.67 34.34
C HIS B 117 -5.39 10.99 33.64
N TRP B 118 -5.95 10.89 32.44
CA TRP B 118 -6.16 12.10 31.63
C TRP B 118 -7.46 12.85 31.96
N LEU B 119 -8.61 12.15 32.02
CA LEU B 119 -9.87 12.86 32.26
C LEU B 119 -9.80 13.75 33.52
N PRO B 120 -9.25 13.24 34.64
CA PRO B 120 -9.25 14.10 35.83
C PRO B 120 -8.32 15.32 35.71
N ARG B 121 -7.29 15.24 34.88
CA ARG B 121 -6.48 16.42 34.61
C ARG B 121 -7.28 17.48 33.86
N PHE B 122 -8.32 17.06 33.14
CA PHE B 122 -9.21 18.01 32.43
C PHE B 122 -10.45 18.44 33.26
N GLY B 123 -10.39 18.19 34.57
CA GLY B 123 -11.43 18.61 35.50
C GLY B 123 -12.68 17.77 35.42
N ILE B 124 -12.56 16.57 34.86
CA ILE B 124 -13.70 15.65 34.73
C ILE B 124 -13.69 14.63 35.87
N GLU B 125 -14.81 14.53 36.58
CA GLU B 125 -14.91 13.59 37.70
C GLU B 125 -15.27 12.23 37.13
N VAL B 126 -14.57 11.19 37.59
CA VAL B 126 -14.77 9.84 37.08
C VAL B 126 -14.94 8.86 38.23
N ASP B 127 -15.97 8.04 38.15
CA ASP B 127 -16.18 6.95 39.10
C ASP B 127 -16.28 5.62 38.34
N LEU B 128 -15.41 4.68 38.70
CA LEU B 128 -15.45 3.36 38.08
C LEU B 128 -16.25 2.48 39.02
N ILE B 129 -17.34 1.90 38.53
CA ILE B 129 -18.26 1.19 39.40
C ILE B 129 -18.76 -0.07 38.71
N ASP B 130 -19.32 -1.00 39.50
CA ASP B 130 -19.78 -2.29 38.98
C ASP B 130 -21.09 -2.14 38.20
N THR B 131 -21.00 -2.01 36.88
CA THR B 131 -22.16 -1.73 36.03
C THR B 131 -23.03 -2.96 35.72
N SER B 132 -22.67 -4.14 36.24
CA SER B 132 -23.53 -5.33 36.15
C SER B 132 -24.74 -5.23 37.09
N ASP B 133 -24.77 -4.15 37.87
CA ASP B 133 -25.87 -3.88 38.82
C ASP B 133 -26.39 -2.45 38.58
N VAL B 134 -27.56 -2.35 37.95
CA VAL B 134 -28.14 -1.06 37.60
C VAL B 134 -28.35 -0.22 38.88
N GLU B 135 -28.71 -0.87 39.99
CA GLU B 135 -28.87 -0.16 41.27
C GLU B 135 -27.59 0.56 41.70
N LYS B 136 -26.43 0.00 41.36
CA LYS B 136 -25.14 0.57 41.70
C LYS B 136 -24.84 1.78 40.83
N VAL B 137 -25.31 1.76 39.58
CA VAL B 137 -25.24 2.93 38.70
C VAL B 137 -26.16 4.04 39.24
N LYS B 138 -27.37 3.66 39.65
CA LYS B 138 -28.30 4.67 40.17
C LYS B 138 -27.73 5.34 41.42
N ALA B 139 -27.09 4.55 42.29
CA ALA B 139 -26.54 5.07 43.54
C ALA B 139 -25.32 5.97 43.32
N ALA B 140 -24.57 5.72 42.26
CA ALA B 140 -23.39 6.48 41.95
C ALA B 140 -23.72 7.80 41.26
N TRP B 141 -24.97 7.96 40.83
CA TRP B 141 -25.41 9.16 40.11
C TRP B 141 -25.26 10.50 40.88
N LYS B 142 -24.93 11.57 40.18
CA LYS B 142 -24.84 12.90 40.79
C LYS B 142 -25.56 13.92 39.91
N PRO B 143 -25.83 15.13 40.43
CA PRO B 143 -26.45 16.18 39.58
C PRO B 143 -25.66 16.53 38.34
N ASN B 144 -24.34 16.34 38.35
CA ASN B 144 -23.52 16.65 37.19
C ASN B 144 -23.11 15.44 36.34
N THR B 145 -23.79 14.29 36.54
CA THR B 145 -23.52 13.10 35.72
C THR B 145 -24.01 13.32 34.29
N LYS B 146 -23.08 13.25 33.33
CA LYS B 146 -23.40 13.49 31.91
C LYS B 146 -23.20 12.27 31.02
N MET B 147 -22.57 11.23 31.54
CA MET B 147 -22.26 10.09 30.69
C MET B 147 -22.09 8.83 31.51
N VAL B 148 -22.55 7.70 30.94
CA VAL B 148 -22.21 6.35 31.40
C VAL B 148 -21.46 5.68 30.24
N TYR B 149 -20.32 5.07 30.54
CA TYR B 149 -19.52 4.38 29.56
C TYR B 149 -19.44 2.91 29.96
N LEU B 150 -19.75 2.02 29.04
CA LEU B 150 -19.83 0.57 29.32
C LEU B 150 -19.03 -0.24 28.31
N GLU B 151 -18.48 -1.37 28.77
CA GLU B 151 -18.01 -2.45 27.91
C GLU B 151 -18.75 -3.68 28.35
N SER B 152 -19.46 -4.33 27.43
CA SER B 152 -20.14 -5.58 27.78
C SER B 152 -20.16 -6.53 26.60
N PRO B 153 -19.66 -7.78 26.76
CA PRO B 153 -18.94 -8.30 27.94
C PRO B 153 -17.61 -7.58 28.10
N ALA B 154 -17.20 -7.36 29.34
CA ALA B 154 -16.00 -6.58 29.62
C ALA B 154 -14.72 -7.31 29.25
N ASN B 155 -13.69 -6.54 28.84
CA ASN B 155 -12.36 -7.06 28.59
C ASN B 155 -11.56 -6.97 29.91
N PRO B 156 -11.06 -8.12 30.46
CA PRO B 156 -11.04 -9.44 29.82
C PRO B 156 -11.97 -10.48 30.44
N THR B 157 -12.63 -10.13 31.54
CA THR B 157 -13.35 -11.12 32.36
C THR B 157 -14.73 -11.50 31.82
N CYS B 158 -15.14 -10.81 30.75
CA CYS B 158 -16.48 -10.98 30.16
C CYS B 158 -17.66 -10.58 31.05
N LYS B 159 -17.40 -9.79 32.09
CA LYS B 159 -18.47 -9.33 32.97
C LYS B 159 -19.56 -8.65 32.16
N VAL B 160 -20.82 -9.04 32.39
CA VAL B 160 -21.93 -8.56 31.57
C VAL B 160 -22.71 -7.43 32.29
N SER B 161 -22.98 -6.34 31.58
CA SER B 161 -23.88 -5.30 32.10
C SER B 161 -25.19 -5.24 31.32
N ASP B 162 -26.25 -4.81 32.01
CA ASP B 162 -27.57 -4.59 31.42
C ASP B 162 -27.62 -3.24 30.68
N ILE B 163 -27.09 -3.21 29.46
CA ILE B 163 -27.07 -2.00 28.61
C ILE B 163 -28.47 -1.36 28.48
N LYS B 164 -29.47 -2.23 28.29
CA LYS B 164 -30.84 -1.79 28.07
C LYS B 164 -31.41 -1.06 29.29
N GLY B 165 -31.19 -1.60 30.49
CA GLY B 165 -31.69 -0.98 31.72
C GLY B 165 -30.94 0.28 32.09
N ILE B 166 -29.64 0.26 31.87
CA ILE B 166 -28.81 1.42 32.10
C ILE B 166 -29.19 2.53 31.11
N ALA B 167 -29.46 2.16 29.85
CA ALA B 167 -29.90 3.14 28.83
C ALA B 167 -31.20 3.86 29.27
N VAL B 168 -32.09 3.13 29.92
CA VAL B 168 -33.33 3.72 30.46
C VAL B 168 -33.03 4.77 31.54
N VAL B 169 -32.13 4.45 32.45
CA VAL B 169 -31.69 5.37 33.50
C VAL B 169 -31.03 6.63 32.87
N CYS B 170 -30.20 6.42 31.84
CA CYS B 170 -29.56 7.50 31.11
C CYS B 170 -30.56 8.44 30.41
N HIS B 171 -31.48 7.90 29.62
CA HIS B 171 -32.59 8.64 29.03
C HIS B 171 -33.38 9.47 30.08
N GLU B 172 -33.79 8.83 31.17
CA GLU B 172 -34.52 9.51 32.24
C GLU B 172 -33.74 10.67 32.90
N ARG B 173 -32.43 10.50 33.03
CA ARG B 173 -31.64 11.43 33.84
C ARG B 173 -30.75 12.35 33.03
N GLY B 174 -30.89 12.30 31.70
CA GLY B 174 -30.19 13.23 30.81
C GLY B 174 -28.69 13.01 30.68
N ALA B 175 -28.28 11.75 30.60
CA ALA B 175 -26.89 11.43 30.33
C ALA B 175 -26.76 10.66 29.01
N ARG B 176 -25.61 10.79 28.37
CA ARG B 176 -25.28 9.97 27.21
C ARG B 176 -24.80 8.59 27.62
N LEU B 177 -25.23 7.58 26.88
CA LEU B 177 -24.70 6.23 27.07
C LEU B 177 -23.77 5.81 25.91
N VAL B 178 -22.53 5.47 26.25
CA VAL B 178 -21.51 5.13 25.26
C VAL B 178 -21.13 3.69 25.54
N VAL B 179 -21.17 2.86 24.50
CA VAL B 179 -20.86 1.45 24.65
C VAL B 179 -19.76 1.03 23.70
N ASP B 180 -18.74 0.40 24.27
CA ASP B 180 -17.68 -0.22 23.51
C ASP B 180 -18.02 -1.70 23.25
N ALA B 181 -18.34 -2.01 22.00
CA ALA B 181 -18.84 -3.32 21.58
C ALA B 181 -17.77 -4.14 20.87
N THR B 182 -16.52 -3.72 21.07
CA THR B 182 -15.35 -4.36 20.48
C THR B 182 -15.37 -5.88 20.63
N PHE B 183 -15.68 -6.37 21.84
CA PHE B 183 -15.58 -7.81 22.13
C PHE B 183 -16.61 -8.70 21.41
N THR B 184 -17.65 -8.10 20.86
CA THR B 184 -18.76 -8.88 20.34
C THR B 184 -19.00 -8.68 18.85
N SER B 185 -18.54 -7.54 18.33
CA SER B 185 -18.72 -7.09 16.93
C SER B 185 -20.15 -6.63 16.68
N PRO B 186 -20.36 -5.79 15.63
CA PRO B 186 -21.73 -5.32 15.41
C PRO B 186 -22.64 -6.34 14.72
N CYS B 187 -22.12 -7.53 14.39
CA CYS B 187 -23.00 -8.62 13.91
C CYS B 187 -23.89 -9.09 15.02
N PHE B 188 -23.37 -9.05 16.24
CA PHE B 188 -24.05 -9.69 17.39
C PHE B 188 -24.54 -8.71 18.47
N LEU B 189 -23.88 -7.55 18.57
CA LEU B 189 -24.22 -6.50 19.54
C LEU B 189 -24.39 -5.14 18.84
N LYS B 190 -25.60 -4.61 18.92
CA LYS B 190 -25.95 -3.33 18.31
C LYS B 190 -26.46 -2.40 19.41
N PRO B 191 -25.55 -1.72 20.13
CA PRO B 191 -25.95 -0.94 21.29
C PRO B 191 -26.98 0.14 21.00
N LEU B 192 -26.96 0.70 19.80
CA LEU B 192 -27.93 1.74 19.47
C LEU B 192 -29.35 1.19 19.47
N GLU B 193 -29.52 -0.11 19.19
CA GLU B 193 -30.85 -0.76 19.29
C GLU B 193 -31.26 -0.97 20.75
N LEU B 194 -30.30 -1.01 21.67
CA LEU B 194 -30.61 -1.24 23.08
C LEU B 194 -30.82 0.10 23.82
N GLY B 195 -30.66 1.20 23.08
CA GLY B 195 -30.95 2.53 23.63
C GLY B 195 -29.69 3.35 23.93
N ALA B 196 -28.51 2.87 23.54
CA ALA B 196 -27.25 3.65 23.70
C ALA B 196 -27.24 4.82 22.72
N ASP B 197 -26.47 5.86 23.05
CA ASP B 197 -26.32 7.01 22.17
C ASP B 197 -25.12 6.86 21.24
N ILE B 198 -24.11 6.13 21.68
CA ILE B 198 -22.89 5.96 20.87
C ILE B 198 -22.44 4.50 20.99
N ALA B 199 -22.08 3.88 19.85
CA ALA B 199 -21.52 2.53 19.80
C ALA B 199 -20.14 2.63 19.12
N LEU B 200 -19.11 2.06 19.75
CA LEU B 200 -17.77 2.18 19.20
C LEU B 200 -17.02 0.86 19.22
N HIS B 201 -15.97 0.76 18.40
CA HIS B 201 -15.17 -0.46 18.31
C HIS B 201 -13.72 -0.13 18.08
N SER B 202 -12.85 -0.96 18.64
CA SER B 202 -11.51 -1.14 18.11
C SER B 202 -11.67 -2.00 16.85
N VAL B 203 -11.55 -1.35 15.69
CA VAL B 203 -11.61 -2.02 14.40
C VAL B 203 -10.44 -2.98 14.23
N SER B 204 -9.34 -2.69 14.94
CA SER B 204 -8.14 -3.53 15.06
C SER B 204 -8.44 -5.00 15.38
N1 LLP B 205 -11.54 -1.66 23.59
C2 LLP B 205 -11.40 -3.02 23.68
C2' LLP B 205 -12.49 -3.90 24.31
C3 LLP B 205 -10.22 -3.60 23.19
O3 LLP B 205 -10.08 -4.81 23.25
C4 LLP B 205 -9.21 -2.84 22.61
C4' LLP B 205 -7.96 -3.55 22.09
C5 LLP B 205 -9.36 -1.46 22.56
C6 LLP B 205 -10.52 -0.87 23.04
C5' LLP B 205 -8.29 -0.57 21.96
OP4 LLP B 205 -8.26 -0.35 20.53
P LLP B 205 -6.88 0.07 19.75
OP1 LLP B 205 -7.28 -0.16 18.35
OP2 LLP B 205 -5.84 -0.87 20.25
OP3 LLP B 205 -6.58 1.44 20.19
N LLP B 205 -9.61 -5.24 15.98
CA LLP B 205 -9.99 -6.58 16.43
CB LLP B 205 -10.60 -6.54 17.85
CG LLP B 205 -9.84 -5.60 18.87
CD LLP B 205 -8.40 -6.00 19.17
CE LLP B 205 -7.67 -5.01 20.17
NZ LLP B 205 -8.20 -4.81 21.60
C LLP B 205 -10.87 -7.29 15.37
O LLP B 205 -10.41 -7.47 14.25
N TYR B 206 -12.13 -7.65 15.71
CA TYR B 206 -12.99 -8.43 14.79
C TYR B 206 -13.34 -7.80 13.45
N ILE B 207 -13.62 -6.50 13.43
CA ILE B 207 -14.16 -5.85 12.22
C ILE B 207 -13.17 -5.98 11.06
N ASN B 208 -11.93 -5.57 11.28
CA ASN B 208 -10.88 -5.85 10.31
C ASN B 208 -10.56 -7.34 10.26
N GLY B 209 -10.33 -7.94 11.43
CA GLY B 209 -10.20 -9.39 11.60
C GLY B 209 -8.94 -10.06 11.12
N HIS B 210 -8.07 -9.33 10.41
CA HIS B 210 -6.89 -9.93 9.76
C HIS B 210 -5.55 -9.60 10.45
N GLY B 211 -5.63 -8.94 11.61
CA GLY B 211 -4.44 -8.66 12.46
C GLY B 211 -3.38 -7.80 11.80
N ASP B 212 -3.80 -6.93 10.90
CA ASP B 212 -2.82 -6.20 10.11
C ASP B 212 -3.16 -4.71 10.07
N VAL B 213 -4.12 -4.28 10.88
CA VAL B 213 -4.50 -2.86 10.97
C VAL B 213 -4.81 -2.50 12.42
N ILE B 214 -4.46 -1.27 12.79
CA ILE B 214 -5.00 -0.63 14.02
C ILE B 214 -5.96 0.45 13.58
N GLY B 215 -7.20 0.41 14.08
CA GLY B 215 -8.17 1.44 13.77
C GLY B 215 -9.34 1.42 14.75
N GLY B 216 -10.16 2.47 14.68
CA GLY B 216 -11.28 2.62 15.58
C GLY B 216 -12.44 3.18 14.78
N VAL B 217 -13.65 2.94 15.25
CA VAL B 217 -14.81 3.56 14.66
C VAL B 217 -15.77 3.89 15.78
N SER B 218 -16.49 5.01 15.64
CA SER B 218 -17.60 5.32 16.57
C SER B 218 -18.87 5.73 15.78
N SER B 219 -20.04 5.32 16.24
CA SER B 219 -21.30 5.57 15.50
C SER B 219 -22.32 6.17 16.45
N ALA B 220 -23.05 7.20 16.01
CA ALA B 220 -23.93 7.95 16.90
C ALA B 220 -25.36 7.84 16.42
N LYS B 221 -26.26 7.83 17.38
CA LYS B 221 -27.70 7.81 17.09
C LYS B 221 -28.14 9.11 16.43
N THR B 222 -27.58 10.25 16.82
CA THR B 222 -28.04 11.51 16.25
C THR B 222 -27.03 12.13 15.28
N ALA B 223 -27.55 12.82 14.26
CA ALA B 223 -26.71 13.66 13.39
C ALA B 223 -25.86 14.64 14.17
N GLU B 224 -26.43 15.28 15.20
CA GLU B 224 -25.69 16.28 15.99
C GLU B 224 -24.48 15.68 16.70
N ASP B 225 -24.66 14.49 17.28
CA ASP B 225 -23.57 13.82 17.98
C ASP B 225 -22.44 13.36 17.05
N ILE B 226 -22.76 12.77 15.90
CA ILE B 226 -21.65 12.37 15.03
C ILE B 226 -20.91 13.59 14.47
N ALA B 227 -21.64 14.69 14.22
CA ALA B 227 -21.00 15.96 13.84
C ALA B 227 -20.03 16.45 14.93
N THR B 228 -20.43 16.36 16.19
CA THR B 228 -19.57 16.77 17.31
C THR B 228 -18.32 15.89 17.38
N ILE B 229 -18.52 14.57 17.28
CA ILE B 229 -17.38 13.64 17.28
C ILE B 229 -16.40 13.96 16.15
N LYS B 230 -16.92 14.21 14.95
CA LYS B 230 -16.03 14.53 13.83
C LYS B 230 -15.37 15.91 13.99
N PHE B 231 -16.04 16.82 14.68
CA PHE B 231 -15.45 18.12 14.98
C PHE B 231 -14.30 17.95 15.97
N TYR B 232 -14.49 17.12 17.00
CA TYR B 232 -13.38 16.79 17.87
C TYR B 232 -12.22 16.10 17.11
N ARG B 233 -12.55 15.15 16.24
CA ARG B 233 -11.56 14.43 15.44
C ARG B 233 -10.70 15.39 14.58
N LYS B 234 -11.34 16.38 13.97
CA LYS B 234 -10.65 17.41 13.16
C LYS B 234 -9.47 18.04 13.93
N ASP B 235 -9.68 18.29 15.23
CA ASP B 235 -8.67 19.01 16.05
C ASP B 235 -7.74 18.07 16.84
N ALA B 236 -8.26 16.90 17.25
CA ALA B 236 -7.47 15.88 17.98
C ALA B 236 -6.61 15.03 17.00
N GLY B 237 -7.12 14.81 15.81
CA GLY B 237 -6.29 14.29 14.72
C GLY B 237 -6.03 12.78 14.66
N SER B 238 -6.87 11.97 15.30
CA SER B 238 -6.74 10.50 15.15
C SER B 238 -7.54 10.05 13.90
N LEU B 239 -6.81 9.88 12.79
CA LEU B 239 -7.40 9.59 11.47
C LEU B 239 -7.10 8.16 11.04
N MET B 240 -8.06 7.53 10.35
CA MET B 240 -7.76 6.28 9.66
C MET B 240 -7.09 6.61 8.33
N ALA B 241 -5.94 5.98 8.08
CA ALA B 241 -5.20 6.18 6.81
C ALA B 241 -5.98 5.59 5.65
N PRO B 242 -5.89 6.18 4.44
CA PRO B 242 -6.64 5.62 3.29
C PRO B 242 -6.36 4.11 3.04
N MET B 243 -5.10 3.70 3.15
CA MET B 243 -4.75 2.29 2.98
C MET B 243 -5.39 1.38 4.06
N ASP B 244 -5.35 1.82 5.31
CA ASP B 244 -5.97 1.11 6.38
C ASP B 244 -7.49 1.03 6.21
N ALA B 245 -8.09 2.12 5.72
CA ALA B 245 -9.55 2.07 5.44
C ALA B 245 -9.85 1.07 4.32
N PHE B 246 -8.99 1.03 3.29
CA PHE B 246 -9.14 0.06 2.22
C PHE B 246 -9.08 -1.35 2.83
N LEU B 247 -8.11 -1.59 3.71
CA LEU B 247 -7.95 -2.93 4.32
C LEU B 247 -9.06 -3.27 5.30
N CYS B 248 -9.59 -2.28 6.02
CA CYS B 248 -10.70 -2.51 6.97
C CYS B 248 -11.99 -2.81 6.25
N ALA B 249 -12.30 -2.06 5.20
CA ALA B 249 -13.50 -2.37 4.41
C ALA B 249 -13.39 -3.77 3.78
N ARG B 250 -12.20 -4.10 3.27
CA ARG B 250 -11.93 -5.42 2.68
C ARG B 250 -12.12 -6.54 3.72
N GLY B 251 -11.57 -6.35 4.92
CA GLY B 251 -11.76 -7.33 6.03
C GLY B 251 -13.22 -7.47 6.38
N MET B 252 -13.93 -6.36 6.38
CA MET B 252 -15.33 -6.40 6.83
C MET B 252 -16.23 -7.10 5.82
N LYS B 253 -15.78 -7.21 4.56
CA LYS B 253 -16.56 -8.01 3.56
C LYS B 253 -16.82 -9.45 4.00
N THR B 254 -15.96 -10.01 4.86
CA THR B 254 -16.16 -11.36 5.39
C THR B 254 -16.58 -11.38 6.86
N LEU B 255 -16.95 -10.22 7.42
CA LEU B 255 -17.22 -10.17 8.86
C LEU B 255 -18.33 -11.11 9.29
N PRO B 256 -19.47 -11.14 8.55
CA PRO B 256 -20.54 -12.03 9.04
C PRO B 256 -20.16 -13.53 9.10
N ILE B 257 -19.53 -14.06 8.06
CA ILE B 257 -19.11 -15.46 8.10
C ILE B 257 -18.02 -15.70 9.16
N ARG B 258 -17.05 -14.79 9.24
CA ARG B 258 -16.01 -14.92 10.28
C ARG B 258 -16.64 -14.96 11.69
N MET B 259 -17.56 -14.04 11.97
CA MET B 259 -18.19 -13.99 13.29
C MET B 259 -18.97 -15.26 13.63
N GLN B 260 -19.64 -15.83 12.62
CA GLN B 260 -20.42 -17.09 12.86
C GLN B 260 -19.44 -18.19 13.27
N ILE B 261 -18.30 -18.24 12.58
CA ILE B 261 -17.29 -19.25 12.92
C ILE B 261 -16.62 -19.01 14.27
N HIS B 262 -16.15 -17.77 14.49
CA HIS B 262 -15.66 -17.36 15.80
C HIS B 262 -16.63 -17.81 16.91
N MET B 263 -17.90 -17.44 16.75
CA MET B 263 -18.87 -17.74 17.80
C MET B 263 -18.91 -19.24 18.07
N GLU B 264 -19.11 -20.03 17.01
CA GLU B 264 -19.30 -21.46 17.19
C GLU B 264 -18.01 -22.08 17.73
N ASN B 265 -16.87 -21.69 17.15
CA ASN B 265 -15.57 -22.18 17.64
C ASN B 265 -15.32 -21.88 19.12
N GLY B 266 -15.51 -20.62 19.51
CA GLY B 266 -15.28 -20.18 20.87
C GLY B 266 -16.14 -20.90 21.91
N LEU B 267 -17.41 -21.17 21.60
CA LEU B 267 -18.28 -21.87 22.52
C LEU B 267 -17.83 -23.32 22.68
N LYS B 268 -17.39 -23.92 21.57
CA LYS B 268 -16.91 -25.30 21.58
C LYS B 268 -15.65 -25.40 22.45
N VAL B 269 -14.70 -24.48 22.24
CA VAL B 269 -13.50 -24.41 23.08
C VAL B 269 -13.81 -24.17 24.58
N ALA B 270 -14.72 -23.24 24.87
CA ALA B 270 -15.09 -22.94 26.26
C ALA B 270 -15.73 -24.15 26.95
N LYS B 271 -16.55 -24.90 26.23
CA LYS B 271 -17.17 -26.10 26.84
C LYS B 271 -16.15 -27.22 27.04
N PHE B 272 -15.22 -27.37 26.09
CA PHE B 272 -14.11 -28.31 26.31
C PHE B 272 -13.32 -27.97 27.57
N LEU B 273 -12.97 -26.70 27.73
CA LEU B 273 -12.22 -26.22 28.87
C LEU B 273 -13.01 -26.33 30.15
N GLU B 274 -14.31 -26.04 30.11
CA GLU B 274 -15.13 -26.11 31.31
C GLU B 274 -15.19 -27.50 31.90
N GLN B 275 -15.22 -28.52 31.04
CA GLN B 275 -15.30 -29.91 31.50
C GLN B 275 -13.93 -30.57 31.78
N HIS B 276 -12.84 -29.85 31.51
CA HIS B 276 -11.49 -30.38 31.73
C HIS B 276 -11.06 -30.27 33.19
N GLU B 277 -10.39 -31.31 33.69
CA GLU B 277 -10.07 -31.41 35.13
C GLU B 277 -9.10 -30.32 35.63
N LYS B 278 -8.32 -29.75 34.72
CA LYS B 278 -7.36 -28.73 35.11
C LYS B 278 -7.90 -27.31 35.18
N ILE B 279 -9.11 -27.11 34.69
CA ILE B 279 -9.66 -25.75 34.62
C ILE B 279 -10.63 -25.49 35.78
N VAL B 280 -10.35 -24.41 36.52
CA VAL B 280 -11.18 -24.02 37.67
C VAL B 280 -12.52 -23.46 37.19
N LYS B 281 -12.50 -22.48 36.28
CA LYS B 281 -13.74 -21.97 35.69
C LYS B 281 -13.46 -21.36 34.31
N VAL B 282 -14.53 -21.09 33.57
CA VAL B 282 -14.45 -20.50 32.24
C VAL B 282 -15.48 -19.40 32.21
N ASN B 283 -15.00 -18.20 31.87
CA ASN B 283 -15.82 -17.01 31.81
C ASN B 283 -16.20 -16.73 30.37
N HIS B 284 -17.10 -17.54 29.80
CA HIS B 284 -17.61 -17.22 28.47
C HIS B 284 -19.08 -16.87 28.67
N PRO B 285 -19.52 -15.70 28.17
CA PRO B 285 -20.89 -15.23 28.46
C PRO B 285 -21.97 -16.13 27.86
N GLY B 286 -21.59 -16.97 26.92
CA GLY B 286 -22.52 -17.93 26.32
C GLY B 286 -22.66 -19.23 27.09
N LEU B 287 -21.92 -19.39 28.18
CA LEU B 287 -22.07 -20.60 29.01
C LEU B 287 -23.19 -20.45 30.02
N GLU B 288 -23.97 -21.53 30.19
CA GLU B 288 -25.07 -21.59 31.15
C GLU B 288 -24.67 -21.22 32.58
N SER B 289 -23.44 -21.58 32.95
CA SER B 289 -22.91 -21.34 34.28
C SER B 289 -22.48 -19.88 34.50
N PHE B 290 -22.29 -19.12 33.42
CA PHE B 290 -21.80 -17.76 33.59
C PHE B 290 -22.86 -16.79 34.12
N PRO B 291 -22.53 -16.02 35.16
CA PRO B 291 -23.45 -15.01 35.72
C PRO B 291 -23.77 -13.93 34.69
N GLY B 292 -25.05 -13.65 34.49
CA GLY B 292 -25.41 -12.70 33.43
C GLY B 292 -25.45 -13.29 32.02
N HIS B 293 -25.45 -14.62 31.92
CA HIS B 293 -25.68 -15.27 30.64
C HIS B 293 -27.06 -14.92 30.14
N ASP B 294 -28.04 -14.89 31.06
CA ASP B 294 -29.42 -14.57 30.71
C ASP B 294 -29.52 -13.17 30.06
N ILE B 295 -28.86 -12.17 30.66
CA ILE B 295 -28.79 -10.84 30.05
C ILE B 295 -28.11 -10.84 28.66
N ALA B 296 -26.99 -11.55 28.53
CA ALA B 296 -26.21 -11.52 27.28
C ALA B 296 -26.95 -12.21 26.14
N LYS B 297 -27.76 -13.22 26.47
CA LYS B 297 -28.53 -13.96 25.47
C LYS B 297 -29.73 -13.15 24.95
N LYS B 298 -30.35 -12.38 25.85
CA LYS B 298 -31.47 -11.50 25.51
C LYS B 298 -30.98 -10.26 24.73
N GLN B 299 -29.88 -9.65 25.13
CA GLN B 299 -29.49 -8.34 24.56
C GLN B 299 -28.50 -8.42 23.40
N MET B 300 -27.96 -9.61 23.17
CA MET B 300 -27.11 -9.84 22.01
C MET B 300 -27.68 -10.98 21.16
N THR B 301 -27.23 -11.05 19.90
CA THR B 301 -27.72 -12.08 18.97
C THR B 301 -26.64 -13.12 18.70
N GLY B 302 -25.55 -13.04 19.45
CA GLY B 302 -24.45 -13.99 19.30
C GLY B 302 -23.36 -13.66 20.29
N TYR B 303 -22.19 -14.29 20.17
CA TYR B 303 -21.08 -14.01 21.08
C TYR B 303 -19.75 -13.92 20.36
N GLY B 304 -18.89 -13.00 20.79
CA GLY B 304 -17.48 -13.00 20.38
C GLY B 304 -16.82 -14.26 20.91
N SER B 305 -15.57 -14.49 20.54
CA SER B 305 -14.91 -15.75 20.92
C SER B 305 -13.67 -15.50 21.78
N THR B 306 -13.62 -14.34 22.43
CA THR B 306 -12.55 -14.01 23.37
C THR B 306 -13.05 -14.11 24.81
N PHE B 307 -12.32 -14.83 25.64
CA PHE B 307 -12.77 -15.10 27.00
C PHE B 307 -11.63 -15.58 27.85
N LEU B 308 -11.85 -15.63 29.16
CA LEU B 308 -10.78 -16.09 30.04
C LEU B 308 -11.19 -17.29 30.87
N PHE B 309 -10.17 -18.03 31.30
CA PHE B 309 -10.42 -19.19 32.15
C PHE B 309 -9.34 -19.24 33.22
N GLU B 310 -9.61 -19.99 34.29
CA GLU B 310 -8.76 -19.98 35.47
C GLU B 310 -8.01 -21.31 35.63
N MET B 311 -6.70 -21.22 35.80
CA MET B 311 -5.89 -22.41 36.10
C MET B 311 -5.75 -22.54 37.61
N LYS B 312 -5.26 -23.71 38.05
CA LYS B 312 -5.07 -23.96 39.48
C LYS B 312 -3.90 -23.19 40.09
N SER B 313 -2.93 -22.78 39.26
CA SER B 313 -1.79 -21.97 39.73
C SER B 313 -1.23 -21.14 38.59
N PHE B 314 -0.33 -20.21 38.91
CA PHE B 314 0.36 -19.41 37.90
C PHE B 314 1.31 -20.28 37.07
N GLU B 315 1.99 -21.19 37.76
CA GLU B 315 2.87 -22.18 37.14
C GLU B 315 2.15 -23.01 36.06
N ALA B 316 0.94 -23.48 36.41
CA ALA B 316 0.05 -24.19 35.47
C ALA B 316 -0.26 -23.34 34.23
N ALA B 317 -0.63 -22.08 34.44
CA ALA B 317 -0.96 -21.16 33.37
C ALA B 317 0.24 -20.95 32.43
N LYS B 318 1.39 -20.71 33.04
CA LYS B 318 2.65 -20.49 32.32
C LYS B 318 2.96 -21.72 31.46
N LYS B 319 2.77 -22.91 32.03
CA LYS B 319 3.00 -24.18 31.32
C LYS B 319 2.11 -24.32 30.10
N LEU B 320 0.81 -24.06 30.27
CA LEU B 320 -0.16 -24.10 29.19
C LEU B 320 0.18 -23.10 28.11
N MET B 321 0.39 -21.84 28.51
CA MET B 321 0.66 -20.76 27.56
C MET B 321 1.93 -20.97 26.74
N GLU B 322 2.91 -21.69 27.32
CA GLU B 322 4.19 -21.84 26.67
C GLU B 322 4.42 -23.18 25.93
N HIS B 323 3.41 -24.06 25.93
CA HIS B 323 3.52 -25.32 25.17
C HIS B 323 2.48 -25.51 24.06
N LEU B 324 1.90 -24.40 23.62
CA LEU B 324 0.91 -24.42 22.55
C LEU B 324 1.61 -24.36 21.21
N LYS B 325 1.15 -25.15 20.25
CA LYS B 325 1.78 -25.18 18.91
C LYS B 325 1.02 -24.41 17.84
N VAL B 326 -0.29 -24.28 18.02
CA VAL B 326 -1.14 -23.61 17.04
C VAL B 326 -1.44 -22.19 17.55
N CYS B 327 -1.98 -22.09 18.76
CA CYS B 327 -2.21 -20.80 19.41
C CYS B 327 -0.91 -20.03 19.56
N THR B 328 -0.99 -18.71 19.37
CA THR B 328 0.15 -17.80 19.43
C THR B 328 0.06 -16.92 20.69
N LEU B 329 1.18 -16.84 21.41
CA LEU B 329 1.30 -15.97 22.57
C LEU B 329 1.49 -14.54 22.10
N ALA B 330 0.46 -13.72 22.33
CA ALA B 330 0.44 -12.33 21.86
C ALA B 330 -0.76 -11.66 22.48
N VAL B 331 -0.70 -10.34 22.65
CA VAL B 331 -1.87 -9.58 23.03
C VAL B 331 -2.72 -9.30 21.76
N SER B 332 -3.83 -8.56 21.93
CA SER B 332 -4.83 -8.32 20.89
C SER B 332 -5.80 -9.50 20.81
N LEU B 333 -6.86 -9.34 20.03
CA LEU B 333 -7.90 -10.36 19.92
C LEU B 333 -8.66 -10.16 18.61
N GLY B 334 -9.48 -11.16 18.27
CA GLY B 334 -10.41 -11.03 17.14
C GLY B 334 -9.77 -11.19 15.78
N CYS B 335 -8.56 -11.75 15.77
CA CYS B 335 -7.87 -12.09 14.53
CA CYS B 335 -7.87 -12.08 14.54
C CYS B 335 -8.37 -13.46 14.02
N VAL B 336 -8.10 -13.75 12.75
CA VAL B 336 -8.49 -15.03 12.15
C VAL B 336 -7.82 -16.22 12.81
N ASP B 337 -6.62 -16.03 13.34
CA ASP B 337 -5.93 -17.08 14.04
C ASP B 337 -6.02 -16.89 15.56
N THR B 338 -5.82 -17.98 16.29
CA THR B 338 -5.99 -18.03 17.74
C THR B 338 -4.83 -17.41 18.53
N LEU B 339 -5.21 -16.48 19.40
CA LEU B 339 -4.26 -15.76 20.26
C LEU B 339 -4.48 -16.12 21.74
N ILE B 340 -3.42 -16.04 22.53
CA ILE B 340 -3.52 -16.31 23.95
C ILE B 340 -2.61 -15.37 24.74
N GLU B 341 -3.07 -14.90 25.89
CA GLU B 341 -2.25 -14.03 26.74
C GLU B 341 -2.52 -14.15 28.23
N HIS B 342 -1.68 -13.48 29.02
CA HIS B 342 -1.77 -13.51 30.50
C HIS B 342 -2.13 -12.12 30.99
N PRO B 343 -3.42 -11.86 31.28
CA PRO B 343 -3.81 -10.47 31.57
C PRO B 343 -3.07 -9.82 32.76
N ALA B 344 -2.80 -10.59 33.82
CA ALA B 344 -2.17 -10.01 35.02
C ALA B 344 -0.83 -9.33 34.72
N SER B 345 -0.04 -9.91 33.81
CA SER B 345 1.31 -9.40 33.52
C SER B 345 1.48 -8.81 32.12
N MET B 346 0.42 -8.85 31.33
CA MET B 346 0.43 -8.29 29.99
C MET B 346 -0.64 -7.18 29.85
N THR B 347 -1.84 -7.52 29.37
CA THR B 347 -2.82 -6.47 28.99
C THR B 347 -3.29 -5.55 30.12
N HIS B 348 -3.31 -6.07 31.33
CA HIS B 348 -3.89 -5.36 32.47
C HIS B 348 -2.89 -5.16 33.59
N ALA B 349 -1.61 -5.38 33.28
CA ALA B 349 -0.50 -5.14 34.22
C ALA B 349 -0.41 -3.70 34.75
N ALA B 350 -0.78 -2.71 33.92
CA ALA B 350 -0.70 -1.27 34.30
C ALA B 350 -1.93 -0.71 35.06
N VAL B 351 -3.02 -1.50 35.12
CA VAL B 351 -4.20 -1.13 35.88
C VAL B 351 -3.80 -0.93 37.37
N PRO B 352 -4.15 0.24 37.98
CA PRO B 352 -3.86 0.50 39.40
C PRO B 352 -4.37 -0.64 40.32
N GLU B 353 -3.59 -0.97 41.35
CA GLU B 353 -3.89 -2.15 42.20
C GLU B 353 -5.33 -2.22 42.74
N ASN B 354 -5.84 -1.07 43.21
CA ASN B 354 -7.24 -0.93 43.66
C ASN B 354 -8.27 -1.36 42.61
N ILE B 355 -8.07 -0.92 41.36
CA ILE B 355 -8.93 -1.33 40.24
C ILE B 355 -8.68 -2.80 39.84
N MET B 356 -7.42 -3.26 39.95
CA MET B 356 -7.03 -4.67 39.74
C MET B 356 -7.88 -5.64 40.57
N ARG B 357 -7.97 -5.34 41.87
CA ARG B 357 -8.77 -6.08 42.84
C ARG B 357 -10.24 -6.11 42.43
N LYS B 358 -10.79 -4.92 42.23
CA LYS B 358 -12.19 -4.75 41.82
C LYS B 358 -12.52 -5.43 40.48
N GLN B 359 -11.51 -5.62 39.63
CA GLN B 359 -11.66 -6.34 38.36
C GLN B 359 -11.63 -7.87 38.48
N GLY B 360 -11.09 -8.40 39.58
CA GLY B 360 -10.97 -9.85 39.77
C GLY B 360 -9.97 -10.53 38.85
N ILE B 361 -8.89 -9.83 38.54
CA ILE B 361 -7.85 -10.40 37.70
C ILE B 361 -6.70 -10.94 38.55
N THR B 362 -6.36 -12.21 38.36
CA THR B 362 -5.33 -12.85 39.17
C THR B 362 -4.28 -13.53 38.29
N PRO B 363 -3.14 -13.95 38.87
CA PRO B 363 -2.08 -14.53 38.03
C PRO B 363 -2.45 -15.91 37.48
N GLU B 364 -3.55 -16.49 37.96
CA GLU B 364 -4.02 -17.81 37.49
C GLU B 364 -4.92 -17.77 36.25
N LEU B 365 -5.28 -16.55 35.81
CA LEU B 365 -6.16 -16.38 34.62
C LEU B 365 -5.41 -16.33 33.29
N VAL B 366 -6.01 -16.98 32.28
CA VAL B 366 -5.49 -16.97 30.91
C VAL B 366 -6.61 -16.48 29.99
N ARG B 367 -6.30 -15.51 29.12
CA ARG B 367 -7.26 -15.03 28.11
C ARG B 367 -6.95 -15.64 26.74
N ILE B 368 -7.96 -16.22 26.11
CA ILE B 368 -7.83 -16.78 24.77
C ILE B 368 -8.80 -16.10 23.80
N SER B 369 -8.31 -15.87 22.58
CA SER B 369 -9.10 -15.31 21.50
C SER B 369 -9.18 -16.36 20.39
N VAL B 370 -10.30 -17.08 20.34
CA VAL B 370 -10.42 -18.23 19.45
C VAL B 370 -10.63 -17.77 18.02
N GLY B 371 -9.74 -18.23 17.12
CA GLY B 371 -9.83 -17.87 15.71
C GLY B 371 -10.78 -18.76 14.91
N ILE B 372 -10.57 -18.77 13.60
CA ILE B 372 -11.46 -19.48 12.68
C ILE B 372 -10.82 -20.75 12.11
N GLU B 373 -9.72 -21.20 12.73
CA GLU B 373 -9.16 -22.56 12.48
C GLU B 373 -10.23 -23.62 12.70
N ASN B 374 -10.02 -24.81 12.13
CA ASN B 374 -10.77 -26.01 12.55
C ASN B 374 -10.72 -26.08 14.09
N VAL B 375 -11.89 -26.05 14.77
CA VAL B 375 -11.91 -26.07 16.24
C VAL B 375 -11.12 -27.26 16.74
N ASP B 376 -11.16 -28.35 15.97
CA ASP B 376 -10.59 -29.61 16.44
C ASP B 376 -9.10 -29.44 16.56
N ASP B 377 -8.54 -28.54 15.78
CA ASP B 377 -7.13 -28.24 15.91
C ASP B 377 -6.84 -27.43 17.15
N ILE B 378 -7.70 -26.46 17.46
CA ILE B 378 -7.51 -25.64 18.67
C ILE B 378 -7.68 -26.49 19.93
N ILE B 379 -8.70 -27.35 19.94
CA ILE B 379 -8.94 -28.22 21.09
C ILE B 379 -7.77 -29.21 21.26
N ALA B 380 -7.30 -29.79 20.17
CA ALA B 380 -6.20 -30.75 20.25
C ALA B 380 -4.93 -30.03 20.74
N ASP B 381 -4.71 -28.81 20.29
CA ASP B 381 -3.57 -28.02 20.78
C ASP B 381 -3.61 -27.84 22.30
N LEU B 382 -4.77 -27.40 22.80
CA LEU B 382 -4.95 -27.18 24.23
C LEU B 382 -4.84 -28.50 25.00
N LYS B 383 -5.38 -29.56 24.41
CA LYS B 383 -5.42 -30.85 25.09
C LYS B 383 -3.99 -31.40 25.29
N GLN B 384 -3.26 -31.38 24.18
CA GLN B 384 -1.83 -31.58 24.05
C GLN B 384 -1.08 -30.91 25.20
N ALA B 385 -1.27 -29.59 25.36
CA ALA B 385 -0.57 -28.77 26.36
C ALA B 385 -0.99 -29.09 27.79
N LEU B 386 -2.29 -29.22 28.02
CA LEU B 386 -2.82 -29.54 29.36
C LEU B 386 -2.31 -30.84 30.00
N GLU B 387 -1.76 -31.75 29.20
CA GLU B 387 -1.21 -32.99 29.74
C GLU B 387 0.32 -32.93 29.72
N LEU B 388 0.93 -32.86 30.91
CA LEU B 388 2.38 -32.66 31.06
C LEU B 388 2.74 -32.56 32.55
N ALA C 3 31.84 16.94 9.54
CA ALA C 3 30.41 16.65 9.90
C ALA C 3 29.60 16.22 8.67
N GLN C 4 29.02 15.02 8.72
CA GLN C 4 28.22 14.45 7.64
C GLN C 4 27.04 15.38 7.26
N ASP C 5 26.79 15.57 5.97
CA ASP C 5 25.68 16.41 5.52
C ASP C 5 24.34 15.74 5.84
N ILE C 6 23.34 16.58 6.13
CA ILE C 6 21.96 16.06 6.39
C ILE C 6 21.45 15.19 5.21
N THR C 7 21.81 15.56 3.99
CA THR C 7 21.45 14.76 2.82
C THR C 7 21.92 13.30 3.06
N THR C 8 23.18 13.13 3.50
CA THR C 8 23.72 11.81 3.74
C THR C 8 23.05 11.08 4.91
N THR C 9 22.88 11.78 6.03
CA THR C 9 22.23 11.27 7.25
C THR C 9 20.86 10.68 7.01
N LEU C 10 20.04 11.39 6.25
CA LEU C 10 18.67 10.97 5.95
C LEU C 10 18.64 9.74 5.03
N LEU C 11 19.66 9.59 4.18
CA LEU C 11 19.80 8.42 3.29
C LEU C 11 20.42 7.22 4.01
N HIS C 12 21.02 7.48 5.18
CA HIS C 12 21.72 6.43 5.96
C HIS C 12 21.26 6.36 7.43
N PRO C 13 19.97 6.07 7.66
CA PRO C 13 19.46 6.12 9.05
C PRO C 13 20.06 4.97 9.88
N LYS C 14 20.22 5.17 11.19
CA LYS C 14 20.78 4.11 12.05
C LYS C 14 19.83 2.91 12.13
N GLY C 15 20.33 1.74 12.52
CA GLY C 15 19.48 0.56 12.71
C GLY C 15 19.90 -0.56 11.77
N ASP C 16 19.65 -1.80 12.17
CA ASP C 16 20.00 -2.92 11.30
C ASP C 16 18.95 -3.05 10.22
N HIS C 17 19.33 -3.66 9.08
CA HIS C 17 18.37 -4.01 8.06
C HIS C 17 17.53 -5.16 8.58
N VAL C 18 16.32 -5.31 8.06
CA VAL C 18 15.43 -6.42 8.42
C VAL C 18 15.48 -7.46 7.29
N LEU C 19 15.94 -8.66 7.63
CA LEU C 19 16.15 -9.75 6.65
C LEU C 19 17.01 -9.27 5.45
N HIS C 20 18.02 -8.46 5.75
CA HIS C 20 18.91 -7.88 4.72
C HIS C 20 18.22 -6.99 3.67
N SER C 21 16.95 -6.64 3.91
CA SER C 21 16.24 -5.76 2.99
C SER C 21 16.91 -4.36 2.92
N HIS C 22 17.14 -3.88 1.69
CA HIS C 22 17.72 -2.54 1.50
C HIS C 22 16.66 -1.47 1.90
N ALA C 23 15.45 -1.53 1.35
CA ALA C 23 14.41 -0.65 1.87
C ALA C 23 13.86 -1.23 3.18
N TYR C 24 13.46 -0.36 4.10
CA TYR C 24 12.93 -0.79 5.36
C TYR C 24 11.48 -1.32 5.17
N PRO C 25 11.19 -2.56 5.65
CA PRO C 25 9.91 -3.16 5.32
C PRO C 25 8.72 -2.42 5.93
N ILE C 26 7.54 -2.67 5.38
CA ILE C 26 6.30 -2.11 5.89
C ILE C 26 5.70 -3.16 6.83
N PHE C 27 5.67 -2.82 8.11
CA PHE C 27 5.14 -3.70 9.14
C PHE C 27 3.66 -3.44 9.31
N GLN C 28 2.90 -3.90 8.33
CA GLN C 28 1.45 -3.83 8.34
C GLN C 28 0.92 -4.93 9.25
N THR C 29 0.99 -4.69 10.56
CA THR C 29 0.63 -5.68 11.56
C THR C 29 0.00 -4.92 12.72
N SER C 30 -0.87 -5.60 13.45
CA SER C 30 -1.41 -4.99 14.64
C SER C 30 -0.62 -5.46 15.88
N THR C 31 -0.34 -6.75 15.97
CA THR C 31 0.37 -7.27 17.14
C THR C 31 1.71 -7.93 16.84
N PHE C 32 2.41 -8.34 17.91
CA PHE C 32 3.72 -8.97 17.84
C PHE C 32 3.70 -10.19 18.73
N CYS C 33 4.49 -11.23 18.40
CA CYS C 33 4.50 -12.48 19.15
CA CYS C 33 4.47 -12.46 19.18
C CYS C 33 5.54 -12.48 20.27
N PHE C 34 5.24 -13.18 21.36
CA PHE C 34 6.17 -13.31 22.45
C PHE C 34 6.83 -14.69 22.42
N ASP C 35 8.07 -14.76 22.89
CA ASP C 35 8.77 -16.02 22.98
C ASP C 35 8.32 -16.83 24.19
N SER C 36 7.89 -16.15 25.24
CA SER C 36 7.58 -16.79 26.54
C SER C 36 6.75 -15.81 27.35
N THR C 37 6.12 -16.30 28.42
CA THR C 37 5.42 -15.39 29.35
C THR C 37 6.34 -14.28 29.89
N GLN C 38 7.56 -14.65 30.32
CA GLN C 38 8.54 -13.72 30.90
C GLN C 38 8.97 -12.63 29.90
N GLN C 39 9.29 -13.04 28.68
CA GLN C 39 9.68 -12.07 27.63
C GLN C 39 8.58 -11.06 27.38
N GLY C 40 7.32 -11.53 27.29
CA GLY C 40 6.15 -10.63 27.18
C GLY C 40 5.95 -9.73 28.40
N ALA C 41 5.94 -10.34 29.59
CA ALA C 41 5.86 -9.59 30.86
C ALA C 41 6.92 -8.49 30.96
N ASP C 42 8.16 -8.83 30.62
CA ASP C 42 9.27 -7.86 30.63
C ASP C 42 9.08 -6.67 29.68
N LEU C 43 8.63 -6.93 28.46
CA LEU C 43 8.42 -5.85 27.49
C LEU C 43 7.35 -4.91 28.01
N PHE C 44 6.34 -5.46 28.67
CA PHE C 44 5.32 -4.62 29.30
C PHE C 44 5.88 -3.75 30.44
N MET C 45 6.96 -4.22 31.10
CA MET C 45 7.66 -3.46 32.14
CA MET C 45 7.63 -3.43 32.14
C MET C 45 8.76 -2.57 31.57
N GLY C 46 8.97 -2.65 30.25
CA GLY C 46 10.01 -1.85 29.61
C GLY C 46 11.42 -2.43 29.71
N LYS C 47 11.50 -3.71 30.06
CA LYS C 47 12.77 -4.43 30.13
C LYS C 47 12.99 -5.18 28.83
N GLY C 48 14.20 -5.07 28.28
CA GLY C 48 14.57 -5.77 27.07
C GLY C 48 14.14 -5.03 25.82
N GLU C 49 14.50 -5.58 24.66
CA GLU C 49 14.27 -4.95 23.39
C GLU C 49 13.24 -5.76 22.62
N GLY C 50 12.37 -5.10 21.88
CA GLY C 50 11.28 -5.83 21.21
C GLY C 50 10.00 -5.02 21.11
N HIS C 51 8.99 -5.61 20.48
CA HIS C 51 7.73 -4.91 20.23
C HIS C 51 6.57 -5.71 20.84
N ILE C 52 5.45 -5.03 21.07
CA ILE C 52 4.28 -5.61 21.70
C ILE C 52 3.06 -5.45 20.80
N TYR C 53 2.82 -4.20 20.35
CA TYR C 53 1.57 -3.90 19.68
C TYR C 53 1.76 -2.57 18.99
N SER C 54 1.25 -2.44 17.76
CA SER C 54 1.64 -1.28 16.90
C SER C 54 1.30 0.09 17.49
N ARG C 55 0.23 0.17 18.27
CA ARG C 55 -0.08 1.46 18.93
C ARG C 55 1.04 1.89 19.91
N LEU C 56 1.66 0.92 20.60
CA LEU C 56 2.79 1.24 21.48
C LEU C 56 4.07 1.46 20.67
N GLY C 57 4.22 0.75 19.56
CA GLY C 57 5.39 0.95 18.74
C GLY C 57 5.39 0.02 17.54
N ASN C 58 5.62 0.60 16.37
CA ASN C 58 5.65 -0.17 15.13
C ASN C 58 7.03 0.10 14.49
N PRO C 59 7.74 -0.96 14.04
CA PRO C 59 9.09 -0.74 13.50
C PRO C 59 9.16 0.26 12.33
N THR C 60 8.21 0.22 11.40
CA THR C 60 8.24 1.14 10.27
C THR C 60 8.04 2.59 10.74
N VAL C 61 7.10 2.78 11.65
CA VAL C 61 6.85 4.12 12.21
C VAL C 61 8.12 4.67 12.97
N GLU C 62 8.70 3.81 13.81
CA GLU C 62 9.91 4.13 14.57
C GLU C 62 11.09 4.52 13.66
N GLN C 63 11.24 3.86 12.51
CA GLN C 63 12.25 4.25 11.51
CA GLN C 63 12.28 4.26 11.55
C GLN C 63 12.10 5.71 11.09
N PHE C 64 10.86 6.09 10.78
CA PHE C 64 10.56 7.48 10.40
C PHE C 64 10.83 8.45 11.57
N GLU C 65 10.43 8.05 12.77
CA GLU C 65 10.68 8.88 13.97
C GLU C 65 12.16 9.13 14.16
N GLU C 66 12.98 8.09 13.98
CA GLU C 66 14.44 8.26 14.11
CA GLU C 66 14.42 8.21 14.08
C GLU C 66 14.98 9.22 13.07
N MET C 67 14.42 9.22 11.86
CA MET C 67 14.90 10.15 10.83
C MET C 67 14.63 11.60 11.26
N VAL C 68 13.40 11.86 11.72
CA VAL C 68 13.06 13.21 12.17
C VAL C 68 13.89 13.60 13.40
N CYS C 69 14.03 12.67 14.35
CA CYS C 69 14.80 12.94 15.54
C CYS C 69 16.21 13.37 15.17
N SER C 70 16.79 12.69 14.17
CA SER C 70 18.15 12.99 13.67
C SER C 70 18.29 14.40 13.12
N ILE C 71 17.29 14.91 12.44
CA ILE C 71 17.48 16.25 11.86
C ILE C 71 17.15 17.35 12.87
N GLU C 72 16.24 17.05 13.81
CA GLU C 72 15.87 18.03 14.88
C GLU C 72 16.93 18.15 15.97
N GLY C 73 17.76 17.13 16.11
CA GLY C 73 18.75 17.09 17.21
C GLY C 73 18.03 16.81 18.55
N ALA C 74 16.96 16.01 18.52
CA ALA C 74 16.07 15.79 19.70
C ALA C 74 16.49 14.59 20.55
N ALA C 75 15.87 14.42 21.72
CA ALA C 75 16.08 13.22 22.55
C ALA C 75 15.20 12.08 21.97
N GLY C 76 14.09 12.42 21.31
CA GLY C 76 13.21 11.42 20.70
C GLY C 76 12.12 12.09 19.87
N SER C 77 11.52 11.37 18.92
CA SER C 77 10.39 11.89 18.14
C SER C 77 9.19 10.94 18.19
N ALA C 78 7.98 11.48 18.03
CA ALA C 78 6.77 10.67 18.03
C ALA C 78 6.00 11.03 16.75
N ALA C 79 5.60 10.01 15.96
CA ALA C 79 4.76 10.23 14.78
C ALA C 79 3.28 10.09 15.08
N PHE C 80 2.44 10.78 14.32
CA PHE C 80 0.97 10.86 14.54
C PHE C 80 0.22 10.72 13.22
N GLY C 81 -1.10 10.50 13.31
CA GLY C 81 -1.99 10.39 12.15
C GLY C 81 -2.14 11.73 11.43
N SER C 82 -1.72 12.83 12.05
CA SER C 82 -1.85 14.18 11.47
C SER C 82 -1.05 15.21 12.27
N GLY C 83 -0.73 16.35 11.65
CA GLY C 83 -0.19 17.51 12.39
C GLY C 83 -1.06 17.85 13.60
N MET C 84 -2.38 17.85 13.44
CA MET C 84 -3.27 18.15 14.58
C MET C 84 -3.09 17.13 15.73
N GLY C 85 -2.82 15.86 15.39
CA GLY C 85 -2.49 14.85 16.39
C GLY C 85 -1.22 15.20 17.14
N ALA C 86 -0.22 15.67 16.41
CA ALA C 86 1.02 16.10 17.04
C ALA C 86 0.82 17.35 17.92
N ILE C 87 -0.01 18.29 17.44
CA ILE C 87 -0.26 19.54 18.17
C ILE C 87 -1.04 19.26 19.46
N SER C 88 -2.13 18.51 19.35
CA SER C 88 -2.89 18.05 20.53
C SER C 88 -2.02 17.31 21.53
N SER C 89 -1.18 16.42 21.01
CA SER C 89 -0.42 15.56 21.91
C SER C 89 0.75 16.31 22.52
N SER C 90 1.16 17.43 21.92
CA SER C 90 2.28 18.19 22.41
C SER C 90 1.86 19.31 23.40
N THR C 91 0.56 19.54 23.54
CA THR C 91 0.05 20.59 24.39
C THR C 91 -0.73 19.93 25.53
N LEU C 92 -1.70 19.08 25.18
CA LEU C 92 -2.53 18.44 26.19
C LEU C 92 -1.85 17.29 26.95
N ALA C 93 -0.70 16.83 26.49
CA ALA C 93 0.05 15.85 27.29
C ALA C 93 0.65 16.52 28.54
N PHE C 94 0.79 17.86 28.48
CA PHE C 94 1.36 18.63 29.59
C PHE C 94 0.42 19.57 30.36
N LEU C 95 -0.50 20.22 29.66
CA LEU C 95 -1.36 21.24 30.24
C LEU C 95 -2.53 20.59 30.96
N GLN C 96 -2.84 21.10 32.14
CA GLN C 96 -4.00 20.58 32.88
C GLN C 96 -4.84 21.71 33.44
N LYS C 97 -6.03 21.38 33.93
CA LYS C 97 -6.93 22.32 34.52
C LYS C 97 -6.14 23.24 35.49
N GLY C 98 -6.30 24.56 35.35
CA GLY C 98 -5.60 25.52 36.22
C GLY C 98 -4.32 26.11 35.58
N ASP C 99 -3.80 25.46 34.53
CA ASP C 99 -2.63 25.94 33.79
C ASP C 99 -3.02 27.03 32.79
N HIS C 100 -2.02 27.82 32.41
CA HIS C 100 -2.22 28.88 31.42
C HIS C 100 -1.26 28.68 30.24
N LEU C 101 -1.81 28.83 29.04
CA LEU C 101 -1.07 28.80 27.79
C LEU C 101 -1.09 30.18 27.12
N ILE C 102 0.07 30.62 26.64
CA ILE C 102 0.13 31.79 25.79
C ILE C 102 0.40 31.22 24.40
N ALA C 103 -0.40 31.57 23.40
CA ALA C 103 -0.10 31.11 22.02
C ALA C 103 -0.14 32.31 21.07
N GLY C 104 0.50 32.21 19.91
CA GLY C 104 0.44 33.25 18.89
C GLY C 104 -0.98 33.53 18.44
N ASP C 105 -1.22 34.76 18.00
CA ASP C 105 -2.52 35.14 17.51
C ASP C 105 -2.74 34.77 16.02
N THR C 106 -1.70 34.37 15.31
CA THR C 106 -1.81 33.99 13.91
C THR C 106 -1.34 32.58 13.82
N LEU C 107 -2.31 31.68 13.87
CA LEU C 107 -1.98 30.26 13.84
C LEU C 107 -2.77 29.62 12.73
N TYR C 108 -2.29 28.47 12.30
CA TYR C 108 -3.06 27.55 11.52
C TYR C 108 -4.49 27.40 12.09
N GLY C 109 -5.51 27.43 11.20
CA GLY C 109 -6.93 27.53 11.63
C GLY C 109 -7.36 26.49 12.64
N CYS C 110 -6.97 25.23 12.43
CA CYS C 110 -7.46 24.16 13.35
C CYS C 110 -6.73 24.23 14.67
N THR C 111 -5.53 24.80 14.67
CA THR C 111 -4.86 25.11 15.94
C THR C 111 -5.64 26.15 16.75
N VAL C 112 -6.11 27.21 16.09
CA VAL C 112 -7.01 28.14 16.77
C VAL C 112 -8.23 27.40 17.32
N SER C 113 -8.77 26.48 16.53
CA SER C 113 -9.96 25.77 16.95
C SER C 113 -9.68 24.95 18.21
N LEU C 114 -8.56 24.23 18.22
CA LEU C 114 -8.15 23.41 19.36
C LEU C 114 -8.00 24.27 20.62
N PHE C 115 -7.26 25.38 20.49
CA PHE C 115 -6.88 26.25 21.62
C PHE C 115 -8.05 27.06 22.13
N THR C 116 -8.95 27.45 21.22
CA THR C 116 -10.08 28.32 21.66
C THR C 116 -11.34 27.53 21.99
N HIS C 117 -11.54 26.37 21.38
CA HIS C 117 -12.76 25.59 21.70
C HIS C 117 -12.56 24.48 22.75
N TRP C 118 -11.56 23.62 22.54
CA TRP C 118 -11.37 22.45 23.39
C TRP C 118 -10.58 22.72 24.67
N LEU C 119 -9.43 23.38 24.57
CA LEU C 119 -8.62 23.63 25.79
C LEU C 119 -9.41 24.29 26.95
N PRO C 120 -10.17 25.38 26.67
CA PRO C 120 -10.94 25.97 27.78
C PRO C 120 -11.97 25.01 28.38
N ARG C 121 -12.54 24.09 27.58
CA ARG C 121 -13.47 23.08 28.14
C ARG C 121 -12.76 22.15 29.12
N PHE C 122 -11.44 22.08 29.03
CA PHE C 122 -10.66 21.28 29.97
C PHE C 122 -10.05 22.07 31.12
N GLY C 123 -10.49 23.32 31.30
CA GLY C 123 -10.10 24.13 32.47
C GLY C 123 -8.75 24.80 32.23
N ILE C 124 -8.29 24.75 30.98
CA ILE C 124 -7.01 25.38 30.61
C ILE C 124 -7.24 26.82 30.12
N GLU C 125 -6.52 27.77 30.70
CA GLU C 125 -6.67 29.17 30.36
C GLU C 125 -5.76 29.47 29.17
N VAL C 126 -6.28 30.19 28.16
CA VAL C 126 -5.55 30.41 26.93
C VAL C 126 -5.60 31.90 26.57
N ASP C 127 -4.45 32.49 26.25
CA ASP C 127 -4.46 33.80 25.61
C ASP C 127 -3.77 33.73 24.26
N LEU C 128 -4.38 34.31 23.24
CA LEU C 128 -3.74 34.45 21.93
C LEU C 128 -3.15 35.87 21.83
N ILE C 129 -1.85 35.98 21.63
CA ILE C 129 -1.06 37.21 21.87
C ILE C 129 -0.23 37.46 20.64
N ASP C 130 0.14 38.70 20.37
CA ASP C 130 1.02 38.97 19.27
C ASP C 130 2.43 38.59 19.70
N THR C 131 2.89 37.40 19.32
CA THR C 131 4.20 36.92 19.76
C THR C 131 5.37 37.53 18.98
N SER C 132 5.07 38.38 18.00
CA SER C 132 6.12 39.11 17.30
C SER C 132 6.72 40.21 18.20
N ASP C 133 6.10 40.47 19.35
CA ASP C 133 6.63 41.45 20.32
C ASP C 133 6.86 40.73 21.67
N VAL C 134 8.12 40.50 22.05
CA VAL C 134 8.42 39.79 23.31
C VAL C 134 7.84 40.52 24.56
N GLU C 135 7.73 41.84 24.49
CA GLU C 135 7.12 42.62 25.59
C GLU C 135 5.64 42.27 25.80
N LYS C 136 4.93 41.95 24.73
CA LYS C 136 3.53 41.59 24.83
C LYS C 136 3.39 40.17 25.43
N VAL C 137 4.33 39.30 25.08
CA VAL C 137 4.40 37.97 25.72
C VAL C 137 4.62 38.10 27.24
N LYS C 138 5.55 38.96 27.63
CA LYS C 138 5.84 39.17 29.05
C LYS C 138 4.63 39.76 29.78
N ALA C 139 3.94 40.70 29.13
CA ALA C 139 2.82 41.36 29.79
C ALA C 139 1.63 40.39 30.00
N ALA C 140 1.52 39.37 29.16
CA ALA C 140 0.46 38.33 29.25
C ALA C 140 0.81 37.20 30.23
N TRP C 141 2.06 37.19 30.72
CA TRP C 141 2.54 36.13 31.63
C TRP C 141 1.83 36.20 32.98
N LYS C 142 1.46 35.02 33.52
CA LYS C 142 0.80 34.91 34.81
C LYS C 142 1.55 33.88 35.69
N PRO C 143 1.28 33.87 37.01
CA PRO C 143 1.98 32.91 37.89
C PRO C 143 1.76 31.46 37.45
N ASN C 144 0.64 31.18 36.80
CA ASN C 144 0.34 29.81 36.34
C ASN C 144 0.65 29.53 34.86
N THR C 145 1.34 30.46 34.19
CA THR C 145 1.74 30.19 32.79
C THR C 145 2.67 28.97 32.74
N LYS C 146 2.29 27.96 31.96
CA LYS C 146 3.07 26.73 31.86
C LYS C 146 3.63 26.45 30.46
N MET C 147 3.15 27.19 29.48
CA MET C 147 3.54 26.90 28.10
C MET C 147 3.37 28.13 27.23
N VAL C 148 4.29 28.29 26.31
CA VAL C 148 4.15 29.22 25.17
C VAL C 148 4.20 28.36 23.89
N TYR C 149 3.26 28.60 22.98
CA TYR C 149 3.15 27.87 21.71
C TYR C 149 3.30 28.88 20.58
N LEU C 150 4.30 28.67 19.70
CA LEU C 150 4.59 29.61 18.61
C LEU C 150 4.53 28.92 17.26
N GLU C 151 4.14 29.69 16.24
CA GLU C 151 4.29 29.27 14.86
C GLU C 151 5.02 30.39 14.19
N SER C 152 6.22 30.17 13.66
CA SER C 152 6.93 31.25 12.99
C SER C 152 7.74 30.67 11.82
N PRO C 153 7.60 31.24 10.58
CA PRO C 153 6.68 32.29 10.18
C PRO C 153 5.26 31.73 10.26
N ALA C 154 4.29 32.59 10.60
CA ALA C 154 2.93 32.13 10.88
C ALA C 154 2.19 31.75 9.57
N ASN C 155 1.27 30.79 9.68
CA ASN C 155 0.44 30.40 8.55
C ASN C 155 -0.88 31.20 8.67
N PRO C 156 -1.20 32.07 7.69
CA PRO C 156 -0.61 32.25 6.37
C PRO C 156 0.20 33.52 6.15
N THR C 157 0.23 34.42 7.15
CA THR C 157 0.76 35.77 6.92
C THR C 157 2.29 35.89 7.01
N CYS C 158 2.94 34.80 7.42
CA CYS C 158 4.38 34.73 7.60
C CYS C 158 4.92 35.64 8.71
N LYS C 159 4.03 36.15 9.58
CA LYS C 159 4.46 36.94 10.72
C LYS C 159 5.56 36.23 11.50
N VAL C 160 6.67 36.93 11.72
CA VAL C 160 7.84 36.34 12.43
C VAL C 160 7.81 36.63 13.93
N SER C 161 8.07 35.60 14.75
CA SER C 161 8.30 35.76 16.19
C SER C 161 9.76 35.51 16.56
N ASP C 162 10.23 36.19 17.61
CA ASP C 162 11.58 36.01 18.14
C ASP C 162 11.57 34.77 19.03
N ILE C 163 11.88 33.62 18.43
CA ILE C 163 11.86 32.34 19.13
C ILE C 163 12.89 32.35 20.26
N LYS C 164 14.09 32.81 19.95
CA LYS C 164 15.20 32.78 20.88
C LYS C 164 14.92 33.67 22.10
N GLY C 165 14.36 34.85 21.87
CA GLY C 165 14.02 35.78 22.95
C GLY C 165 12.90 35.30 23.87
N ILE C 166 11.86 34.73 23.27
CA ILE C 166 10.73 34.18 24.03
C ILE C 166 11.23 32.95 24.83
N ALA C 167 12.09 32.12 24.21
CA ALA C 167 12.67 30.97 24.91
C ALA C 167 13.39 31.37 26.23
N VAL C 168 14.15 32.47 26.22
CA VAL C 168 14.79 32.98 27.46
C VAL C 168 13.76 33.14 28.57
N VAL C 169 12.64 33.81 28.27
CA VAL C 169 11.60 34.04 29.27
C VAL C 169 10.97 32.71 29.72
N CYS C 170 10.65 31.81 28.77
CA CYS C 170 10.18 30.47 29.14
C CYS C 170 11.16 29.77 30.10
N HIS C 171 12.46 29.82 29.76
CA HIS C 171 13.50 29.16 30.58
C HIS C 171 13.60 29.78 31.98
N GLU C 172 13.46 31.10 32.11
CA GLU C 172 13.56 31.74 33.40
C GLU C 172 12.36 31.45 34.29
N ARG C 173 11.23 31.11 33.68
CA ARG C 173 9.98 31.08 34.42
C ARG C 173 9.32 29.70 34.51
N GLY C 174 9.98 28.67 33.99
CA GLY C 174 9.49 27.32 34.09
C GLY C 174 8.33 27.03 33.15
N ALA C 175 8.31 27.66 31.98
CA ALA C 175 7.30 27.33 30.96
C ALA C 175 7.94 26.53 29.82
N ARG C 176 7.23 25.55 29.28
CA ARG C 176 7.72 24.85 28.07
C ARG C 176 7.48 25.72 26.83
N LEU C 177 8.43 25.72 25.90
CA LEU C 177 8.24 26.38 24.64
C LEU C 177 8.03 25.35 23.55
N VAL C 178 6.88 25.44 22.87
CA VAL C 178 6.53 24.52 21.79
C VAL C 178 6.53 25.32 20.49
N VAL C 179 7.20 24.83 19.45
CA VAL C 179 7.24 25.54 18.16
C VAL C 179 6.78 24.60 17.02
N ASP C 180 5.78 25.07 16.27
CA ASP C 180 5.32 24.41 15.04
C ASP C 180 6.15 25.01 13.91
N ALA C 181 7.05 24.21 13.35
CA ALA C 181 7.98 24.66 12.30
C ALA C 181 7.56 24.12 10.93
N THR C 182 6.30 23.75 10.79
CA THR C 182 5.75 23.21 9.54
C THR C 182 6.12 24.05 8.30
N PHE C 183 5.92 25.36 8.40
CA PHE C 183 6.04 26.28 7.25
C PHE C 183 7.46 26.35 6.67
N THR C 184 8.45 25.91 7.44
CA THR C 184 9.85 26.14 7.09
C THR C 184 10.61 24.86 6.86
N SER C 185 10.16 23.76 7.53
CA SER C 185 10.81 22.43 7.49
C SER C 185 12.03 22.40 8.38
N PRO C 186 12.40 21.20 8.85
CA PRO C 186 13.53 21.06 9.75
C PRO C 186 14.89 21.24 9.05
N CYS C 187 14.91 21.33 7.72
CA CYS C 187 16.16 21.76 7.04
C CYS C 187 16.58 23.17 7.37
N PHE C 188 15.60 24.06 7.58
CA PHE C 188 15.89 25.50 7.73
C PHE C 188 15.56 26.08 9.10
N LEU C 189 14.71 25.42 9.87
CA LEU C 189 14.38 25.90 11.21
C LEU C 189 14.49 24.74 12.15
N LYS C 190 15.34 24.88 13.18
CA LYS C 190 15.49 23.81 14.19
C LYS C 190 15.21 24.44 15.55
N PRO C 191 13.94 24.42 15.98
CA PRO C 191 13.60 25.18 17.18
C PRO C 191 14.36 24.71 18.39
N LEU C 192 14.73 23.42 18.43
CA LEU C 192 15.50 22.94 19.62
C LEU C 192 16.88 23.58 19.73
N GLU C 193 17.43 24.10 18.64
CA GLU C 193 18.69 24.85 18.73
C GLU C 193 18.45 26.30 19.16
N LEU C 194 17.18 26.73 19.15
CA LEU C 194 16.86 28.12 19.48
C LEU C 194 16.31 28.26 20.89
N GLY C 195 16.20 27.15 21.62
CA GLY C 195 15.70 27.19 22.98
C GLY C 195 14.34 26.52 23.18
N ALA C 196 13.68 26.08 22.12
CA ALA C 196 12.38 25.39 22.29
C ALA C 196 12.57 24.05 23.01
N ASP C 197 11.53 23.62 23.71
CA ASP C 197 11.51 22.32 24.35
C ASP C 197 10.94 21.25 23.43
N ILE C 198 10.03 21.67 22.54
CA ILE C 198 9.36 20.76 21.60
C ILE C 198 9.28 21.42 20.23
N ALA C 199 9.60 20.64 19.19
CA ALA C 199 9.50 21.11 17.81
C ALA C 199 8.56 20.15 17.09
N LEU C 200 7.55 20.67 16.39
CA LEU C 200 6.63 19.77 15.70
C LEU C 200 6.33 20.20 14.25
N HIS C 201 5.77 19.29 13.47
CA HIS C 201 5.41 19.55 12.09
C HIS C 201 4.15 18.80 11.71
N SER C 202 3.41 19.44 10.84
CA SER C 202 2.54 18.70 9.96
C SER C 202 3.40 18.07 8.90
N VAL C 203 3.59 16.76 8.98
CA VAL C 203 4.39 16.02 8.00
C VAL C 203 3.64 15.96 6.64
N SER C 204 2.32 16.15 6.66
CA SER C 204 1.47 16.33 5.49
C SER C 204 2.00 17.38 4.48
N1 LLP C 205 0.34 23.59 11.41
C2 LLP C 205 0.58 24.21 10.19
C2' LLP C 205 1.46 25.45 10.14
C3 LLP C 205 0.00 23.72 9.02
O3 LLP C 205 0.24 24.29 7.93
C4 LLP C 205 -0.82 22.57 9.07
C4' LLP C 205 -1.42 21.99 7.80
C5 LLP C 205 -1.08 21.96 10.32
C6 LLP C 205 -0.50 22.49 11.49
C5' LLP C 205 -1.97 20.76 10.44
OP4 LLP C 205 -1.50 19.46 9.97
P LLP C 205 -2.49 18.28 9.51
OP1 LLP C 205 -1.50 17.27 9.06
OP2 LLP C 205 -3.30 18.85 8.42
OP3 LLP C 205 -3.31 17.88 10.69
N LLP C 205 2.85 18.26 4.95
CA LLP C 205 3.32 19.39 4.14
CB LLP C 205 3.19 20.72 4.92
CG LLP C 205 1.85 20.92 5.70
CD LLP C 205 0.65 21.03 4.83
CE LLP C 205 -0.71 21.21 5.62
NZ LLP C 205 -0.76 22.33 6.67
C LLP C 205 4.71 19.08 3.57
O LLP C 205 4.85 18.07 2.85
N TYR C 206 5.75 19.87 3.89
CA TYR C 206 7.09 19.64 3.28
C TYR C 206 7.78 18.28 3.58
N ILE C 207 7.71 17.80 4.82
CA ILE C 207 8.55 16.66 5.17
C ILE C 207 8.25 15.47 4.24
N ASN C 208 6.97 15.12 4.10
CA ASN C 208 6.57 14.11 3.13
C ASN C 208 6.69 14.66 1.70
N GLY C 209 6.17 15.87 1.50
CA GLY C 209 6.40 16.57 0.25
C GLY C 209 5.61 16.17 -0.98
N HIS C 210 4.88 15.05 -0.96
CA HIS C 210 4.34 14.50 -2.19
C HIS C 210 2.81 14.54 -2.22
N GLY C 211 2.20 15.22 -1.23
CA GLY C 211 0.74 15.50 -1.25
C GLY C 211 -0.12 14.26 -1.14
N ASP C 212 0.41 13.21 -0.56
CA ASP C 212 -0.32 11.94 -0.60
C ASP C 212 -0.42 11.28 0.78
N VAL C 213 -0.04 12.00 1.83
CA VAL C 213 -0.13 11.49 3.20
C VAL C 213 -0.53 12.63 4.14
N ILE C 214 -1.38 12.32 5.12
CA ILE C 214 -1.60 13.21 6.25
C ILE C 214 -0.84 12.62 7.44
N GLY C 215 0.02 13.40 8.10
CA GLY C 215 0.67 12.89 9.30
C GLY C 215 1.32 14.03 10.07
N GLY C 216 1.76 13.73 11.28
CA GLY C 216 2.40 14.70 12.17
C GLY C 216 3.60 14.09 12.88
N VAL C 217 4.46 14.93 13.41
CA VAL C 217 5.58 14.45 14.20
C VAL C 217 5.87 15.54 15.24
N SER C 218 6.26 15.11 16.42
CA SER C 218 6.73 16.02 17.47
C SER C 218 8.02 15.49 18.06
N SER C 219 8.99 16.40 18.32
CA SER C 219 10.28 15.99 18.85
C SER C 219 10.60 16.80 20.10
N ALA C 220 11.12 16.16 21.13
CA ALA C 220 11.37 16.82 22.39
C ALA C 220 12.82 16.79 22.73
N LYS C 221 13.22 17.86 23.42
CA LYS C 221 14.59 18.04 23.86
C LYS C 221 14.98 17.01 24.98
N THR C 222 14.02 16.53 25.78
CA THR C 222 14.37 15.58 26.84
C THR C 222 13.64 14.24 26.73
N ALA C 223 14.27 13.20 27.25
CA ALA C 223 13.69 11.86 27.23
C ALA C 223 12.35 11.86 27.99
N GLU C 224 12.30 12.58 29.09
CA GLU C 224 11.09 12.62 29.86
C GLU C 224 9.92 13.19 29.06
N ASP C 225 10.16 14.23 28.27
CA ASP C 225 9.06 14.90 27.59
C ASP C 225 8.61 14.05 26.41
N ILE C 226 9.55 13.42 25.69
CA ILE C 226 9.08 12.54 24.62
C ILE C 226 8.31 11.32 25.16
N ALA C 227 8.73 10.81 26.32
CA ALA C 227 7.99 9.70 26.96
C ALA C 227 6.56 10.11 27.32
N THR C 228 6.39 11.33 27.83
CA THR C 228 5.06 11.81 28.23
C THR C 228 4.15 11.98 27.00
N ILE C 229 4.73 12.55 25.93
CA ILE C 229 4.02 12.70 24.65
C ILE C 229 3.54 11.33 24.13
N LYS C 230 4.45 10.36 24.11
CA LYS C 230 4.09 8.98 23.68
C LYS C 230 3.08 8.31 24.63
N PHE C 231 3.12 8.65 25.92
CA PHE C 231 2.14 8.14 26.89
C PHE C 231 0.75 8.72 26.54
N TYR C 232 0.70 10.00 26.21
CA TYR C 232 -0.55 10.62 25.80
C TYR C 232 -1.08 10.00 24.49
N ARG C 233 -0.19 9.81 23.53
CA ARG C 233 -0.50 9.18 22.24
C ARG C 233 -1.13 7.79 22.40
N LYS C 234 -0.61 7.00 23.35
CA LYS C 234 -1.13 5.64 23.62
C LYS C 234 -2.64 5.68 23.92
N ASP C 235 -3.06 6.72 24.66
CA ASP C 235 -4.44 6.81 25.13
C ASP C 235 -5.33 7.66 24.24
N ALA C 236 -4.75 8.64 23.56
CA ALA C 236 -5.49 9.52 22.64
C ALA C 236 -5.61 8.91 21.23
N GLY C 237 -4.61 8.14 20.82
CA GLY C 237 -4.70 7.24 19.67
C GLY C 237 -4.50 7.79 18.26
N SER C 238 -3.83 8.94 18.13
CA SER C 238 -3.47 9.49 16.83
C SER C 238 -2.16 8.89 16.34
N LEU C 239 -2.27 7.85 15.52
CA LEU C 239 -1.15 7.05 15.08
C LEU C 239 -0.83 7.26 13.62
N MET C 240 0.44 7.16 13.28
CA MET C 240 0.79 7.13 11.86
C MET C 240 0.69 5.68 11.42
N ALA C 241 -0.04 5.41 10.34
CA ALA C 241 -0.17 4.03 9.83
C ALA C 241 1.15 3.56 9.21
N PRO C 242 1.43 2.24 9.26
CA PRO C 242 2.71 1.75 8.73
C PRO C 242 2.94 2.16 7.26
N MET C 243 1.92 2.06 6.41
CA MET C 243 2.07 2.46 5.01
C MET C 243 2.43 3.96 4.93
N ASP C 244 1.74 4.77 5.74
CA ASP C 244 2.03 6.22 5.73
C ASP C 244 3.44 6.52 6.20
N ALA C 245 3.91 5.77 7.21
CA ALA C 245 5.32 5.95 7.65
C ALA C 245 6.33 5.57 6.57
N PHE C 246 6.07 4.47 5.86
CA PHE C 246 6.88 4.09 4.72
C PHE C 246 6.92 5.23 3.69
N LEU C 247 5.76 5.79 3.38
CA LEU C 247 5.69 6.91 2.43
C LEU C 247 6.38 8.17 2.95
N CYS C 248 6.23 8.49 4.26
CA CYS C 248 6.85 9.73 4.81
C CYS C 248 8.36 9.61 4.84
N ALA C 249 8.85 8.44 5.24
CA ALA C 249 10.32 8.21 5.21
C ALA C 249 10.82 8.29 3.78
N ARG C 250 10.09 7.71 2.83
CA ARG C 250 10.47 7.77 1.42
C ARG C 250 10.49 9.23 0.93
N GLY C 251 9.44 9.99 1.25
CA GLY C 251 9.39 11.42 0.85
C GLY C 251 10.59 12.17 1.48
N MET C 252 10.89 11.87 2.74
CA MET C 252 11.95 12.59 3.44
C MET C 252 13.36 12.31 2.88
N LYS C 253 13.56 11.19 2.17
CA LYS C 253 14.86 10.91 1.53
C LYS C 253 15.26 12.03 0.58
N THR C 254 14.29 12.76 0.00
CA THR C 254 14.63 13.92 -0.90
C THR C 254 14.35 15.27 -0.27
N LEU C 255 14.10 15.28 1.03
CA LEU C 255 13.74 16.55 1.69
C LEU C 255 14.78 17.69 1.49
N PRO C 256 16.09 17.42 1.75
CA PRO C 256 17.05 18.50 1.60
C PRO C 256 17.11 19.11 0.19
N ILE C 257 17.15 18.27 -0.86
CA ILE C 257 17.19 18.86 -2.20
C ILE C 257 15.87 19.54 -2.57
N ARG C 258 14.74 18.95 -2.16
CA ARG C 258 13.47 19.61 -2.44
C ARG C 258 13.41 20.98 -1.76
N MET C 259 13.84 21.05 -0.50
CA MET C 259 13.78 22.34 0.23
C MET C 259 14.67 23.38 -0.43
N GLN C 260 15.81 22.95 -0.97
CA GLN C 260 16.70 23.89 -1.66
C GLN C 260 15.98 24.54 -2.85
N ILE C 261 15.37 23.71 -3.68
CA ILE C 261 14.61 24.18 -4.83
C ILE C 261 13.38 25.02 -4.40
N HIS C 262 12.59 24.53 -3.44
CA HIS C 262 11.48 25.34 -2.89
C HIS C 262 12.01 26.73 -2.47
N MET C 263 13.06 26.74 -1.66
CA MET C 263 13.50 28.02 -1.14
C MET C 263 13.85 28.98 -2.27
N GLU C 264 14.60 28.48 -3.25
CA GLU C 264 15.11 29.36 -4.32
C GLU C 264 13.91 29.78 -5.22
N ASN C 265 13.05 28.82 -5.54
CA ASN C 265 11.88 29.13 -6.37
C ASN C 265 11.03 30.16 -5.66
N GLY C 266 10.75 29.92 -4.37
CA GLY C 266 9.88 30.80 -3.60
C GLY C 266 10.36 32.24 -3.58
N LEU C 267 11.67 32.44 -3.42
CA LEU C 267 12.23 33.77 -3.36
C LEU C 267 12.13 34.43 -4.72
N LYS C 268 12.38 33.68 -5.79
CA LYS C 268 12.27 34.27 -7.11
C LYS C 268 10.82 34.66 -7.47
N VAL C 269 9.86 33.83 -7.06
CA VAL C 269 8.46 34.14 -7.34
C VAL C 269 8.03 35.36 -6.53
N ALA C 270 8.46 35.44 -5.26
CA ALA C 270 8.19 36.64 -4.42
C ALA C 270 8.76 37.92 -5.03
N LYS C 271 9.98 37.85 -5.56
CA LYS C 271 10.56 39.05 -6.17
C LYS C 271 9.83 39.48 -7.43
N PHE C 272 9.51 38.52 -8.28
CA PHE C 272 8.67 38.77 -9.47
C PHE C 272 7.37 39.47 -9.07
N LEU C 273 6.66 38.91 -8.09
CA LEU C 273 5.41 39.48 -7.62
C LEU C 273 5.62 40.87 -7.00
N GLU C 274 6.69 41.03 -6.21
CA GLU C 274 6.90 42.31 -5.53
C GLU C 274 7.08 43.45 -6.52
N GLN C 275 7.69 43.16 -7.68
CA GLN C 275 7.88 44.18 -8.72
C GLN C 275 6.69 44.33 -9.69
N HIS C 276 5.69 43.46 -9.58
CA HIS C 276 4.56 43.52 -10.52
C HIS C 276 3.50 44.61 -10.15
N GLU C 277 3.10 45.39 -11.16
CA GLU C 277 2.10 46.48 -11.00
C GLU C 277 0.77 46.03 -10.33
N LYS C 278 0.33 44.79 -10.57
CA LYS C 278 -0.94 44.32 -9.98
C LYS C 278 -0.81 44.00 -8.50
N ILE C 279 0.43 43.87 -8.00
CA ILE C 279 0.64 43.35 -6.64
C ILE C 279 0.90 44.50 -5.67
N VAL C 280 0.13 44.55 -4.59
CA VAL C 280 0.24 45.64 -3.63
C VAL C 280 1.40 45.41 -2.66
N LYS C 281 1.50 44.18 -2.16
CA LYS C 281 2.50 43.83 -1.13
C LYS C 281 2.78 42.34 -1.22
N VAL C 282 3.99 41.92 -0.84
CA VAL C 282 4.35 40.50 -0.80
C VAL C 282 4.90 40.21 0.61
N ASN C 283 4.28 39.25 1.30
CA ASN C 283 4.68 38.84 2.65
C ASN C 283 5.52 37.57 2.63
N HIS C 284 6.74 37.67 2.14
CA HIS C 284 7.69 36.55 2.18
C HIS C 284 8.80 36.98 3.14
N PRO C 285 9.10 36.14 4.17
CA PRO C 285 10.03 36.58 5.23
C PRO C 285 11.50 36.72 4.77
N GLY C 286 11.81 36.20 3.57
CA GLY C 286 13.14 36.41 2.95
C GLY C 286 13.33 37.71 2.20
N LEU C 287 12.26 38.50 2.04
CA LEU C 287 12.39 39.83 1.41
C LEU C 287 12.89 40.89 2.38
N GLU C 288 13.76 41.79 1.94
CA GLU C 288 14.24 42.85 2.80
C GLU C 288 13.10 43.78 3.26
N SER C 289 12.06 43.89 2.43
CA SER C 289 10.92 44.76 2.74
C SER C 289 10.06 44.19 3.87
N PHE C 290 10.22 42.92 4.22
CA PHE C 290 9.32 42.29 5.21
C PHE C 290 9.69 42.58 6.67
N PRO C 291 8.71 43.00 7.51
CA PRO C 291 9.05 43.25 8.92
C PRO C 291 9.44 41.95 9.60
N GLY C 292 10.54 41.97 10.35
CA GLY C 292 11.05 40.74 10.97
C GLY C 292 11.88 39.84 10.05
N HIS C 293 12.14 40.29 8.82
CA HIS C 293 13.15 39.66 7.99
C HIS C 293 14.47 39.51 8.76
N ASP C 294 14.82 40.51 9.56
CA ASP C 294 16.11 40.43 10.28
C ASP C 294 16.13 39.24 11.28
N ILE C 295 15.01 39.04 11.99
CA ILE C 295 14.91 37.91 12.93
C ILE C 295 14.92 36.59 12.16
N ALA C 296 14.11 36.48 11.10
CA ALA C 296 14.01 35.21 10.33
C ALA C 296 15.38 34.82 9.75
N LYS C 297 16.11 35.82 9.27
CA LYS C 297 17.43 35.58 8.68
C LYS C 297 18.47 35.09 9.72
N LYS C 298 18.38 35.59 10.97
CA LYS C 298 19.29 35.19 12.04
C LYS C 298 18.90 33.82 12.60
N GLN C 299 17.61 33.53 12.73
CA GLN C 299 17.20 32.34 13.46
C GLN C 299 16.92 31.11 12.60
N MET C 300 16.86 31.31 11.29
CA MET C 300 16.64 30.21 10.33
C MET C 300 17.79 30.14 9.33
N THR C 301 18.00 28.99 8.70
CA THR C 301 19.08 28.89 7.72
C THR C 301 18.54 28.85 6.29
N GLY C 302 17.25 29.15 6.14
CA GLY C 302 16.63 29.28 4.84
C GLY C 302 15.18 29.62 5.03
N TYR C 303 14.37 29.48 3.98
CA TYR C 303 12.94 29.86 4.05
C TYR C 303 12.12 28.80 3.31
N GLY C 304 10.94 28.48 3.86
CA GLY C 304 9.92 27.76 3.08
C GLY C 304 9.46 28.58 1.87
N SER C 305 8.57 28.02 1.06
CA SER C 305 8.19 28.67 -0.17
C SER C 305 6.70 28.95 -0.21
N THR C 306 6.08 28.98 0.96
CA THR C 306 4.65 29.32 1.08
C THR C 306 4.55 30.70 1.67
N PHE C 307 3.78 31.56 1.01
CA PHE C 307 3.69 32.94 1.47
C PHE C 307 2.48 33.59 0.84
N LEU C 308 2.18 34.79 1.29
CA LEU C 308 0.96 35.41 0.91
C LEU C 308 1.28 36.74 0.17
N PHE C 309 0.39 37.20 -0.71
CA PHE C 309 0.56 38.51 -1.34
C PHE C 309 -0.79 39.19 -1.47
N GLU C 310 -0.76 40.50 -1.60
CA GLU C 310 -1.97 41.30 -1.63
C GLU C 310 -2.27 41.81 -3.05
N MET C 311 -3.47 41.50 -3.56
CA MET C 311 -3.96 42.02 -4.83
C MET C 311 -4.70 43.35 -4.55
N LYS C 312 -5.10 44.06 -5.60
CA LYS C 312 -5.83 45.33 -5.43
C LYS C 312 -7.30 45.15 -5.04
N SER C 313 -7.84 43.95 -5.20
CA SER C 313 -9.23 43.68 -4.90
C SER C 313 -9.48 42.19 -4.79
N PHE C 314 -10.60 41.86 -4.18
CA PHE C 314 -11.07 40.47 -4.18
C PHE C 314 -11.26 39.96 -5.62
N GLU C 315 -11.87 40.78 -6.47
CA GLU C 315 -12.10 40.38 -7.86
C GLU C 315 -10.79 40.10 -8.61
N ALA C 316 -9.76 40.93 -8.38
CA ALA C 316 -8.45 40.69 -8.99
C ALA C 316 -7.83 39.37 -8.49
N ALA C 317 -7.95 39.10 -7.18
CA ALA C 317 -7.46 37.85 -6.61
C ALA C 317 -8.18 36.66 -7.26
N LYS C 318 -9.49 36.73 -7.40
CA LYS C 318 -10.24 35.62 -7.98
C LYS C 318 -9.86 35.40 -9.44
N LYS C 319 -9.70 36.48 -10.20
CA LYS C 319 -9.32 36.37 -11.61
C LYS C 319 -7.91 35.75 -11.74
N LEU C 320 -6.98 36.16 -10.89
CA LEU C 320 -5.68 35.50 -10.88
C LEU C 320 -5.80 34.01 -10.57
N MET C 321 -6.46 33.68 -9.45
CA MET C 321 -6.48 32.27 -8.96
C MET C 321 -7.15 31.32 -9.93
N GLU C 322 -8.10 31.83 -10.71
CA GLU C 322 -8.91 30.97 -11.56
C GLU C 322 -8.39 30.84 -12.98
N HIS C 323 -7.24 31.45 -13.30
CA HIS C 323 -6.76 31.39 -14.67
C HIS C 323 -5.32 30.90 -14.78
N LEU C 324 -4.96 30.01 -13.86
CA LEU C 324 -3.58 29.49 -13.79
C LEU C 324 -3.58 28.09 -14.40
N LYS C 325 -2.52 27.74 -15.14
CA LYS C 325 -2.49 26.42 -15.77
C LYS C 325 -1.46 25.54 -15.12
N VAL C 326 -0.56 26.13 -14.34
CA VAL C 326 0.43 25.32 -13.70
C VAL C 326 0.02 25.21 -12.24
N CYS C 327 -0.21 26.33 -11.56
CA CYS C 327 -0.66 26.32 -10.17
C CYS C 327 -2.04 25.67 -10.06
N THR C 328 -2.22 24.90 -8.99
CA THR C 328 -3.49 24.23 -8.70
C THR C 328 -4.23 24.92 -7.54
N LEU C 329 -5.52 25.20 -7.75
CA LEU C 329 -6.33 25.85 -6.73
C LEU C 329 -6.74 24.75 -5.75
N ALA C 330 -6.23 24.82 -4.50
CA ALA C 330 -6.46 23.79 -3.47
C ALA C 330 -5.85 24.31 -2.19
N VAL C 331 -6.31 23.82 -1.05
CA VAL C 331 -5.64 24.12 0.23
C VAL C 331 -4.46 23.14 0.40
N SER C 332 -3.77 23.25 1.53
CA SER C 332 -2.52 22.57 1.87
C SER C 332 -1.32 23.27 1.21
N LEU C 333 -0.12 22.80 1.54
CA LEU C 333 1.10 23.46 1.10
C LEU C 333 2.27 22.47 1.19
N GLY C 334 3.40 22.87 0.62
CA GLY C 334 4.63 22.08 0.81
C GLY C 334 4.71 20.84 -0.09
N CYS C 335 3.90 20.82 -1.15
CA CYS C 335 3.92 19.72 -2.14
CA CYS C 335 3.91 19.75 -2.15
C CYS C 335 4.94 20.07 -3.23
N VAL C 336 5.39 19.04 -3.97
CA VAL C 336 6.33 19.25 -5.08
C VAL C 336 5.74 20.16 -6.17
N ASP C 337 4.41 20.18 -6.30
CA ASP C 337 3.77 21.04 -7.29
C ASP C 337 3.13 22.26 -6.59
N THR C 338 2.98 23.35 -7.33
CA THR C 338 2.55 24.64 -6.80
C THR C 338 1.02 24.67 -6.52
N LEU C 339 0.66 25.11 -5.31
CA LEU C 339 -0.75 25.26 -4.92
C LEU C 339 -1.05 26.73 -4.64
N ILE C 340 -2.34 27.11 -4.74
CA ILE C 340 -2.73 28.47 -4.48
C ILE C 340 -4.13 28.45 -3.83
N GLU C 341 -4.42 29.36 -2.89
CA GLU C 341 -5.75 29.39 -2.25
C GLU C 341 -6.04 30.78 -1.74
N HIS C 342 -7.28 30.97 -1.32
CA HIS C 342 -7.79 32.28 -0.85
C HIS C 342 -8.08 32.16 0.66
N PRO C 343 -7.16 32.63 1.51
CA PRO C 343 -7.33 32.35 2.93
C PRO C 343 -8.66 32.89 3.48
N ALA C 344 -9.12 34.03 2.99
CA ALA C 344 -10.28 34.69 3.63
C ALA C 344 -11.54 33.82 3.51
N SER C 345 -11.69 33.15 2.35
CA SER C 345 -12.85 32.30 2.10
C SER C 345 -12.59 30.78 2.17
N MET C 346 -11.33 30.38 2.39
CA MET C 346 -10.92 28.98 2.48
C MET C 346 -10.24 28.59 3.84
N THR C 347 -8.91 28.49 3.90
CA THR C 347 -8.22 27.97 5.10
C THR C 347 -8.50 28.68 6.41
N HIS C 348 -8.93 29.93 6.31
CA HIS C 348 -9.04 30.80 7.47
C HIS C 348 -10.45 31.37 7.59
N ALA C 349 -11.36 30.85 6.77
CA ALA C 349 -12.80 31.21 6.85
C ALA C 349 -13.52 30.72 8.15
N ALA C 350 -12.90 29.80 8.90
CA ALA C 350 -13.44 29.30 10.18
C ALA C 350 -12.92 30.05 11.43
N VAL C 351 -11.88 30.89 11.22
CA VAL C 351 -11.29 31.71 12.30
C VAL C 351 -12.29 32.81 12.72
N PRO C 352 -12.65 32.87 14.03
CA PRO C 352 -13.52 33.93 14.57
C PRO C 352 -13.01 35.34 14.20
N GLU C 353 -13.92 36.25 13.85
CA GLU C 353 -13.51 37.52 13.24
C GLU C 353 -12.73 38.50 14.13
N ASN C 354 -12.90 38.39 15.45
CA ASN C 354 -12.02 39.05 16.43
C ASN C 354 -10.55 38.67 16.17
N ILE C 355 -10.34 37.40 15.84
CA ILE C 355 -9.00 36.86 15.59
C ILE C 355 -8.55 37.11 14.11
N MET C 356 -9.50 37.07 13.16
CA MET C 356 -9.23 37.38 11.73
C MET C 356 -8.76 38.81 11.45
N ARG C 357 -9.27 39.76 12.23
CA ARG C 357 -8.89 41.17 12.06
C ARG C 357 -7.50 41.43 12.63
N LYS C 358 -7.24 40.83 13.79
CA LYS C 358 -5.90 40.83 14.40
C LYS C 358 -4.90 40.02 13.58
N GLN C 359 -5.38 38.95 12.92
CA GLN C 359 -4.54 38.11 12.07
C GLN C 359 -4.15 38.83 10.77
N GLY C 360 -4.89 39.86 10.38
CA GLY C 360 -4.57 40.67 9.20
C GLY C 360 -4.96 39.99 7.88
N ILE C 361 -6.01 39.19 7.92
CA ILE C 361 -6.46 38.46 6.73
C ILE C 361 -7.65 39.18 6.09
N THR C 362 -7.51 39.52 4.81
CA THR C 362 -8.52 40.28 4.08
C THR C 362 -8.82 39.55 2.75
N PRO C 363 -9.94 39.90 2.06
CA PRO C 363 -10.32 39.25 0.81
C PRO C 363 -9.33 39.51 -0.33
N GLU C 364 -8.44 40.50 -0.17
CA GLU C 364 -7.43 40.81 -1.21
C GLU C 364 -6.23 39.88 -1.22
N LEU C 365 -6.09 39.02 -0.20
CA LEU C 365 -4.89 38.21 -0.06
C LEU C 365 -4.98 36.87 -0.75
N VAL C 366 -3.88 36.43 -1.36
CA VAL C 366 -3.78 35.14 -2.03
C VAL C 366 -2.57 34.44 -1.41
N ARG C 367 -2.70 33.16 -1.05
CA ARG C 367 -1.54 32.42 -0.54
C ARG C 367 -1.07 31.47 -1.62
N ILE C 368 0.25 31.45 -1.89
CA ILE C 368 0.79 30.51 -2.84
C ILE C 368 1.82 29.62 -2.14
N SER C 369 1.88 28.35 -2.54
CA SER C 369 2.84 27.41 -2.02
C SER C 369 3.65 26.97 -3.21
N VAL C 370 4.82 27.59 -3.36
CA VAL C 370 5.63 27.37 -4.56
C VAL C 370 6.30 25.99 -4.55
N GLY C 371 6.09 25.23 -5.62
CA GLY C 371 6.65 23.87 -5.72
C GLY C 371 8.02 23.88 -6.39
N ILE C 372 8.42 22.73 -6.93
CA ILE C 372 9.75 22.55 -7.52
C ILE C 372 9.77 22.50 -9.05
N GLU C 373 8.64 22.88 -9.67
CA GLU C 373 8.60 23.09 -11.13
C GLU C 373 9.72 24.10 -11.50
N ASN C 374 10.08 24.11 -12.76
CA ASN C 374 11.00 25.15 -13.24
C ASN C 374 10.40 26.53 -12.94
N VAL C 375 11.17 27.36 -12.26
CA VAL C 375 10.69 28.63 -11.78
C VAL C 375 10.21 29.56 -12.90
N ASP C 376 10.90 29.54 -14.04
CA ASP C 376 10.46 30.35 -15.18
C ASP C 376 9.06 29.97 -15.66
N ASP C 377 8.69 28.68 -15.55
CA ASP C 377 7.37 28.24 -15.98
C ASP C 377 6.31 28.68 -14.97
N ILE C 378 6.65 28.64 -13.68
CA ILE C 378 5.73 29.17 -12.63
C ILE C 378 5.49 30.68 -12.83
N ILE C 379 6.57 31.41 -13.01
CA ILE C 379 6.48 32.86 -13.25
C ILE C 379 5.69 33.17 -14.53
N ALA C 380 5.91 32.42 -15.60
CA ALA C 380 5.15 32.69 -16.83
C ALA C 380 3.63 32.43 -16.63
N ASP C 381 3.30 31.44 -15.81
CA ASP C 381 1.89 31.12 -15.52
C ASP C 381 1.24 32.29 -14.80
N LEU C 382 1.90 32.75 -13.74
CA LEU C 382 1.41 33.89 -12.97
C LEU C 382 1.29 35.13 -13.86
N LYS C 383 2.32 35.37 -14.67
CA LYS C 383 2.36 36.56 -15.50
C LYS C 383 1.23 36.60 -16.54
N GLN C 384 0.96 35.46 -17.18
CA GLN C 384 -0.11 35.41 -18.19
C GLN C 384 -1.48 35.66 -17.56
N ALA C 385 -1.72 35.09 -16.37
CA ALA C 385 -3.00 35.37 -15.68
C ALA C 385 -3.08 36.81 -15.21
N LEU C 386 -1.96 37.36 -14.69
CA LEU C 386 -1.96 38.76 -14.24
C LEU C 386 -2.15 39.76 -15.40
N GLU C 387 -1.85 39.33 -16.61
CA GLU C 387 -1.94 40.21 -17.75
C GLU C 387 -3.18 39.94 -18.62
N LEU C 388 -4.15 39.22 -18.06
CA LEU C 388 -5.37 38.92 -18.77
C LEU C 388 -6.17 40.13 -19.17
N TRP C 389 -6.78 40.02 -20.34
CA TRP C 389 -7.86 40.93 -20.77
C TRP C 389 -8.87 41.15 -19.65
N ASP D 5 -8.24 -29.06 9.25
CA ASP D 5 -8.58 -28.87 7.81
C ASP D 5 -7.64 -27.84 7.16
N ILE D 6 -7.96 -27.50 5.92
CA ILE D 6 -7.19 -26.55 5.11
C ILE D 6 -7.09 -25.14 5.75
N THR D 7 -8.13 -24.71 6.47
CA THR D 7 -8.09 -23.36 7.11
C THR D 7 -6.93 -23.22 8.10
N THR D 8 -6.76 -24.23 8.97
CA THR D 8 -5.69 -24.21 9.96
C THR D 8 -4.32 -24.07 9.27
N THR D 9 -4.10 -24.82 8.19
CA THR D 9 -2.81 -24.80 7.47
C THR D 9 -2.51 -23.41 6.87
N LEU D 10 -3.51 -22.83 6.21
CA LEU D 10 -3.36 -21.48 5.65
C LEU D 10 -3.15 -20.39 6.70
N LEU D 11 -3.70 -20.59 7.91
CA LEU D 11 -3.54 -19.60 8.97
C LEU D 11 -2.25 -19.80 9.75
N HIS D 12 -1.58 -20.94 9.56
CA HIS D 12 -0.35 -21.21 10.31
C HIS D 12 0.77 -21.68 9.40
N PRO D 13 1.17 -20.82 8.44
CA PRO D 13 2.16 -21.25 7.47
C PRO D 13 3.53 -21.42 8.15
N LYS D 14 4.39 -22.26 7.58
CA LYS D 14 5.73 -22.49 8.14
C LYS D 14 6.62 -21.28 7.91
N GLY D 15 7.66 -21.14 8.74
CA GLY D 15 8.58 -20.01 8.66
C GLY D 15 8.66 -19.26 9.97
N ASP D 16 9.76 -18.54 10.14
CA ASP D 16 9.94 -17.68 11.31
C ASP D 16 9.18 -16.37 11.09
N HIS D 17 8.74 -15.76 12.19
CA HIS D 17 8.21 -14.41 12.17
C HIS D 17 9.39 -13.50 11.89
N VAL D 18 9.12 -12.35 11.27
CA VAL D 18 10.16 -11.33 11.05
C VAL D 18 10.02 -10.28 12.17
N LEU D 19 11.09 -10.07 12.94
CA LEU D 19 11.08 -9.16 14.10
C LEU D 19 9.87 -9.38 14.99
N HIS D 20 9.49 -10.66 15.19
CA HIS D 20 8.35 -11.01 16.03
C HIS D 20 7.00 -10.52 15.53
N SER D 21 6.97 -9.98 14.32
CA SER D 21 5.70 -9.46 13.79
C SER D 21 4.70 -10.57 13.60
N HIS D 22 3.47 -10.34 14.04
CA HIS D 22 2.41 -11.37 13.83
C HIS D 22 2.03 -11.51 12.35
N ALA D 23 1.66 -10.40 11.69
CA ALA D 23 1.43 -10.40 10.24
C ALA D 23 2.78 -10.38 9.54
N TYR D 24 2.92 -11.15 8.45
CA TYR D 24 4.15 -11.15 7.66
C TYR D 24 4.34 -9.78 6.99
N PRO D 25 5.50 -9.14 7.15
CA PRO D 25 5.74 -7.81 6.61
C PRO D 25 5.72 -7.75 5.09
N ILE D 26 5.53 -6.53 4.58
CA ILE D 26 5.53 -6.26 3.16
C ILE D 26 6.91 -5.75 2.78
N PHE D 27 7.66 -6.59 2.08
CA PHE D 27 9.02 -6.22 1.70
C PHE D 27 8.95 -5.48 0.41
N GLN D 28 8.58 -4.21 0.53
CA GLN D 28 8.54 -3.27 -0.56
C GLN D 28 9.97 -2.75 -0.83
N THR D 29 10.75 -3.64 -1.43
CA THR D 29 12.15 -3.35 -1.72
C THR D 29 12.50 -3.92 -3.09
N SER D 30 13.47 -3.32 -3.77
CA SER D 30 13.94 -3.97 -4.99
C SER D 30 15.14 -4.85 -4.66
N THR D 31 16.06 -4.35 -3.84
CA THR D 31 17.31 -5.10 -3.57
C THR D 31 17.58 -5.44 -2.10
N PHE D 32 18.60 -6.29 -1.89
CA PHE D 32 19.01 -6.79 -0.56
C PHE D 32 20.51 -6.52 -0.38
N CYS D 33 20.94 -6.29 0.86
CA CYS D 33 22.35 -5.96 1.17
CA CYS D 33 22.36 -5.96 1.12
C CYS D 33 23.12 -7.23 1.46
N PHE D 34 24.41 -7.22 1.16
CA PHE D 34 25.29 -8.33 1.47
C PHE D 34 26.21 -8.00 2.68
N ASP D 35 26.50 -9.02 3.48
CA ASP D 35 27.41 -8.91 4.64
C ASP D 35 28.87 -8.81 4.19
N SER D 36 29.18 -9.32 3.00
CA SER D 36 30.56 -9.39 2.51
C SER D 36 30.52 -9.78 1.05
N THR D 37 31.64 -9.65 0.34
CA THR D 37 31.71 -10.14 -1.04
C THR D 37 31.40 -11.66 -1.14
N GLN D 38 32.02 -12.45 -0.25
CA GLN D 38 31.82 -13.89 -0.26
C GLN D 38 30.34 -14.25 -0.08
N GLN D 39 29.66 -13.58 0.84
CA GLN D 39 28.27 -13.91 1.10
C GLN D 39 27.37 -13.65 -0.15
N GLY D 40 27.63 -12.54 -0.83
CA GLY D 40 26.94 -12.18 -2.06
C GLY D 40 27.30 -13.18 -3.17
N ALA D 41 28.59 -13.45 -3.35
CA ALA D 41 29.01 -14.44 -4.34
C ALA D 41 28.34 -15.81 -4.09
N ASP D 42 28.33 -16.26 -2.83
CA ASP D 42 27.71 -17.53 -2.46
C ASP D 42 26.22 -17.54 -2.85
N LEU D 43 25.48 -16.50 -2.50
CA LEU D 43 24.06 -16.44 -2.83
C LEU D 43 23.82 -16.54 -4.35
N PHE D 44 24.64 -15.84 -5.14
CA PHE D 44 24.53 -15.96 -6.60
C PHE D 44 24.79 -17.40 -7.14
N MET D 45 25.55 -18.18 -6.38
CA MET D 45 25.83 -19.58 -6.73
CA MET D 45 25.85 -19.58 -6.70
C MET D 45 24.84 -20.54 -6.07
N GLY D 46 23.82 -20.00 -5.41
CA GLY D 46 22.82 -20.81 -4.70
C GLY D 46 23.31 -21.45 -3.40
N LYS D 47 24.35 -20.85 -2.82
CA LYS D 47 24.94 -21.37 -1.58
C LYS D 47 24.55 -20.44 -0.42
N GLY D 48 24.00 -21.03 0.64
CA GLY D 48 23.60 -20.30 1.84
C GLY D 48 22.16 -19.87 1.76
N GLU D 49 21.68 -19.18 2.79
CA GLU D 49 20.29 -18.74 2.84
C GLU D 49 20.27 -17.23 2.74
N GLY D 50 19.28 -16.67 2.06
CA GLY D 50 19.23 -15.22 1.91
C GLY D 50 18.62 -14.80 0.59
N HIS D 51 18.61 -13.49 0.38
CA HIS D 51 17.94 -12.88 -0.76
C HIS D 51 18.92 -11.97 -1.41
N ILE D 52 18.66 -11.69 -2.68
CA ILE D 52 19.55 -10.91 -3.51
C ILE D 52 18.78 -9.72 -4.11
N TYR D 53 17.66 -10.02 -4.78
CA TYR D 53 16.96 -9.01 -5.60
C TYR D 53 15.54 -9.51 -5.82
N SER D 54 14.56 -8.61 -5.69
CA SER D 54 13.15 -9.08 -5.66
C SER D 54 12.70 -9.89 -6.86
N ARG D 55 13.20 -9.60 -8.07
CA ARG D 55 12.83 -10.46 -9.23
C ARG D 55 13.26 -11.94 -9.06
N LEU D 56 14.43 -12.17 -8.45
CA LEU D 56 14.89 -13.52 -8.11
C LEU D 56 14.14 -14.11 -6.92
N GLY D 57 13.75 -13.25 -5.98
CA GLY D 57 13.10 -13.76 -4.78
C GLY D 57 12.77 -12.65 -3.80
N ASN D 58 11.50 -12.58 -3.40
CA ASN D 58 11.03 -11.57 -2.44
C ASN D 58 10.34 -12.29 -1.27
N PRO D 59 10.73 -11.97 -0.02
CA PRO D 59 10.18 -12.76 1.11
C PRO D 59 8.64 -12.75 1.22
N THR D 60 7.99 -11.64 0.92
CA THR D 60 6.53 -11.59 1.03
C THR D 60 5.90 -12.45 -0.07
N VAL D 61 6.48 -12.39 -1.27
CA VAL D 61 6.00 -13.19 -2.39
C VAL D 61 6.20 -14.69 -2.07
N GLU D 62 7.36 -15.05 -1.56
CA GLU D 62 7.69 -16.43 -1.21
C GLU D 62 6.73 -17.01 -0.17
N GLN D 63 6.30 -16.21 0.80
CA GLN D 63 5.34 -16.67 1.81
CA GLN D 63 5.33 -16.65 1.80
C GLN D 63 4.02 -17.07 1.15
N PHE D 64 3.58 -16.28 0.16
CA PHE D 64 2.35 -16.61 -0.60
C PHE D 64 2.55 -17.87 -1.45
N GLU D 65 3.72 -17.99 -2.09
CA GLU D 65 4.07 -19.20 -2.84
C GLU D 65 4.00 -20.45 -1.96
N GLU D 66 4.54 -20.36 -0.76
CA GLU D 66 4.54 -21.50 0.18
C GLU D 66 3.13 -21.92 0.58
N MET D 67 2.25 -20.95 0.75
CA MET D 67 0.84 -21.22 1.08
C MET D 67 0.17 -22.05 -0.02
N VAL D 68 0.34 -21.62 -1.27
CA VAL D 68 -0.25 -22.30 -2.40
C VAL D 68 0.41 -23.66 -2.59
N CYS D 69 1.73 -23.71 -2.46
CA CYS D 69 2.45 -24.96 -2.56
C CYS D 69 1.91 -26.01 -1.57
N SER D 70 1.68 -25.58 -0.34
CA SER D 70 1.13 -26.40 0.71
C SER D 70 -0.22 -27.01 0.33
N ILE D 71 -1.09 -26.23 -0.30
CA ILE D 71 -2.43 -26.72 -0.64
C ILE D 71 -2.46 -27.60 -1.90
N GLU D 72 -1.53 -27.36 -2.83
CA GLU D 72 -1.44 -28.14 -4.05
C GLU D 72 -0.69 -29.46 -3.89
N GLY D 73 0.06 -29.60 -2.80
CA GLY D 73 0.96 -30.74 -2.60
C GLY D 73 2.08 -30.79 -3.63
N ALA D 74 2.61 -29.62 -3.96
CA ALA D 74 3.62 -29.44 -5.00
C ALA D 74 5.03 -29.52 -4.40
N ALA D 75 6.04 -29.59 -5.27
CA ALA D 75 7.45 -29.42 -4.88
C ALA D 75 7.81 -27.93 -4.74
N GLY D 76 7.13 -27.07 -5.47
CA GLY D 76 7.29 -25.63 -5.31
C GLY D 76 6.23 -24.89 -6.09
N SER D 77 6.04 -23.61 -5.76
CA SER D 77 5.12 -22.73 -6.46
C SER D 77 5.81 -21.40 -6.86
N ALA D 78 5.36 -20.80 -7.96
CA ALA D 78 5.90 -19.54 -8.45
C ALA D 78 4.71 -18.58 -8.62
N ALA D 79 4.83 -17.37 -8.06
CA ALA D 79 3.78 -16.37 -8.21
C ALA D 79 4.13 -15.43 -9.38
N PHE D 80 3.11 -14.84 -9.98
CA PHE D 80 3.26 -14.03 -11.19
C PHE D 80 2.39 -12.79 -11.13
N GLY D 81 2.64 -11.84 -12.02
CA GLY D 81 1.86 -10.60 -12.09
C GLY D 81 0.43 -10.82 -12.60
N SER D 82 0.14 -12.00 -13.13
CA SER D 82 -1.21 -12.32 -13.63
C SER D 82 -1.32 -13.78 -13.91
N GLY D 83 -2.56 -14.28 -14.01
CA GLY D 83 -2.83 -15.61 -14.55
C GLY D 83 -2.14 -15.87 -15.90
N MET D 84 -2.15 -14.88 -16.79
CA MET D 84 -1.48 -15.06 -18.10
C MET D 84 0.03 -15.26 -17.97
N GLY D 85 0.63 -14.60 -16.98
CA GLY D 85 2.04 -14.79 -16.67
C GLY D 85 2.31 -16.22 -16.25
N ALA D 86 1.43 -16.78 -15.39
CA ALA D 86 1.60 -18.14 -14.97
C ALA D 86 1.43 -19.09 -16.16
N ILE D 87 0.48 -18.76 -17.05
CA ILE D 87 0.16 -19.64 -18.16
C ILE D 87 1.29 -19.63 -19.20
N SER D 88 1.71 -18.43 -19.62
CA SER D 88 2.80 -18.32 -20.57
C SER D 88 4.07 -18.95 -19.96
N SER D 89 4.33 -18.74 -18.66
CA SER D 89 5.48 -19.34 -18.00
C SER D 89 5.45 -20.86 -17.80
N SER D 90 4.25 -21.46 -17.73
CA SER D 90 4.13 -22.90 -17.51
C SER D 90 4.10 -23.68 -18.83
N THR D 91 4.03 -22.96 -19.95
CA THR D 91 4.01 -23.61 -21.27
C THR D 91 5.32 -23.30 -22.02
N LEU D 92 5.60 -22.02 -22.22
CA LEU D 92 6.81 -21.59 -22.95
C LEU D 92 8.12 -21.83 -22.20
N ALA D 93 8.06 -22.17 -20.91
CA ALA D 93 9.30 -22.54 -20.21
C ALA D 93 9.77 -23.91 -20.70
N PHE D 94 8.86 -24.66 -21.32
CA PHE D 94 9.12 -26.02 -21.74
C PHE D 94 9.03 -26.25 -23.24
N LEU D 95 8.09 -25.59 -23.91
CA LEU D 95 7.85 -25.91 -25.31
C LEU D 95 8.85 -25.12 -26.11
N GLN D 96 9.36 -25.72 -27.19
CA GLN D 96 10.28 -25.04 -28.11
C GLN D 96 9.96 -25.36 -29.58
N LYS D 97 10.62 -24.65 -30.50
CA LYS D 97 10.45 -24.86 -31.92
C LYS D 97 10.49 -26.37 -32.26
N GLY D 98 9.44 -26.87 -32.91
CA GLY D 98 9.42 -28.27 -33.34
C GLY D 98 8.57 -29.14 -32.45
N ASP D 99 8.20 -28.65 -31.26
CA ASP D 99 7.33 -29.36 -30.33
C ASP D 99 5.89 -29.16 -30.71
N HIS D 100 5.04 -30.06 -30.22
CA HIS D 100 3.62 -30.04 -30.50
C HIS D 100 2.86 -29.98 -29.16
N LEU D 101 1.84 -29.11 -29.11
CA LEU D 101 0.98 -28.95 -27.94
C LEU D 101 -0.45 -29.34 -28.27
N ILE D 102 -1.06 -30.20 -27.46
CA ILE D 102 -2.51 -30.44 -27.50
C ILE D 102 -3.15 -29.63 -26.37
N ALA D 103 -4.11 -28.76 -26.70
CA ALA D 103 -4.85 -27.97 -25.71
C ALA D 103 -6.35 -28.22 -25.84
N GLY D 104 -7.08 -28.09 -24.72
CA GLY D 104 -8.55 -28.12 -24.77
C GLY D 104 -9.06 -27.10 -25.78
N ASP D 105 -10.20 -27.41 -26.40
CA ASP D 105 -10.78 -26.50 -27.40
C ASP D 105 -11.56 -25.35 -26.79
N THR D 106 -11.91 -25.43 -25.52
CA THR D 106 -12.57 -24.29 -24.87
C THR D 106 -11.77 -23.79 -23.67
N LEU D 107 -11.25 -22.58 -23.80
CA LEU D 107 -10.29 -22.06 -22.85
C LEU D 107 -10.62 -20.60 -22.66
N TYR D 108 -10.09 -20.03 -21.58
CA TYR D 108 -10.10 -18.60 -21.34
C TYR D 108 -9.61 -17.85 -22.61
N GLY D 109 -10.20 -16.69 -22.91
CA GLY D 109 -10.00 -16.00 -24.19
C GLY D 109 -8.53 -15.69 -24.45
N CYS D 110 -7.86 -15.16 -23.44
CA CYS D 110 -6.45 -14.83 -23.63
C CYS D 110 -5.58 -16.07 -23.75
N THR D 111 -5.96 -17.19 -23.14
CA THR D 111 -5.24 -18.44 -23.38
C THR D 111 -5.36 -18.88 -24.85
N VAL D 112 -6.56 -18.72 -25.44
CA VAL D 112 -6.74 -18.96 -26.88
C VAL D 112 -5.85 -18.02 -27.71
N SER D 113 -5.75 -16.76 -27.27
CA SER D 113 -4.89 -15.80 -27.95
C SER D 113 -3.40 -16.21 -27.89
N LEU D 114 -2.91 -16.56 -26.71
CA LEU D 114 -1.55 -17.06 -26.53
C LEU D 114 -1.24 -18.25 -27.45
N PHE D 115 -2.10 -19.27 -27.41
CA PHE D 115 -1.86 -20.54 -28.10
C PHE D 115 -2.01 -20.44 -29.62
N THR D 116 -2.89 -19.56 -30.09
CA THR D 116 -3.16 -19.52 -31.54
C THR D 116 -2.38 -18.39 -32.21
N HIS D 117 -2.04 -17.34 -31.48
CA HIS D 117 -1.25 -16.26 -32.09
C HIS D 117 0.25 -16.39 -31.82
N TRP D 118 0.65 -16.49 -30.56
CA TRP D 118 2.07 -16.40 -30.20
C TRP D 118 2.85 -17.72 -30.34
N LEU D 119 2.35 -18.81 -29.77
CA LEU D 119 3.09 -20.09 -29.86
C LEU D 119 3.48 -20.48 -31.29
N PRO D 120 2.58 -20.35 -32.28
CA PRO D 120 3.04 -20.74 -33.63
C PRO D 120 4.11 -19.80 -34.24
N ARG D 121 4.16 -18.56 -33.78
CA ARG D 121 5.23 -17.69 -34.22
C ARG D 121 6.58 -18.19 -33.66
N PHE D 122 6.52 -19.01 -32.62
CA PHE D 122 7.73 -19.52 -32.00
C PHE D 122 8.01 -20.97 -32.46
N GLY D 123 7.31 -21.37 -33.52
CA GLY D 123 7.57 -22.65 -34.20
C GLY D 123 6.96 -23.84 -33.49
N ILE D 124 6.01 -23.58 -32.60
CA ILE D 124 5.34 -24.59 -31.79
C ILE D 124 3.99 -24.93 -32.44
N GLU D 125 3.81 -26.21 -32.78
CA GLU D 125 2.55 -26.69 -33.37
C GLU D 125 1.48 -26.85 -32.30
N VAL D 126 0.30 -26.33 -32.56
CA VAL D 126 -0.79 -26.37 -31.59
C VAL D 126 -2.07 -26.91 -32.22
N ASP D 127 -2.69 -27.92 -31.59
CA ASP D 127 -4.04 -28.33 -31.96
C ASP D 127 -4.98 -28.16 -30.78
N LEU D 128 -6.06 -27.41 -30.98
CA LEU D 128 -7.10 -27.34 -29.97
C LEU D 128 -8.12 -28.40 -30.30
N ILE D 129 -8.35 -29.30 -29.35
CA ILE D 129 -9.23 -30.42 -29.59
C ILE D 129 -10.17 -30.64 -28.41
N ASP D 130 -11.19 -31.47 -28.61
CA ASP D 130 -12.17 -31.70 -27.56
C ASP D 130 -11.64 -32.69 -26.50
N THR D 131 -11.11 -32.16 -25.41
CA THR D 131 -10.46 -33.03 -24.43
C THR D 131 -11.41 -33.71 -23.46
N SER D 132 -12.72 -33.53 -23.67
CA SER D 132 -13.74 -34.27 -22.90
C SER D 132 -13.77 -35.74 -23.31
N ASP D 133 -13.04 -36.07 -24.38
CA ASP D 133 -12.96 -37.44 -24.90
C ASP D 133 -11.48 -37.83 -25.01
N VAL D 134 -11.08 -38.80 -24.19
CA VAL D 134 -9.69 -39.21 -24.12
C VAL D 134 -9.18 -39.76 -25.48
N GLU D 135 -10.04 -40.50 -26.18
CA GLU D 135 -9.72 -41.07 -27.50
C GLU D 135 -9.33 -39.99 -28.50
N LYS D 136 -10.00 -38.84 -28.40
CA LYS D 136 -9.71 -37.72 -29.29
C LYS D 136 -8.32 -37.13 -29.03
N VAL D 137 -7.90 -37.20 -27.77
CA VAL D 137 -6.56 -36.82 -27.35
C VAL D 137 -5.53 -37.82 -27.91
N LYS D 138 -5.82 -39.10 -27.76
CA LYS D 138 -4.99 -40.14 -28.34
C LYS D 138 -4.87 -40.04 -29.88
N ALA D 139 -5.98 -39.73 -30.55
CA ALA D 139 -5.97 -39.60 -32.02
C ALA D 139 -5.20 -38.38 -32.54
N ALA D 140 -5.15 -37.29 -31.75
CA ALA D 140 -4.41 -36.10 -32.12
C ALA D 140 -2.92 -36.21 -31.82
N TRP D 141 -2.51 -37.28 -31.13
CA TRP D 141 -1.13 -37.44 -30.68
C TRP D 141 -0.16 -37.57 -31.85
N LYS D 142 1.01 -36.96 -31.70
CA LYS D 142 2.06 -37.02 -32.70
C LYS D 142 3.39 -37.40 -32.06
N PRO D 143 4.38 -37.80 -32.90
CA PRO D 143 5.69 -38.19 -32.34
C PRO D 143 6.34 -37.04 -31.57
N ASN D 144 6.06 -35.79 -31.94
CA ASN D 144 6.62 -34.62 -31.26
C ASN D 144 5.72 -33.94 -30.22
N THR D 145 4.62 -34.59 -29.81
CA THR D 145 3.72 -34.05 -28.80
C THR D 145 4.46 -34.06 -27.47
N LYS D 146 4.60 -32.88 -26.85
CA LYS D 146 5.29 -32.74 -25.56
C LYS D 146 4.42 -32.23 -24.41
N MET D 147 3.20 -31.81 -24.70
CA MET D 147 2.36 -31.26 -23.64
C MET D 147 0.89 -31.36 -23.96
N VAL D 148 0.09 -31.68 -22.95
CA VAL D 148 -1.34 -31.47 -23.03
C VAL D 148 -1.69 -30.34 -22.05
N TYR D 149 -2.49 -29.37 -22.49
CA TYR D 149 -2.90 -28.27 -21.63
C TYR D 149 -4.43 -28.29 -21.47
N LEU D 150 -4.91 -28.38 -20.23
CA LEU D 150 -6.34 -28.52 -19.95
C LEU D 150 -6.87 -27.41 -19.04
N GLU D 151 -8.15 -27.09 -19.20
CA GLU D 151 -8.89 -26.26 -18.27
C GLU D 151 -10.17 -27.04 -17.99
N SER D 152 -10.41 -27.40 -16.74
CA SER D 152 -11.59 -28.19 -16.40
C SER D 152 -12.11 -27.85 -15.00
N PRO D 153 -13.40 -27.51 -14.88
CA PRO D 153 -14.35 -27.25 -15.97
C PRO D 153 -13.89 -26.03 -16.76
N ALA D 154 -14.21 -26.00 -18.05
CA ALA D 154 -13.62 -24.97 -18.91
C ALA D 154 -14.35 -23.63 -18.76
N ASN D 155 -13.65 -22.55 -19.06
CA ASN D 155 -14.21 -21.20 -19.09
C ASN D 155 -14.62 -20.90 -20.55
N PRO D 156 -15.92 -20.60 -20.81
CA PRO D 156 -17.01 -20.35 -19.86
C PRO D 156 -18.08 -21.45 -19.74
N THR D 157 -17.98 -22.49 -20.58
CA THR D 157 -19.06 -23.50 -20.72
C THR D 157 -19.09 -24.58 -19.63
N CYS D 158 -18.02 -24.62 -18.82
CA CYS D 158 -17.83 -25.66 -17.81
C CYS D 158 -17.61 -27.07 -18.37
N LYS D 159 -17.15 -27.15 -19.62
CA LYS D 159 -16.92 -28.44 -20.29
C LYS D 159 -15.87 -29.20 -19.47
N VAL D 160 -16.15 -30.46 -19.12
CA VAL D 160 -15.31 -31.23 -18.20
C VAL D 160 -14.39 -32.21 -18.94
N SER D 161 -13.09 -32.18 -18.64
CA SER D 161 -12.14 -33.18 -19.16
C SER D 161 -11.72 -34.20 -18.10
N ASP D 162 -11.44 -35.43 -18.55
CA ASP D 162 -10.94 -36.52 -17.69
C ASP D 162 -9.43 -36.31 -17.48
N ILE D 163 -9.10 -35.48 -16.48
CA ILE D 163 -7.72 -35.17 -16.12
C ILE D 163 -6.91 -36.44 -15.80
N LYS D 164 -7.49 -37.31 -14.97
CA LYS D 164 -6.83 -38.54 -14.57
C LYS D 164 -6.49 -39.45 -15.76
N GLY D 165 -7.47 -39.67 -16.63
CA GLY D 165 -7.29 -40.48 -17.83
C GLY D 165 -6.25 -39.92 -18.78
N ILE D 166 -6.28 -38.59 -18.97
CA ILE D 166 -5.33 -37.91 -19.85
C ILE D 166 -3.93 -37.91 -19.25
N ALA D 167 -3.83 -37.75 -17.93
CA ALA D 167 -2.56 -37.90 -17.22
C ALA D 167 -1.89 -39.25 -17.49
N VAL D 168 -2.68 -40.32 -17.51
CA VAL D 168 -2.18 -41.67 -17.78
C VAL D 168 -1.54 -41.71 -19.17
N VAL D 169 -2.25 -41.18 -20.17
CA VAL D 169 -1.76 -41.10 -21.55
C VAL D 169 -0.46 -40.29 -21.61
N CYS D 170 -0.46 -39.15 -20.92
CA CYS D 170 0.70 -38.27 -20.88
C CYS D 170 1.94 -38.93 -20.25
N HIS D 171 1.75 -39.62 -19.13
CA HIS D 171 2.84 -40.35 -18.47
C HIS D 171 3.37 -41.45 -19.42
N GLU D 172 2.46 -42.21 -20.04
CA GLU D 172 2.85 -43.28 -20.96
C GLU D 172 3.63 -42.81 -22.19
N ARG D 173 3.32 -41.60 -22.67
CA ARG D 173 3.83 -41.15 -23.96
C ARG D 173 4.87 -40.03 -23.88
N GLY D 174 5.28 -39.69 -22.65
CA GLY D 174 6.34 -38.71 -22.44
C GLY D 174 5.95 -37.26 -22.65
N ALA D 175 4.77 -36.86 -22.17
CA ALA D 175 4.36 -35.46 -22.25
C ALA D 175 3.99 -34.93 -20.88
N ARG D 176 4.23 -33.64 -20.66
CA ARG D 176 3.73 -32.91 -19.50
C ARG D 176 2.24 -32.59 -19.58
N LEU D 177 1.55 -32.75 -18.45
CA LEU D 177 0.15 -32.34 -18.34
C LEU D 177 0.08 -31.09 -17.48
N VAL D 178 -0.43 -30.00 -18.06
CA VAL D 178 -0.62 -28.71 -17.37
C VAL D 178 -2.12 -28.44 -17.23
N VAL D 179 -2.54 -28.10 -16.03
CA VAL D 179 -3.97 -27.90 -15.75
C VAL D 179 -4.23 -26.54 -15.12
N ASP D 180 -5.09 -25.76 -15.78
CA ASP D 180 -5.59 -24.50 -15.23
C ASP D 180 -6.83 -24.83 -14.39
N ALA D 181 -6.68 -24.73 -13.08
CA ALA D 181 -7.74 -25.06 -12.13
C ALA D 181 -8.37 -23.78 -11.54
N THR D 182 -8.19 -22.67 -12.25
CA THR D 182 -8.73 -21.37 -11.84
C THR D 182 -10.20 -21.44 -11.40
N PHE D 183 -11.03 -22.13 -12.18
CA PHE D 183 -12.47 -22.12 -12.01
C PHE D 183 -12.93 -22.85 -10.75
N THR D 184 -12.07 -23.67 -10.17
CA THR D 184 -12.50 -24.55 -9.07
C THR D 184 -11.81 -24.26 -7.73
N SER D 185 -10.59 -23.72 -7.80
CA SER D 185 -9.74 -23.39 -6.66
C SER D 185 -9.04 -24.65 -6.15
N PRO D 186 -7.88 -24.49 -5.47
CA PRO D 186 -7.21 -25.68 -4.97
C PRO D 186 -7.86 -26.29 -3.73
N CYS D 187 -8.94 -25.70 -3.22
CA CYS D 187 -9.77 -26.39 -2.19
C CYS D 187 -10.46 -27.62 -2.76
N PHE D 188 -10.85 -27.55 -4.03
CA PHE D 188 -11.73 -28.58 -4.60
C PHE D 188 -11.07 -29.37 -5.72
N LEU D 189 -10.10 -28.77 -6.41
CA LEU D 189 -9.41 -29.45 -7.49
C LEU D 189 -7.90 -29.41 -7.26
N LYS D 190 -7.26 -30.58 -7.17
CA LYS D 190 -5.80 -30.64 -6.96
C LYS D 190 -5.18 -31.46 -8.09
N PRO D 191 -4.90 -30.81 -9.23
CA PRO D 191 -4.46 -31.57 -10.41
C PRO D 191 -3.19 -32.42 -10.22
N LEU D 192 -2.25 -31.99 -9.36
CA LEU D 192 -1.04 -32.80 -9.12
C LEU D 192 -1.40 -34.14 -8.46
N GLU D 193 -2.50 -34.15 -7.72
CA GLU D 193 -2.99 -35.36 -7.09
C GLU D 193 -3.70 -36.29 -8.08
N LEU D 194 -4.05 -35.77 -9.27
CA LEU D 194 -4.68 -36.61 -10.30
C LEU D 194 -3.69 -37.02 -11.40
N GLY D 195 -2.41 -36.67 -11.22
CA GLY D 195 -1.36 -37.07 -12.16
C GLY D 195 -0.80 -35.94 -13.00
N ALA D 196 -1.36 -34.73 -12.86
CA ALA D 196 -0.85 -33.61 -13.64
C ALA D 196 0.56 -33.24 -13.18
N ASP D 197 1.31 -32.60 -14.06
CA ASP D 197 2.68 -32.20 -13.77
C ASP D 197 2.73 -30.78 -13.23
N ILE D 198 1.80 -29.95 -13.69
CA ILE D 198 1.77 -28.56 -13.31
C ILE D 198 0.33 -28.17 -13.09
N ALA D 199 0.07 -27.39 -12.04
CA ALA D 199 -1.28 -26.90 -11.74
C ALA D 199 -1.20 -25.40 -11.53
N LEU D 200 -2.05 -24.64 -12.22
CA LEU D 200 -1.91 -23.17 -12.17
C LEU D 200 -3.26 -22.50 -11.94
N HIS D 201 -3.22 -21.25 -11.47
CA HIS D 201 -4.43 -20.48 -11.26
C HIS D 201 -4.19 -19.03 -11.62
N SER D 202 -5.23 -18.39 -12.15
CA SER D 202 -5.37 -16.93 -12.03
C SER D 202 -5.78 -16.65 -10.57
N VAL D 203 -4.83 -16.15 -9.79
CA VAL D 203 -5.08 -15.77 -8.40
C VAL D 203 -6.04 -14.57 -8.32
N SER D 204 -6.13 -13.80 -9.41
CA SER D 204 -7.10 -12.72 -9.56
C SER D 204 -8.56 -13.10 -9.26
N1 LLP D 205 -7.66 -18.87 -16.67
C2 LLP D 205 -8.98 -18.72 -16.34
C2' LLP D 205 -9.89 -19.94 -16.22
C3 LLP D 205 -9.46 -17.43 -16.08
O3 LLP D 205 -10.65 -17.34 -15.77
C4 LLP D 205 -8.63 -16.29 -16.17
C4' LLP D 205 -9.21 -14.91 -15.87
C5 LLP D 205 -7.30 -16.45 -16.53
C6 LLP D 205 -6.81 -17.74 -16.79
C5' LLP D 205 -6.39 -15.25 -16.67
OP4 LLP D 205 -5.83 -14.63 -15.47
P LLP D 205 -5.33 -13.11 -15.34
OP1 LLP D 205 -5.04 -13.03 -13.91
OP2 LLP D 205 -6.50 -12.30 -15.78
OP3 LLP D 205 -4.15 -12.93 -16.24
N LLP D 205 -8.84 -14.40 -9.36
CA LLP D 205 -10.21 -14.92 -9.21
CB LLP D 205 -10.48 -16.01 -10.28
CG LLP D 205 -9.94 -15.61 -11.72
CD LLP D 205 -10.68 -14.49 -12.42
CE LLP D 205 -10.05 -14.05 -13.77
NZ LLP D 205 -10.22 -15.01 -14.96
C LLP D 205 -10.42 -15.41 -7.76
O LLP D 205 -10.35 -14.59 -6.84
N TYR D 206 -10.61 -16.71 -7.55
CA TYR D 206 -11.00 -17.23 -6.24
C TYR D 206 -9.96 -17.08 -5.15
N ILE D 207 -8.69 -17.33 -5.48
CA ILE D 207 -7.65 -17.46 -4.45
C ILE D 207 -7.53 -16.15 -3.68
N ASN D 208 -7.29 -15.04 -4.40
CA ASN D 208 -7.41 -13.74 -3.76
C ASN D 208 -8.84 -13.43 -3.30
N GLY D 209 -9.79 -13.57 -4.24
CA GLY D 209 -11.20 -13.52 -3.93
C GLY D 209 -11.85 -12.19 -3.65
N HIS D 210 -11.07 -11.11 -3.58
CA HIS D 210 -11.59 -9.82 -3.12
C HIS D 210 -11.63 -8.75 -4.24
N GLY D 211 -11.41 -9.18 -5.47
CA GLY D 211 -11.54 -8.32 -6.66
C GLY D 211 -10.59 -7.14 -6.72
N ASP D 212 -9.46 -7.24 -6.03
CA ASP D 212 -8.60 -6.07 -5.94
C ASP D 212 -7.16 -6.34 -6.32
N VAL D 213 -6.90 -7.53 -6.88
CA VAL D 213 -5.53 -7.92 -7.28
C VAL D 213 -5.59 -8.68 -8.62
N ILE D 214 -4.59 -8.47 -9.48
CA ILE D 214 -4.36 -9.36 -10.61
C ILE D 214 -3.09 -10.11 -10.28
N GLY D 215 -3.11 -11.44 -10.42
CA GLY D 215 -1.96 -12.26 -10.07
C GLY D 215 -2.12 -13.67 -10.58
N GLY D 216 -1.00 -14.39 -10.66
CA GLY D 216 -1.04 -15.78 -11.12
C GLY D 216 -0.19 -16.64 -10.21
N VAL D 217 -0.39 -17.95 -10.27
CA VAL D 217 0.50 -18.85 -9.57
C VAL D 217 0.57 -20.18 -10.37
N SER D 218 1.74 -20.80 -10.38
CA SER D 218 1.93 -22.12 -10.99
C SER D 218 2.69 -23.01 -9.99
N SER D 219 2.23 -24.26 -9.81
CA SER D 219 2.86 -25.20 -8.89
C SER D 219 3.29 -26.45 -9.64
N ALA D 220 4.51 -26.94 -9.40
CA ALA D 220 4.99 -28.12 -10.14
C ALA D 220 5.17 -29.33 -9.23
N LYS D 221 4.91 -30.52 -9.76
CA LYS D 221 5.16 -31.78 -9.06
C LYS D 221 6.66 -31.98 -8.74
N THR D 222 7.55 -31.57 -9.64
CA THR D 222 8.97 -31.86 -9.44
C THR D 222 9.74 -30.59 -9.10
N ALA D 223 10.81 -30.76 -8.32
CA ALA D 223 11.75 -29.67 -8.05
C ALA D 223 12.36 -29.10 -9.34
N GLU D 224 12.68 -29.97 -10.31
CA GLU D 224 13.30 -29.51 -11.55
C GLU D 224 12.35 -28.63 -12.37
N ASP D 225 11.08 -29.01 -12.43
CA ASP D 225 10.11 -28.24 -13.19
C ASP D 225 9.82 -26.85 -12.59
N ILE D 226 9.70 -26.75 -11.26
CA ILE D 226 9.50 -25.41 -10.70
C ILE D 226 10.75 -24.52 -10.86
N ALA D 227 11.94 -25.11 -10.78
CA ALA D 227 13.19 -24.39 -11.06
C ALA D 227 13.17 -23.82 -12.48
N THR D 228 12.68 -24.61 -13.44
CA THR D 228 12.60 -24.18 -14.84
C THR D 228 11.61 -23.06 -15.00
N ILE D 229 10.43 -23.21 -14.38
CA ILE D 229 9.41 -22.14 -14.40
C ILE D 229 9.97 -20.82 -13.84
N LYS D 230 10.70 -20.90 -12.73
CA LYS D 230 11.27 -19.67 -12.13
C LYS D 230 12.41 -19.09 -12.93
N PHE D 231 13.12 -19.96 -13.65
CA PHE D 231 14.19 -19.53 -14.52
C PHE D 231 13.64 -18.73 -15.70
N TYR D 232 12.56 -19.25 -16.31
CA TYR D 232 11.80 -18.52 -17.31
C TYR D 232 11.26 -17.18 -16.77
N ARG D 233 10.65 -17.20 -15.57
CA ARG D 233 10.15 -15.99 -14.91
C ARG D 233 11.23 -14.92 -14.73
N LYS D 234 12.44 -15.35 -14.36
CA LYS D 234 13.56 -14.42 -14.17
C LYS D 234 13.74 -13.58 -15.44
N ASP D 235 13.57 -14.22 -16.60
CA ASP D 235 13.83 -13.55 -17.89
C ASP D 235 12.59 -12.97 -18.56
N ALA D 236 11.43 -13.60 -18.38
CA ALA D 236 10.15 -13.12 -18.95
C ALA D 236 9.56 -11.97 -18.10
N GLY D 237 9.76 -12.06 -16.79
CA GLY D 237 9.54 -10.90 -15.90
C GLY D 237 8.13 -10.61 -15.40
N SER D 238 7.24 -11.61 -15.43
CA SER D 238 5.89 -11.42 -14.86
C SER D 238 5.95 -11.75 -13.35
N LEU D 239 6.04 -10.72 -12.53
CA LEU D 239 6.21 -10.88 -11.08
C LEU D 239 4.98 -10.43 -10.32
N MET D 240 4.76 -11.05 -9.16
CA MET D 240 3.79 -10.54 -8.22
C MET D 240 4.44 -9.44 -7.36
N ALA D 241 3.82 -8.27 -7.30
CA ALA D 241 4.31 -7.17 -6.46
C ALA D 241 4.20 -7.52 -4.97
N PRO D 242 5.13 -7.02 -4.13
CA PRO D 242 5.04 -7.42 -2.72
C PRO D 242 3.70 -7.02 -2.07
N MET D 243 3.14 -5.86 -2.43
CA MET D 243 1.84 -5.47 -1.85
C MET D 243 0.72 -6.43 -2.28
N ASP D 244 0.73 -6.79 -3.57
CA ASP D 244 -0.20 -7.81 -4.10
C ASP D 244 -0.06 -9.17 -3.45
N ALA D 245 1.19 -9.59 -3.19
CA ALA D 245 1.41 -10.86 -2.46
C ALA D 245 0.87 -10.76 -1.03
N PHE D 246 1.04 -9.60 -0.41
CA PHE D 246 0.49 -9.36 0.92
C PHE D 246 -1.03 -9.50 0.82
N LEU D 247 -1.64 -8.90 -0.21
CA LEU D 247 -3.13 -8.95 -0.36
C LEU D 247 -3.62 -10.35 -0.70
N CYS D 248 -2.84 -11.08 -1.50
CA CYS D 248 -3.24 -12.44 -1.90
C CYS D 248 -3.15 -13.41 -0.73
N ALA D 249 -2.06 -13.33 0.05
CA ALA D 249 -1.92 -14.16 1.26
C ALA D 249 -3.09 -13.86 2.20
N ARG D 250 -3.42 -12.57 2.35
CA ARG D 250 -4.53 -12.14 3.22
C ARG D 250 -5.87 -12.70 2.73
N GLY D 251 -6.15 -12.57 1.44
CA GLY D 251 -7.40 -13.14 0.87
C GLY D 251 -7.46 -14.65 1.08
N MET D 252 -6.31 -15.29 0.97
CA MET D 252 -6.29 -16.75 1.03
C MET D 252 -6.64 -17.30 2.42
N LYS D 253 -6.49 -16.45 3.45
CA LYS D 253 -6.85 -16.81 4.84
C LYS D 253 -8.32 -17.15 5.00
N THR D 254 -9.17 -16.61 4.12
CA THR D 254 -10.58 -16.99 4.14
C THR D 254 -10.94 -17.88 2.94
N LEU D 255 -9.95 -18.34 2.16
CA LEU D 255 -10.26 -19.14 0.96
C LEU D 255 -11.18 -20.36 1.26
N PRO D 256 -10.83 -21.22 2.24
CA PRO D 256 -11.67 -22.41 2.43
C PRO D 256 -13.09 -22.04 2.79
N ILE D 257 -13.26 -21.06 3.66
CA ILE D 257 -14.60 -20.66 4.08
C ILE D 257 -15.41 -20.01 2.94
N ARG D 258 -14.77 -19.15 2.14
CA ARG D 258 -15.40 -18.56 0.96
C ARG D 258 -15.82 -19.62 -0.06
N MET D 259 -14.92 -20.57 -0.33
CA MET D 259 -15.27 -21.65 -1.28
C MET D 259 -16.48 -22.48 -0.85
N GLN D 260 -16.60 -22.79 0.44
CA GLN D 260 -17.76 -23.57 0.89
C GLN D 260 -19.04 -22.81 0.53
N ILE D 261 -19.07 -21.52 0.81
CA ILE D 261 -20.23 -20.64 0.49
C ILE D 261 -20.51 -20.47 -1.01
N HIS D 262 -19.46 -20.15 -1.77
CA HIS D 262 -19.55 -20.12 -3.22
C HIS D 262 -20.16 -21.41 -3.75
N MET D 263 -19.62 -22.55 -3.31
CA MET D 263 -20.07 -23.85 -3.83
C MET D 263 -21.57 -24.01 -3.55
N GLU D 264 -21.96 -23.72 -2.33
CA GLU D 264 -23.35 -23.96 -1.94
C GLU D 264 -24.31 -22.99 -2.65
N ASN D 265 -23.98 -21.71 -2.62
CA ASN D 265 -24.68 -20.66 -3.37
C ASN D 265 -24.79 -20.94 -4.85
N GLY D 266 -23.67 -21.30 -5.47
CA GLY D 266 -23.65 -21.57 -6.92
C GLY D 266 -24.65 -22.65 -7.31
N LEU D 267 -24.69 -23.73 -6.53
CA LEU D 267 -25.56 -24.84 -6.79
C LEU D 267 -27.03 -24.47 -6.59
N LYS D 268 -27.32 -23.70 -5.55
CA LYS D 268 -28.69 -23.26 -5.30
C LYS D 268 -29.19 -22.37 -6.45
N VAL D 269 -28.34 -21.42 -6.85
CA VAL D 269 -28.63 -20.57 -8.00
C VAL D 269 -28.79 -21.39 -9.31
N ALA D 270 -27.87 -22.32 -9.59
CA ALA D 270 -27.99 -23.16 -10.79
C ALA D 270 -29.34 -23.86 -10.86
N LYS D 271 -29.73 -24.45 -9.73
CA LYS D 271 -30.99 -25.19 -9.60
C LYS D 271 -32.20 -24.30 -9.78
N PHE D 272 -32.17 -23.10 -9.20
CA PHE D 272 -33.22 -22.10 -9.42
C PHE D 272 -33.36 -21.82 -10.92
N LEU D 273 -32.24 -21.49 -11.56
CA LEU D 273 -32.20 -21.21 -12.99
C LEU D 273 -32.67 -22.38 -13.82
N GLU D 274 -32.32 -23.60 -13.41
CA GLU D 274 -32.66 -24.78 -14.20
C GLU D 274 -34.16 -25.08 -14.30
N GLN D 275 -34.91 -24.75 -13.24
CA GLN D 275 -36.35 -24.95 -13.25
C GLN D 275 -37.15 -23.69 -13.64
N HIS D 276 -36.45 -22.63 -14.04
CA HIS D 276 -37.17 -21.43 -14.45
C HIS D 276 -37.56 -21.49 -15.92
N GLU D 277 -38.79 -21.06 -16.21
CA GLU D 277 -39.35 -21.13 -17.56
C GLU D 277 -38.56 -20.34 -18.61
N LYS D 278 -37.85 -19.29 -18.16
CA LYS D 278 -37.14 -18.38 -19.06
C LYS D 278 -35.80 -18.97 -19.50
N ILE D 279 -35.36 -20.02 -18.82
CA ILE D 279 -34.02 -20.54 -18.99
C ILE D 279 -34.01 -21.85 -19.76
N VAL D 280 -33.28 -21.86 -20.88
CA VAL D 280 -33.22 -23.03 -21.76
C VAL D 280 -32.42 -24.17 -21.10
N LYS D 281 -31.29 -23.83 -20.52
CA LYS D 281 -30.33 -24.81 -19.99
C LYS D 281 -29.22 -24.18 -19.11
N VAL D 282 -28.79 -24.91 -18.08
CA VAL D 282 -27.75 -24.46 -17.15
C VAL D 282 -26.55 -25.40 -17.20
N ASN D 283 -25.38 -24.83 -17.43
CA ASN D 283 -24.11 -25.54 -17.51
C ASN D 283 -23.34 -25.40 -16.20
N HIS D 284 -23.73 -26.17 -15.18
CA HIS D 284 -23.02 -26.24 -13.90
C HIS D 284 -22.65 -27.71 -13.66
N PRO D 285 -21.36 -27.99 -13.37
CA PRO D 285 -20.82 -29.36 -13.36
C PRO D 285 -21.33 -30.22 -12.23
N GLY D 286 -21.95 -29.57 -11.24
CA GLY D 286 -22.52 -30.23 -10.07
C GLY D 286 -23.97 -30.64 -10.25
N LEU D 287 -24.59 -30.26 -11.36
CA LEU D 287 -25.96 -30.72 -11.67
C LEU D 287 -26.01 -32.11 -12.30
N GLU D 288 -27.05 -32.87 -11.96
CA GLU D 288 -27.27 -34.21 -12.52
C GLU D 288 -27.39 -34.17 -14.05
N SER D 289 -27.99 -33.11 -14.56
CA SER D 289 -28.23 -32.93 -16.00
C SER D 289 -26.95 -32.67 -16.83
N PHE D 290 -25.90 -32.15 -16.21
CA PHE D 290 -24.73 -31.76 -16.99
C PHE D 290 -23.91 -32.95 -17.49
N PRO D 291 -23.57 -32.95 -18.81
CA PRO D 291 -22.68 -33.98 -19.37
C PRO D 291 -21.31 -33.92 -18.70
N GLY D 292 -20.83 -35.06 -18.22
CA GLY D 292 -19.57 -35.05 -17.45
C GLY D 292 -19.66 -34.69 -15.97
N HIS D 293 -20.87 -34.58 -15.42
CA HIS D 293 -21.09 -34.52 -13.96
C HIS D 293 -20.38 -35.65 -13.23
N ASP D 294 -20.43 -36.85 -13.82
CA ASP D 294 -19.90 -38.07 -13.19
C ASP D 294 -18.38 -38.04 -13.06
N ILE D 295 -17.72 -37.42 -14.04
CA ILE D 295 -16.29 -37.26 -14.00
C ILE D 295 -15.88 -36.17 -13.01
N ALA D 296 -16.57 -35.02 -13.07
CA ALA D 296 -16.25 -33.89 -12.17
C ALA D 296 -16.45 -34.27 -10.71
N LYS D 297 -17.49 -35.05 -10.43
CA LYS D 297 -17.77 -35.55 -9.07
C LYS D 297 -16.70 -36.54 -8.58
N LYS D 298 -16.16 -37.37 -9.48
CA LYS D 298 -15.08 -38.29 -9.11
C LYS D 298 -13.72 -37.56 -8.97
N GLN D 299 -13.51 -36.52 -9.75
CA GLN D 299 -12.17 -35.93 -9.80
C GLN D 299 -11.98 -34.67 -8.98
N MET D 300 -13.10 -34.15 -8.45
CA MET D 300 -13.08 -32.94 -7.64
C MET D 300 -13.82 -33.17 -6.32
N THR D 301 -13.49 -32.36 -5.30
CA THR D 301 -14.14 -32.48 -3.98
C THR D 301 -15.22 -31.42 -3.78
N GLY D 302 -15.45 -30.63 -4.81
CA GLY D 302 -16.42 -29.55 -4.77
C GLY D 302 -16.45 -28.87 -6.12
N TYR D 303 -17.16 -27.75 -6.18
CA TYR D 303 -17.31 -27.02 -7.44
C TYR D 303 -17.19 -25.54 -7.14
N GLY D 304 -16.60 -24.79 -8.08
CA GLY D 304 -16.69 -23.33 -8.08
C GLY D 304 -18.11 -22.86 -8.35
N SER D 305 -18.30 -21.55 -8.36
CA SER D 305 -19.64 -20.99 -8.52
C SER D 305 -19.77 -20.13 -9.79
N THR D 306 -18.86 -20.33 -10.74
CA THR D 306 -18.96 -19.64 -12.01
C THR D 306 -19.48 -20.61 -13.07
N PHE D 307 -20.54 -20.22 -13.77
CA PHE D 307 -21.17 -21.11 -14.73
C PHE D 307 -22.01 -20.35 -15.72
N LEU D 308 -22.45 -21.06 -16.75
CA LEU D 308 -23.14 -20.47 -17.86
C LEU D 308 -24.57 -21.03 -17.97
N PHE D 309 -25.50 -20.20 -18.43
CA PHE D 309 -26.86 -20.70 -18.77
C PHE D 309 -27.34 -20.08 -20.07
N GLU D 310 -28.40 -20.63 -20.67
CA GLU D 310 -28.85 -20.17 -21.98
C GLU D 310 -30.25 -19.55 -21.89
N MET D 311 -30.37 -18.33 -22.41
CA MET D 311 -31.66 -17.63 -22.50
C MET D 311 -32.29 -17.99 -23.83
N LYS D 312 -33.56 -17.61 -24.03
CA LYS D 312 -34.27 -17.94 -25.26
C LYS D 312 -33.88 -17.06 -26.45
N SER D 313 -33.29 -15.89 -26.18
CA SER D 313 -32.84 -15.00 -27.24
C SER D 313 -31.75 -14.05 -26.72
N PHE D 314 -31.10 -13.30 -27.63
CA PHE D 314 -30.19 -12.24 -27.18
C PHE D 314 -30.95 -11.15 -26.42
N GLU D 315 -32.11 -10.75 -26.93
CA GLU D 315 -32.93 -9.71 -26.28
C GLU D 315 -33.28 -10.05 -24.84
N ALA D 316 -33.61 -11.32 -24.61
CA ALA D 316 -33.87 -11.82 -23.26
C ALA D 316 -32.62 -11.76 -22.37
N ALA D 317 -31.46 -12.07 -22.95
CA ALA D 317 -30.22 -12.01 -22.17
C ALA D 317 -29.90 -10.56 -21.79
N LYS D 318 -30.01 -9.66 -22.76
CA LYS D 318 -29.75 -8.24 -22.56
C LYS D 318 -30.68 -7.70 -21.47
N LYS D 319 -31.95 -8.06 -21.55
CA LYS D 319 -32.92 -7.66 -20.53
C LYS D 319 -32.53 -8.14 -19.12
N LEU D 320 -32.17 -9.41 -18.98
CA LEU D 320 -31.78 -9.94 -17.68
C LEU D 320 -30.53 -9.23 -17.15
N MET D 321 -29.50 -9.13 -18.00
CA MET D 321 -28.21 -8.57 -17.58
C MET D 321 -28.27 -7.09 -17.23
N GLU D 322 -29.25 -6.40 -17.79
CA GLU D 322 -29.33 -4.94 -17.58
C GLU D 322 -30.35 -4.50 -16.53
N HIS D 323 -31.03 -5.45 -15.88
CA HIS D 323 -32.00 -5.10 -14.82
C HIS D 323 -31.72 -5.73 -13.45
N LEU D 324 -30.46 -6.09 -13.22
CA LEU D 324 -30.04 -6.67 -11.95
C LEU D 324 -29.59 -5.58 -10.97
N LYS D 325 -29.99 -5.71 -9.72
CA LYS D 325 -29.75 -4.65 -8.74
C LYS D 325 -28.64 -5.00 -7.77
N VAL D 326 -28.29 -6.27 -7.65
CA VAL D 326 -27.27 -6.74 -6.72
C VAL D 326 -26.07 -7.26 -7.53
N CYS D 327 -26.33 -8.18 -8.45
CA CYS D 327 -25.30 -8.66 -9.38
C CYS D 327 -24.77 -7.49 -10.22
N THR D 328 -23.46 -7.49 -10.46
CA THR D 328 -22.81 -6.43 -11.19
C THR D 328 -22.42 -6.97 -12.57
N LEU D 329 -22.71 -6.18 -13.60
CA LEU D 329 -22.28 -6.46 -14.97
C LEU D 329 -20.80 -6.08 -15.11
N ALA D 330 -19.94 -7.08 -15.28
CA ALA D 330 -18.48 -6.91 -15.32
C ALA D 330 -17.89 -8.24 -15.73
N VAL D 331 -16.71 -8.23 -16.36
CA VAL D 331 -16.00 -9.49 -16.58
C VAL D 331 -15.24 -9.84 -15.29
N SER D 332 -14.48 -10.94 -15.32
CA SER D 332 -13.85 -11.54 -14.15
C SER D 332 -14.84 -12.40 -13.38
N LEU D 333 -14.37 -13.09 -12.34
CA LEU D 333 -15.15 -14.12 -11.64
C LEU D 333 -14.47 -14.43 -10.31
N GLY D 334 -15.19 -15.10 -9.41
CA GLY D 334 -14.57 -15.61 -8.19
C GLY D 334 -14.35 -14.56 -7.12
N CYS D 335 -15.11 -13.46 -7.22
CA CYS D 335 -15.01 -12.39 -6.25
CA CYS D 335 -15.02 -12.38 -6.25
C CYS D 335 -16.05 -12.66 -5.15
N VAL D 336 -15.93 -11.99 -4.01
CA VAL D 336 -16.91 -12.16 -2.91
C VAL D 336 -18.34 -11.71 -3.31
N ASP D 337 -18.45 -10.81 -4.28
CA ASP D 337 -19.77 -10.40 -4.79
C ASP D 337 -20.01 -10.96 -6.19
N THR D 338 -21.28 -11.04 -6.57
CA THR D 338 -21.78 -11.72 -7.77
C THR D 338 -21.57 -10.87 -9.02
N LEU D 339 -20.97 -11.48 -10.03
CA LEU D 339 -20.66 -10.81 -11.29
C LEU D 339 -21.43 -11.51 -12.41
N ILE D 340 -21.75 -10.78 -13.47
CA ILE D 340 -22.44 -11.40 -14.60
C ILE D 340 -21.92 -10.78 -15.91
N GLU D 341 -21.80 -11.60 -16.96
CA GLU D 341 -21.28 -11.12 -18.24
C GLU D 341 -21.83 -11.89 -19.44
N HIS D 342 -21.60 -11.32 -20.63
CA HIS D 342 -22.09 -11.90 -21.89
C HIS D 342 -20.88 -12.35 -22.69
N PRO D 343 -20.52 -13.64 -22.59
CA PRO D 343 -19.31 -14.18 -23.25
C PRO D 343 -19.17 -13.89 -24.75
N ALA D 344 -20.28 -13.97 -25.51
CA ALA D 344 -20.16 -13.79 -26.97
C ALA D 344 -19.63 -12.41 -27.35
N SER D 345 -20.06 -11.35 -26.65
CA SER D 345 -19.62 -9.96 -26.98
C SER D 345 -18.59 -9.37 -26.00
N MET D 346 -18.24 -10.15 -24.97
CA MET D 346 -17.29 -9.68 -23.94
C MET D 346 -16.07 -10.63 -23.83
N THR D 347 -16.05 -11.54 -22.85
CA THR D 347 -14.83 -12.34 -22.59
C THR D 347 -14.31 -13.12 -23.79
N HIS D 348 -15.24 -13.65 -24.58
CA HIS D 348 -14.91 -14.50 -25.70
C HIS D 348 -15.15 -13.87 -27.08
N ALA D 349 -15.18 -12.53 -27.14
CA ALA D 349 -15.48 -11.85 -28.40
C ALA D 349 -14.32 -11.97 -29.39
N ALA D 350 -13.08 -12.13 -28.88
CA ALA D 350 -11.87 -12.20 -29.72
C ALA D 350 -11.45 -13.62 -30.20
N VAL D 351 -12.13 -14.65 -29.72
CA VAL D 351 -11.86 -16.04 -30.11
C VAL D 351 -12.11 -16.22 -31.64
N PRO D 352 -11.12 -16.79 -32.39
CA PRO D 352 -11.33 -16.98 -33.84
C PRO D 352 -12.65 -17.69 -34.17
N GLU D 353 -13.34 -17.22 -35.20
CA GLU D 353 -14.71 -17.66 -35.50
C GLU D 353 -14.82 -19.20 -35.47
N ASN D 354 -13.82 -19.87 -36.06
CA ASN D 354 -13.71 -21.34 -36.12
C ASN D 354 -13.74 -22.01 -34.75
N ILE D 355 -12.97 -21.43 -33.81
CA ILE D 355 -12.83 -21.98 -32.47
C ILE D 355 -14.08 -21.75 -31.61
N MET D 356 -14.81 -20.66 -31.89
CA MET D 356 -15.99 -20.32 -31.07
C MET D 356 -17.22 -21.20 -31.34
N ARG D 357 -17.35 -21.66 -32.59
CA ARG D 357 -18.39 -22.65 -32.93
C ARG D 357 -18.04 -23.99 -32.29
N LYS D 358 -16.77 -24.39 -32.40
CA LYS D 358 -16.25 -25.55 -31.67
C LYS D 358 -16.48 -25.46 -30.16
N GLN D 359 -16.44 -24.23 -29.62
CA GLN D 359 -16.76 -23.98 -28.20
C GLN D 359 -18.27 -23.97 -27.85
N GLY D 360 -19.13 -23.87 -28.87
CA GLY D 360 -20.56 -23.66 -28.69
C GLY D 360 -20.95 -22.37 -27.95
N ILE D 361 -20.29 -21.26 -28.27
CA ILE D 361 -20.62 -19.98 -27.64
C ILE D 361 -21.54 -19.12 -28.51
N THR D 362 -22.73 -18.82 -28.01
CA THR D 362 -23.75 -18.14 -28.81
C THR D 362 -24.20 -16.84 -28.11
N PRO D 363 -24.89 -15.95 -28.86
CA PRO D 363 -25.41 -14.72 -28.25
C PRO D 363 -26.41 -14.95 -27.10
N GLU D 364 -26.98 -16.16 -27.01
CA GLU D 364 -28.01 -16.48 -26.00
C GLU D 364 -27.45 -16.84 -24.62
N LEU D 365 -26.13 -16.99 -24.53
CA LEU D 365 -25.48 -17.43 -23.28
C LEU D 365 -25.08 -16.27 -22.37
N VAL D 366 -25.35 -16.47 -21.07
CA VAL D 366 -24.92 -15.56 -20.00
C VAL D 366 -24.08 -16.34 -18.99
N ARG D 367 -22.98 -15.73 -18.52
CA ARG D 367 -22.14 -16.38 -17.52
C ARG D 367 -22.29 -15.63 -16.18
N ILE D 368 -22.55 -16.38 -15.12
CA ILE D 368 -22.63 -15.80 -13.78
C ILE D 368 -21.54 -16.37 -12.87
N SER D 369 -20.98 -15.50 -12.02
CA SER D 369 -20.04 -15.91 -10.99
C SER D 369 -20.69 -15.58 -9.65
N VAL D 370 -21.26 -16.59 -9.00
CA VAL D 370 -22.04 -16.38 -7.77
C VAL D 370 -21.14 -16.08 -6.57
N GLY D 371 -21.36 -14.92 -5.95
CA GLY D 371 -20.62 -14.52 -4.75
C GLY D 371 -21.08 -15.19 -3.46
N ILE D 372 -20.70 -14.57 -2.33
CA ILE D 372 -21.01 -15.09 -0.98
C ILE D 372 -22.11 -14.31 -0.28
N GLU D 373 -22.83 -13.47 -1.01
CA GLU D 373 -24.03 -12.82 -0.50
C GLU D 373 -25.02 -13.89 -0.07
N ASN D 374 -25.99 -13.50 0.74
CA ASN D 374 -27.05 -14.42 1.07
C ASN D 374 -27.72 -14.86 -0.25
N VAL D 375 -27.84 -16.17 -0.46
CA VAL D 375 -28.35 -16.76 -1.71
C VAL D 375 -29.77 -16.30 -2.04
N ASP D 376 -30.61 -16.16 -1.02
CA ASP D 376 -31.96 -15.71 -1.23
C ASP D 376 -32.00 -14.31 -1.82
N ASP D 377 -31.04 -13.48 -1.43
CA ASP D 377 -30.96 -12.15 -1.99
C ASP D 377 -30.55 -12.22 -3.46
N ILE D 378 -29.59 -13.10 -3.79
CA ILE D 378 -29.12 -13.26 -5.17
C ILE D 378 -30.25 -13.81 -6.05
N ILE D 379 -30.94 -14.80 -5.52
CA ILE D 379 -32.05 -15.43 -6.24
C ILE D 379 -33.18 -14.41 -6.46
N ALA D 380 -33.46 -13.58 -5.45
CA ALA D 380 -34.53 -12.59 -5.60
C ALA D 380 -34.15 -11.50 -6.62
N ASP D 381 -32.86 -11.18 -6.74
CA ASP D 381 -32.38 -10.26 -7.76
C ASP D 381 -32.61 -10.86 -9.16
N LEU D 382 -32.27 -12.15 -9.31
CA LEU D 382 -32.39 -12.83 -10.59
C LEU D 382 -33.85 -12.94 -10.95
N LYS D 383 -34.67 -13.27 -9.96
CA LYS D 383 -36.12 -13.44 -10.13
C LYS D 383 -36.79 -12.18 -10.67
N GLN D 384 -36.57 -11.03 -10.03
CA GLN D 384 -37.19 -9.78 -10.50
C GLN D 384 -36.74 -9.37 -11.92
N ALA D 385 -35.46 -9.59 -12.23
CA ALA D 385 -34.92 -9.24 -13.55
C ALA D 385 -35.37 -10.20 -14.66
N LEU D 386 -35.86 -11.38 -14.29
CA LEU D 386 -36.31 -12.36 -15.28
C LEU D 386 -37.80 -12.18 -15.56
N GLU D 387 -38.51 -11.67 -14.56
CA GLU D 387 -39.97 -11.72 -14.58
C GLU D 387 -40.61 -10.35 -14.76
N LEU D 388 -39.81 -9.28 -14.63
CA LEU D 388 -40.33 -7.92 -14.69
C LEU D 388 -39.57 -7.06 -15.72
S SO4 E . 22.16 -4.95 -11.55
O1 SO4 E . 22.81 -4.57 -10.32
O2 SO4 E . 22.05 -6.41 -11.65
O3 SO4 E . 20.84 -4.41 -11.61
O4 SO4 E . 23.01 -4.69 -12.75
S SO4 F . 6.49 -6.52 -38.46
O1 SO4 F . 6.57 -7.29 -37.22
O2 SO4 F . 6.03 -7.39 -39.54
O3 SO4 F . 5.55 -5.42 -38.32
O4 SO4 F . 7.81 -6.03 -38.82
S SO4 G . 16.17 3.41 0.26
O1 SO4 G . 15.16 4.28 0.85
O2 SO4 G . 15.59 2.10 -0.04
O3 SO4 G . 16.68 4.01 -0.98
O4 SO4 G . 17.28 3.26 1.19
C1 GOL H . 50.04 -4.21 -7.73
O1 GOL H . 51.38 -3.71 -7.74
C2 GOL H . 49.78 -4.86 -6.37
O2 GOL H . 48.62 -5.67 -6.46
C3 GOL H . 49.62 -3.85 -5.25
O3 GOL H . 50.83 -3.15 -5.10
S SO4 I . -5.84 -6.60 24.17
O1 SO4 I . -5.16 -7.84 23.93
O2 SO4 I . -4.85 -5.63 24.67
O3 SO4 I . -6.45 -6.12 22.93
O4 SO4 I . -6.87 -6.67 25.23
S SO4 J . -2.66 -13.00 10.46
O1 SO4 J . -4.11 -12.88 10.43
O2 SO4 J . -2.14 -13.24 9.11
O3 SO4 J . -2.09 -11.77 11.00
O4 SO4 J . -2.31 -14.12 11.33
S SO4 K . -24.26 18.38 25.41
O1 SO4 K . -24.00 17.42 26.47
O2 SO4 K . -24.09 17.76 24.10
O3 SO4 K . -25.63 18.88 25.51
O4 SO4 K . -23.34 19.51 25.54
S SO4 L . 1.09 14.97 -6.36
O1 SO4 L . 2.09 13.89 -6.28
O2 SO4 L . 0.55 15.02 -7.72
O3 SO4 L . 0.01 14.70 -5.41
O4 SO4 L . 1.74 16.24 -6.06
S SO4 M . -3.63 24.80 4.89
O1 SO4 M . -3.72 25.10 3.48
O2 SO4 M . -4.97 24.64 5.47
O3 SO4 M . -2.88 23.62 5.08
O4 SO4 M . -3.10 25.98 5.66
S SO4 N . 5.37 19.17 34.10
O1 SO4 N . 4.91 18.81 35.44
O2 SO4 N . 4.23 19.25 33.19
O3 SO4 N . 6.03 20.46 34.15
O4 SO4 N . 6.26 18.13 33.61
C1 GOL O . -7.88 48.40 -9.93
O1 GOL O . -7.30 49.49 -10.60
C2 GOL O . -8.50 48.88 -8.63
O2 GOL O . -9.02 47.81 -7.87
C3 GOL O . -7.48 49.64 -7.79
O3 GOL O . -7.18 50.85 -8.47
S SO4 P . -15.18 -5.83 -4.04
O1 SO4 P . -15.00 -5.32 -2.68
O2 SO4 P . -15.48 -7.25 -3.99
O3 SO4 P . -16.29 -5.12 -4.69
O4 SO4 P . -13.95 -5.59 -4.81
S SO4 Q . -13.00 -13.56 -17.41
O1 SO4 Q . -14.15 -12.88 -16.87
O2 SO4 Q . -12.38 -12.63 -18.37
O3 SO4 Q . -12.04 -13.90 -16.35
O4 SO4 Q . -13.32 -14.80 -18.17
S SO4 R . 12.10 -31.47 -21.09
O1 SO4 R . 11.77 -31.88 -19.73
O2 SO4 R . 11.22 -32.12 -22.06
O3 SO4 R . 11.92 -30.03 -21.22
O4 SO4 R . 13.49 -31.83 -21.35
#